data_5U7M
#
_entry.id   5U7M
#
_cell.length_a   129.195
_cell.length_b   129.195
_cell.length_c   312.081
_cell.angle_alpha   90.00
_cell.angle_beta   90.00
_cell.angle_gamma   120.00
#
_symmetry.space_group_name_H-M   'P 63'
#
loop_
_entity.id
_entity.type
_entity.pdbx_description
1 polymer 'Envelope glycoprotein gp160'
2 polymer '35O22 FAB HEAVY CHAIN'
3 polymer '35O22 FAB LIGHT CHAIN'
4 polymer 'Envelope glycoprotein gp160'
5 polymer 'PGT122 FAB HEAVY CHAIN'
6 polymer 'PGT122 FAB LIGHT CHAIN'
7 branched alpha-D-mannopyranose-(1-3)-[alpha-D-mannopyranose-(1-6)]alpha-D-mannopyranose-(1-6)-[alpha-D-mannopyranose-(1-3)]beta-D-mannopyranose-(1-4)-2-acetamido-2-deoxy-beta-D-glucopyranose-(1-4)-2-acetamido-2-deoxy-beta-D-glucopyranose
8 branched beta-D-mannopyranose-(1-4)-2-acetamido-2-deoxy-beta-D-glucopyranose-(1-4)-2-acetamido-2-deoxy-beta-D-glucopyranose
9 branched alpha-D-mannopyranose-(1-3)-[alpha-D-mannopyranose-(1-6)]beta-D-mannopyranose-(1-4)-2-acetamido-2-deoxy-beta-D-glucopyranose-(1-4)-2-acetamido-2-deoxy-beta-D-glucopyranose
10 branched 2-acetamido-2-deoxy-beta-D-glucopyranose-(1-4)-2-acetamido-2-deoxy-beta-D-glucopyranose
11 branched alpha-D-mannopyranose-(1-2)-alpha-D-mannopyranose-(1-3)-[alpha-D-mannopyranose-(1-6)]beta-D-mannopyranose-(1-4)-2-acetamido-2-deoxy-beta-D-glucopyranose-(1-4)-2-acetamido-2-deoxy-beta-D-glucopyranose
12 branched alpha-D-mannopyranose-(1-2)-alpha-D-mannopyranose-(1-2)-alpha-D-mannopyranose-(1-3)-[alpha-D-mannopyranose-(1-2)-alpha-D-mannopyranose-(1-3)-[alpha-D-mannopyranose-(1-6)]alpha-D-mannopyranose-(1-6)]beta-D-mannopyranose-(1-4)-2-acetamido-2-deoxy-beta-D-glucopyranose-(1-4)-2-acetamido-2-deoxy-beta-D-glucopyranose
13 non-polymer 'SULFATE ION'
14 non-polymer 2-acetamido-2-deoxy-beta-D-glucopyranose
15 non-polymer 1-[(2R)-4-(benzenecarbonyl)-2-methylpiperazin-1-yl]-2-(4-methoxy-1H-pyrrolo[2,3-b]pyridin-3-yl)ethane-1,2-dione
#
loop_
_entity_poly.entity_id
_entity_poly.type
_entity_poly.pdbx_seq_one_letter_code
_entity_poly.pdbx_strand_id
1 'polypeptide(L)'
;AVGIGAVFLGFLGAAGSTMGAASMTLTVQARNLLSGIVQQQSNLLRAPEAQQHLLKLTVWGIKQLQARVLAVERYLRDQQ
LLGIWGCSGKLICCTNVPWNSSWSNRNLSEIWDNMTWLQWDKEISNYTQIIYGLLEESQNQQEKNEQDLLALD
;
B
2 'polypeptide(L)'
;QGQLVQSGAELKKPGASVKISCKTSGYRFNFYHINWIRQTAGRGPEWMGWISPYSGDKNLAPAFQDRVIMTTDTEVPVTS
FTSTGAAYMEIRNLKFDDTGTYFCAKGLLRDGSSTWLPYLWGQGTLLTVSSASTKGPSVFPLAPSSKSTSGGTAALGCLV
KDYFPEPVTVSWNSGALTSGVHTFPAVLQSSGLYSLSSVVTVPSSSLGTQTYICNVNHKPSNTKVDKRVEPKSCDKGLEV
LFQ
;
D
3 'polypeptide(L)'
;QSVLTQSASVSGSLGQSVTISCTGPNSVCCSHKSISWYQWPPGRAPTLIIYEDNERAPGISPRFSGYKSYWSAYLTISDL
RPEDETTYYCCSYTHNSGCVFGTGTKVSVLGQSKANPSVTLFPPSSEELQANKATLVCLISDFYPGAVTVAWKADSSPVK
AGVETTTPSKQSNNKYAASSYLSLTPEQWKSHRSYSCQVTHEGSTVEKTVAPTECS
;
E
4 'polypeptide(L)'
;AENLWVTVYYGVPVWKDAETTLFCASDAKAYETEKHNVWATHACVPTDPNPQEIHLENVTEEFNMWKNNMVEQMHTDIIS
LWDQSLKPCVKLTPLCVTLQCTNVTNNITDDMRGELKNCSFNMTTELRDKKQKVYSLFYRLDVVQINENQGNRSNNSNKE
YRLINCNTSAITQACPKVSFEPIPIHYCAPAGFAILKCKDKKFNGTGPCPSVSTVQCTHGIKPVVSTQLLLNGSLAEEEV
MIRSENITNNAKNILVQFNTPVQINCTRPNNNTRKSIRIGPGQAFYATGDIIGDIRQAHCNVSKATWNETLGKVVKQLRK
HFGNNTIIRFANSSGGDLEVTTHSFNCGGEFFYCNTSGLFNSTWISNTSVQGSNSTGSNDSITLPCRIKQIINMWQRIGQ
AMYAPPIQGVIRCVSNITGLILTRDGGSTNSTTETFRPGGGDMRDNWRSELYKYKVVKIEPLGVAPTRCKRRVVGRRRRR
R
;
G
5 'polypeptide(L)'
;QVHLQESGPGLVKPSETLSLTCNVSGTLVRDNYWSWIRQPLGKQPEWIGYVHDSGDTNYNPSLKSRVHLSLDKSKNLVSL
RLTGVTAADSAIYYCATTKHGRRIYGVVAFKEWFTYFYMDVWGKGTSVTVSSASTKGPSVFPLAPSSKSTSGGTAALGCL
VKDYFPEPVTVSWNSGALTSGVHTFPAVLQSSGLYSLSSVVTVPSSSLGTQTYICNVNHKPSNTKVDKRVEPKSC
;
H
6 'polypeptide(L)'
;APTFVSVAPGQTARITCGEESLGSRSVIWYQQRPGQAPSLIIYNNNDRPSGIPDRFSGSPGSTFGTTATLTITSVEAGDE
ADYYCHIWDSRRPTNWVFGEGTTLIVLSQPKAAPSVTLFPPSSEELQANKATLVCLISDFYPGAVTVAWKADSSPVKAGV
ETTTPSKQSNNKYAASSYLSLTPEQWKSHKSYSCQVTHEGSTVEKTVAPTECS
;
L
#
# COMPACT_ATOMS: atom_id res chain seq x y z
N VAL A 7 -6.23 44.21 4.72
CA VAL A 7 -6.29 42.76 4.87
C VAL A 7 -6.45 42.09 3.52
N PHE A 8 -5.33 41.72 2.90
CA PHE A 8 -5.34 41.03 1.62
C PHE A 8 -5.33 39.53 1.90
N LEU A 9 -6.52 38.91 1.84
CA LEU A 9 -6.64 37.48 2.08
C LEU A 9 -6.08 36.64 0.95
N GLY A 10 -5.85 37.22 -0.21
CA GLY A 10 -5.29 36.51 -1.35
C GLY A 10 -6.30 36.36 -2.47
N PHE A 11 -5.83 35.77 -3.57
CA PHE A 11 -6.68 35.52 -4.72
C PHE A 11 -7.82 34.57 -4.34
N LEU A 12 -9.05 35.00 -4.61
CA LEU A 12 -10.26 34.27 -4.25
C LEU A 12 -10.39 34.09 -2.75
N GLY A 13 -9.66 34.87 -1.95
CA GLY A 13 -9.69 34.69 -0.51
C GLY A 13 -11.05 34.95 0.10
N ALA A 14 -11.85 35.81 -0.52
CA ALA A 14 -13.19 36.13 -0.05
C ALA A 14 -14.27 35.38 -0.82
N ALA A 15 -14.01 34.11 -1.18
CA ALA A 15 -14.98 33.34 -1.92
C ALA A 15 -16.15 32.89 -1.04
N GLY A 16 -15.90 32.66 0.25
CA GLY A 16 -16.92 32.27 1.19
C GLY A 16 -17.41 33.36 2.11
N SER A 17 -16.94 34.59 1.93
CA SER A 17 -17.38 35.71 2.75
C SER A 17 -18.63 36.36 2.16
N THR A 18 -19.21 37.27 2.94
CA THR A 18 -20.37 38.01 2.46
C THR A 18 -20.01 38.84 1.23
N MET A 19 -21.03 39.10 0.41
CA MET A 19 -20.81 39.93 -0.78
C MET A 19 -20.32 41.32 -0.41
N GLY A 20 -20.75 41.85 0.74
CA GLY A 20 -20.23 43.12 1.19
C GLY A 20 -18.77 43.04 1.58
N ALA A 21 -18.38 41.95 2.26
CA ALA A 21 -16.97 41.77 2.61
C ALA A 21 -16.15 41.35 1.39
N ALA A 22 -16.72 40.53 0.51
CA ALA A 22 -16.02 40.15 -0.71
C ALA A 22 -15.89 41.32 -1.68
N SER A 23 -16.73 42.34 -1.54
CA SER A 23 -16.60 43.54 -2.36
C SER A 23 -15.33 44.32 -2.04
N MET A 24 -14.70 44.04 -0.90
CA MET A 24 -13.45 44.70 -0.54
C MET A 24 -12.25 44.07 -1.25
N THR A 25 -12.37 42.83 -1.73
CA THR A 25 -11.28 42.14 -2.40
C THR A 25 -11.48 42.08 -3.90
N LEU A 26 -12.16 43.06 -4.49
CA LEU A 26 -12.41 43.05 -5.92
C LEU A 26 -11.14 43.33 -6.72
N THR A 27 -10.19 44.08 -6.15
CA THR A 27 -8.92 44.32 -6.81
C THR A 27 -7.94 43.16 -6.67
N VAL A 28 -8.22 42.21 -5.77
CA VAL A 28 -7.32 41.08 -5.58
C VAL A 28 -7.56 40.02 -6.65
N GLN A 29 -8.82 39.71 -6.93
CA GLN A 29 -9.14 38.77 -7.99
C GLN A 29 -8.98 39.38 -9.38
N ALA A 30 -8.88 40.71 -9.48
CA ALA A 30 -8.64 41.37 -10.76
C ALA A 30 -7.16 41.48 -11.09
N ARG A 31 -6.29 41.51 -10.06
CA ARG A 31 -4.86 41.60 -10.32
C ARG A 31 -4.31 40.28 -10.86
N ASN A 32 -4.85 39.15 -10.40
CA ASN A 32 -4.40 37.84 -10.84
C ASN A 32 -5.31 37.24 -11.91
N LEU A 33 -5.93 38.08 -12.74
CA LEU A 33 -6.81 37.60 -13.79
C LEU A 33 -6.11 37.46 -15.12
N LEU A 34 -4.98 38.14 -15.31
CA LEU A 34 -4.20 38.05 -16.54
C LEU A 34 -2.80 37.48 -16.33
N SER A 35 -2.17 37.78 -15.19
CA SER A 35 -0.85 37.26 -14.85
C SER A 35 0.18 37.55 -15.95
N GLY A 36 0.62 38.79 -16.04
CA GLY A 36 1.58 39.18 -17.05
C GLY A 36 0.96 39.41 -18.42
N THR A 58 6.55 21.10 -30.17
CA THR A 58 6.61 20.16 -29.06
C THR A 58 5.24 19.99 -28.42
N VAL A 59 5.11 18.98 -27.55
CA VAL A 59 3.84 18.76 -26.87
C VAL A 59 3.54 19.89 -25.90
N TRP A 60 4.57 20.37 -25.18
CA TRP A 60 4.36 21.43 -24.22
C TRP A 60 4.23 22.80 -24.88
N GLY A 61 4.94 23.01 -25.99
CA GLY A 61 4.86 24.30 -26.66
C GLY A 61 3.48 24.59 -27.21
N ILE A 62 2.70 23.55 -27.50
CA ILE A 62 1.34 23.75 -28.00
C ILE A 62 0.37 24.04 -26.87
N LYS A 63 0.56 23.39 -25.71
CA LYS A 63 -0.40 23.51 -24.62
C LYS A 63 -0.38 24.92 -24.02
N GLN A 64 0.79 25.34 -23.51
CA GLN A 64 0.86 26.65 -22.85
C GLN A 64 0.61 27.80 -23.79
N LEU A 65 0.82 27.63 -25.09
CA LEU A 65 0.57 28.71 -26.04
C LEU A 65 -0.91 28.80 -26.38
N GLN A 66 -1.54 27.67 -26.72
CA GLN A 66 -2.97 27.66 -26.99
C GLN A 66 -3.77 28.04 -25.76
N ALA A 67 -3.25 27.73 -24.57
CA ALA A 67 -3.97 28.09 -23.35
C ALA A 67 -3.86 29.58 -23.05
N ARG A 68 -2.66 30.16 -23.22
CA ARG A 68 -2.49 31.57 -22.94
C ARG A 68 -3.14 32.45 -24.00
N VAL A 69 -3.38 31.94 -25.20
CA VAL A 69 -4.18 32.67 -26.17
C VAL A 69 -5.63 32.71 -25.72
N LEU A 70 -6.14 31.59 -25.21
CA LEU A 70 -7.49 31.57 -24.64
C LEU A 70 -7.61 32.47 -23.42
N ALA A 71 -6.49 32.79 -22.77
CA ALA A 71 -6.55 33.66 -21.59
C ALA A 71 -6.90 35.08 -21.97
N VAL A 72 -6.25 35.63 -23.00
CA VAL A 72 -6.53 37.00 -23.40
C VAL A 72 -7.88 37.10 -24.11
N GLU A 73 -8.33 36.00 -24.72
CA GLU A 73 -9.68 35.99 -25.30
C GLU A 73 -10.73 36.04 -24.20
N ARG A 74 -10.56 35.24 -23.15
CA ARG A 74 -11.46 35.31 -22.01
C ARG A 74 -11.40 36.67 -21.34
N TYR A 75 -10.21 37.30 -21.32
CA TYR A 75 -10.08 38.59 -20.68
C TYR A 75 -10.77 39.69 -21.47
N LEU A 76 -10.50 39.77 -22.77
CA LEU A 76 -11.08 40.82 -23.59
C LEU A 76 -12.59 40.64 -23.79
N ARG A 77 -13.11 39.44 -23.57
CA ARG A 77 -14.55 39.25 -23.65
C ARG A 77 -15.26 39.97 -22.50
N ASP A 78 -14.72 39.87 -21.29
CA ASP A 78 -15.30 40.59 -20.15
C ASP A 78 -14.99 42.08 -20.21
N GLN A 79 -13.81 42.45 -20.73
CA GLN A 79 -13.47 43.86 -20.83
C GLN A 79 -14.29 44.57 -21.90
N GLN A 80 -14.67 43.86 -22.97
CA GLN A 80 -15.56 44.44 -23.96
C GLN A 80 -16.92 44.73 -23.36
N LEU A 81 -17.50 43.74 -22.67
CA LEU A 81 -18.77 43.96 -21.99
C LEU A 81 -18.66 45.10 -20.97
N LEU A 82 -17.54 45.16 -20.26
CA LEU A 82 -17.33 46.23 -19.30
C LEU A 82 -17.25 47.58 -19.98
N GLY A 83 -16.69 47.63 -21.19
CA GLY A 83 -16.56 48.86 -21.94
C GLY A 83 -17.86 49.38 -22.53
N ILE A 84 -18.68 48.50 -23.09
CA ILE A 84 -19.94 48.91 -23.71
C ILE A 84 -21.03 49.22 -22.70
N TRP A 85 -20.75 49.13 -21.40
CA TRP A 85 -21.74 49.42 -20.37
C TRP A 85 -21.46 50.73 -19.65
N GLY A 86 -20.53 51.53 -20.15
CA GLY A 86 -20.10 52.71 -19.41
C GLY A 86 -19.29 52.38 -18.18
N CYS A 87 -18.67 51.21 -18.15
CA CYS A 87 -17.90 50.74 -17.00
C CYS A 87 -16.46 50.40 -17.39
N SER A 88 -15.96 50.99 -18.47
CA SER A 88 -14.68 50.56 -19.04
C SER A 88 -13.55 50.66 -18.02
N GLY A 89 -13.46 51.79 -17.32
CA GLY A 89 -12.38 52.00 -16.38
C GLY A 89 -12.69 51.66 -14.94
N LYS A 90 -13.96 51.45 -14.61
CA LYS A 90 -14.37 51.24 -13.23
C LYS A 90 -14.41 49.76 -12.89
N LEU A 91 -14.03 49.44 -11.65
CA LEU A 91 -14.24 48.09 -11.13
C LEU A 91 -15.68 47.91 -10.66
N ILE A 92 -16.24 48.93 -10.03
CA ILE A 92 -17.66 48.97 -9.67
C ILE A 92 -18.28 50.18 -10.36
N CYS A 93 -19.48 50.00 -10.88
CA CYS A 93 -20.16 51.06 -11.61
C CYS A 93 -21.66 50.91 -11.41
N CYS A 94 -22.35 52.04 -11.31
CA CYS A 94 -23.79 52.04 -11.19
C CYS A 94 -24.42 52.41 -12.53
N THR A 95 -25.56 51.81 -12.82
CA THR A 95 -26.24 51.97 -14.09
C THR A 95 -27.64 52.52 -13.86
N ASN A 96 -28.33 52.81 -14.96
CA ASN A 96 -29.68 53.36 -14.89
C ASN A 96 -30.71 52.32 -15.34
N VAL A 97 -30.59 51.10 -14.82
CA VAL A 97 -31.49 50.00 -15.13
C VAL A 97 -32.25 49.65 -13.86
N PRO A 98 -33.58 49.72 -13.84
CA PRO A 98 -34.32 49.36 -12.64
C PRO A 98 -34.26 47.87 -12.38
N TRP A 99 -34.04 47.51 -11.12
CA TRP A 99 -33.94 46.12 -10.72
C TRP A 99 -35.32 45.48 -10.72
N ASN A 100 -35.58 44.59 -11.68
CA ASN A 100 -36.87 43.94 -11.77
C ASN A 100 -37.05 42.96 -10.61
N SER A 101 -38.25 42.97 -10.02
CA SER A 101 -38.52 42.15 -8.84
C SER A 101 -38.50 40.66 -9.14
N SER A 102 -38.64 40.27 -10.41
CA SER A 102 -38.64 38.86 -10.76
C SER A 102 -37.27 38.22 -10.68
N TRP A 103 -36.22 39.01 -10.43
CA TRP A 103 -34.85 38.50 -10.31
C TRP A 103 -34.50 38.20 -8.86
N SER A 104 -35.33 37.39 -8.21
CA SER A 104 -35.17 37.04 -6.79
C SER A 104 -35.14 38.30 -5.93
N ASN A 105 -36.31 38.77 -5.51
CA ASN A 105 -36.44 40.05 -4.80
C ASN A 105 -35.98 39.87 -3.35
N ARG A 106 -34.66 39.86 -3.18
CA ARG A 106 -34.08 39.95 -1.85
C ARG A 106 -33.97 41.41 -1.43
N ASN A 107 -33.57 41.63 -0.19
CA ASN A 107 -33.43 42.98 0.34
C ASN A 107 -31.96 43.36 0.44
N LEU A 108 -31.71 44.61 0.84
CA LEU A 108 -30.35 45.12 0.90
C LEU A 108 -29.54 44.42 1.98
N SER A 109 -30.02 44.43 3.22
CA SER A 109 -29.31 43.79 4.32
C SER A 109 -29.32 42.27 4.22
N GLU A 110 -30.08 41.70 3.30
CA GLU A 110 -30.13 40.26 3.11
C GLU A 110 -29.17 39.78 2.03
N ILE A 111 -28.59 40.69 1.24
CA ILE A 111 -27.69 40.31 0.16
C ILE A 111 -26.25 40.56 0.58
N TRP A 112 -25.93 41.81 0.90
CA TRP A 112 -24.57 42.21 1.22
C TRP A 112 -24.14 41.81 2.63
N ASP A 113 -25.05 41.26 3.43
CA ASP A 113 -24.73 40.91 4.81
C ASP A 113 -25.06 39.47 5.17
N ASN A 114 -25.55 38.66 4.24
CA ASN A 114 -25.88 37.28 4.52
C ASN A 114 -25.95 36.43 3.25
N MET A 115 -24.93 36.56 2.39
CA MET A 115 -24.88 35.80 1.15
C MET A 115 -23.50 35.96 0.54
N THR A 116 -23.04 34.91 -0.12
CA THR A 116 -21.76 34.91 -0.82
C THR A 116 -21.98 35.06 -2.32
N TRP A 117 -20.94 35.53 -3.01
CA TRP A 117 -21.05 35.76 -4.45
C TRP A 117 -21.30 34.46 -5.19
N LEU A 118 -20.69 33.36 -4.74
CA LEU A 118 -20.98 32.06 -5.33
C LEU A 118 -22.44 31.68 -5.13
N GLN A 119 -22.97 31.95 -3.93
CA GLN A 119 -24.37 31.65 -3.67
C GLN A 119 -25.31 32.59 -4.41
N TRP A 120 -24.86 33.81 -4.69
CA TRP A 120 -25.70 34.81 -5.35
C TRP A 120 -25.82 34.55 -6.85
N ASP A 121 -24.71 34.19 -7.50
CA ASP A 121 -24.73 33.97 -8.94
C ASP A 121 -25.60 32.79 -9.34
N LYS A 122 -25.87 31.87 -8.40
CA LYS A 122 -26.69 30.71 -8.73
C LYS A 122 -28.15 31.10 -8.94
N GLU A 123 -28.65 32.08 -8.18
CA GLU A 123 -30.04 32.49 -8.33
C GLU A 123 -30.23 33.33 -9.59
N ILE A 124 -29.26 34.18 -9.92
CA ILE A 124 -29.38 35.09 -11.05
C ILE A 124 -28.82 34.44 -12.30
N SER A 125 -28.50 33.15 -12.19
CA SER A 125 -27.94 32.43 -13.35
C SER A 125 -28.92 32.37 -14.50
N ASN A 126 -30.23 32.37 -14.21
CA ASN A 126 -31.22 32.34 -15.28
C ASN A 126 -31.32 33.68 -15.99
N TYR A 127 -31.22 34.79 -15.25
CA TYR A 127 -31.40 36.12 -15.79
C TYR A 127 -30.09 36.84 -16.05
N THR A 128 -29.00 36.10 -16.24
CA THR A 128 -27.70 36.72 -16.51
C THR A 128 -27.69 37.38 -17.88
N GLN A 129 -27.99 36.61 -18.94
CA GLN A 129 -28.03 37.16 -20.29
C GLN A 129 -29.18 38.11 -20.51
N ILE A 130 -30.17 38.15 -19.61
CA ILE A 130 -31.28 39.07 -19.76
C ILE A 130 -30.84 40.48 -19.40
N ILE A 131 -30.09 40.63 -18.31
CA ILE A 131 -29.64 41.95 -17.89
C ILE A 131 -28.59 42.50 -18.85
N TYR A 132 -27.80 41.62 -19.47
CA TYR A 132 -26.71 42.07 -20.33
C TYR A 132 -27.23 42.81 -21.56
N GLY A 133 -28.45 42.49 -22.00
CA GLY A 133 -29.03 43.19 -23.13
C GLY A 133 -29.51 44.60 -22.84
N LEU A 134 -29.70 44.93 -21.56
CA LEU A 134 -30.17 46.25 -21.17
C LEU A 134 -29.04 47.24 -20.91
N LEU A 135 -27.89 46.76 -20.42
CA LEU A 135 -26.80 47.65 -20.07
C LEU A 135 -26.17 48.27 -21.32
N GLU A 136 -26.04 47.49 -22.39
CA GLU A 136 -25.42 48.03 -23.61
C GLU A 136 -26.38 48.94 -24.37
N GLU A 137 -27.69 48.65 -24.31
CA GLU A 137 -28.67 49.54 -24.95
C GLU A 137 -28.80 50.86 -24.20
N SER A 138 -28.67 50.82 -22.87
CA SER A 138 -28.71 52.06 -22.09
C SER A 138 -27.48 52.91 -22.34
N GLN A 139 -26.36 52.30 -22.70
CA GLN A 139 -25.12 53.06 -22.93
C GLN A 139 -25.18 53.79 -24.27
N ASN A 140 -25.80 53.19 -25.28
CA ASN A 140 -25.92 53.85 -26.57
C ASN A 140 -26.77 55.11 -26.46
N GLN A 141 -27.82 55.07 -25.66
CA GLN A 141 -28.72 56.22 -25.54
C GLN A 141 -28.13 57.31 -24.66
N GLN A 142 -27.33 56.95 -23.66
CA GLN A 142 -26.68 57.95 -22.81
C GLN A 142 -25.68 58.78 -23.61
N GLU A 143 -24.82 58.11 -24.38
CA GLU A 143 -23.82 58.83 -25.16
C GLU A 143 -24.46 59.63 -26.30
N LYS A 144 -25.58 59.15 -26.84
CA LYS A 144 -26.25 59.89 -27.90
C LYS A 144 -26.87 61.18 -27.37
N ASN A 145 -27.39 61.15 -26.14
CA ASN A 145 -27.89 62.37 -25.53
C ASN A 145 -26.75 63.32 -25.16
N GLU A 146 -25.57 62.78 -24.85
CA GLU A 146 -24.42 63.62 -24.59
C GLU A 146 -24.01 64.40 -25.83
N GLN A 147 -24.16 63.80 -27.02
CA GLN A 147 -23.85 64.51 -28.25
C GLN A 147 -24.82 65.68 -28.46
N ASP A 148 -26.07 65.53 -28.04
CA ASP A 148 -27.01 66.65 -28.11
C ASP A 148 -26.64 67.73 -27.11
N LEU A 149 -26.18 67.34 -25.91
CA LEU A 149 -25.81 68.34 -24.91
C LEU A 149 -24.54 69.08 -25.31
N LEU A 150 -23.54 68.37 -25.84
CA LEU A 150 -22.31 69.02 -26.25
C LEU A 150 -22.50 69.90 -27.48
N ALA A 151 -23.53 69.65 -28.28
CA ALA A 151 -23.77 70.41 -29.51
C ALA A 151 -24.61 71.65 -29.22
N LEU A 152 -24.07 72.51 -28.34
CA LEU A 152 -24.70 73.77 -28.02
C LEU A 152 -24.10 74.96 -28.78
N ASP A 153 -22.88 74.82 -29.27
CA ASP A 153 -22.30 75.85 -30.12
C ASP A 153 -22.90 75.77 -31.52
N GLN B 1 -33.63 29.27 6.39
CA GLN B 1 -34.61 28.49 5.64
C GLN B 1 -34.36 26.99 5.81
N GLY B 2 -34.08 26.58 7.04
CA GLY B 2 -33.84 25.19 7.35
C GLY B 2 -34.82 24.61 8.35
N GLN B 3 -34.32 23.81 9.29
CA GLN B 3 -35.18 23.18 10.29
C GLN B 3 -34.32 22.80 11.48
N LEU B 4 -34.72 23.25 12.67
CA LEU B 4 -34.02 22.96 13.91
C LEU B 4 -34.86 22.00 14.75
N VAL B 5 -34.28 20.86 15.10
CA VAL B 5 -34.94 19.83 15.89
C VAL B 5 -34.18 19.66 17.20
N GLN B 6 -34.92 19.60 18.31
CA GLN B 6 -34.34 19.48 19.64
C GLN B 6 -34.61 18.11 20.21
N SER B 7 -34.08 17.86 21.41
CA SER B 7 -34.21 16.57 22.06
C SER B 7 -35.60 16.42 22.66
N GLY B 8 -35.87 15.24 23.22
CA GLY B 8 -37.15 14.97 23.83
C GLY B 8 -37.27 15.54 25.23
N ALA B 9 -38.49 15.51 25.75
CA ALA B 9 -38.76 16.04 27.07
C ALA B 9 -38.18 15.12 28.14
N GLU B 10 -37.45 15.71 29.09
CA GLU B 10 -36.82 14.98 30.17
C GLU B 10 -37.21 15.60 31.50
N LEU B 11 -37.23 14.77 32.54
CA LEU B 11 -37.54 15.20 33.90
C LEU B 11 -36.27 15.09 34.74
N LYS B 12 -35.84 16.22 35.31
CA LYS B 12 -34.64 16.27 36.12
C LYS B 12 -34.97 16.87 37.49
N LYS B 13 -34.44 16.25 38.53
CA LYS B 13 -34.64 16.72 39.89
C LYS B 13 -33.79 17.98 40.15
N PRO B 14 -34.21 18.83 41.10
CA PRO B 14 -33.43 20.04 41.39
C PRO B 14 -32.05 19.70 41.91
N GLY B 15 -31.06 20.46 41.46
CA GLY B 15 -29.68 20.22 41.80
C GLY B 15 -28.90 19.44 40.75
N ALA B 16 -29.59 18.68 39.90
CA ALA B 16 -28.94 17.89 38.86
C ALA B 16 -28.75 18.76 37.61
N SER B 17 -28.49 18.13 36.47
CA SER B 17 -28.26 18.84 35.22
C SER B 17 -29.15 18.26 34.12
N VAL B 18 -29.10 18.89 32.96
CA VAL B 18 -29.88 18.46 31.81
C VAL B 18 -29.17 18.95 30.55
N LYS B 19 -29.06 18.06 29.56
CA LYS B 19 -28.38 18.36 28.30
C LYS B 19 -29.42 18.38 27.19
N ILE B 20 -29.67 19.57 26.65
CA ILE B 20 -30.63 19.76 25.56
C ILE B 20 -29.87 19.91 24.26
N SER B 21 -30.18 19.07 23.29
CA SER B 21 -29.53 19.12 21.98
C SER B 21 -30.34 19.96 21.01
N CYS B 22 -29.75 20.22 19.85
CA CYS B 22 -30.39 21.08 18.84
C CYS B 22 -29.71 20.79 17.49
N LYS B 23 -30.24 19.81 16.77
CA LYS B 23 -29.70 19.42 15.47
C LYS B 23 -30.28 20.30 14.37
N THR B 24 -29.45 20.63 13.38
CA THR B 24 -29.83 21.52 12.30
C THR B 24 -29.78 20.77 10.97
N SER B 25 -30.46 21.35 9.97
CA SER B 25 -30.50 20.80 8.62
C SER B 25 -31.09 21.83 7.68
N GLY B 26 -30.49 21.97 6.51
CA GLY B 26 -30.98 22.87 5.48
C GLY B 26 -30.20 24.15 5.31
N TYR B 27 -29.14 24.36 6.09
CA TYR B 27 -28.34 25.58 5.98
C TYR B 27 -26.96 25.32 6.57
N ARG B 28 -26.03 26.20 6.22
CA ARG B 28 -24.66 26.10 6.73
C ARG B 28 -24.65 26.37 8.22
N PHE B 29 -24.30 25.35 9.01
CA PHE B 29 -24.43 25.48 10.47
C PHE B 29 -23.43 26.48 11.02
N ASN B 30 -22.33 26.72 10.32
CA ASN B 30 -21.29 27.63 10.76
C ASN B 30 -21.57 29.08 10.41
N PHE B 31 -22.54 29.35 9.55
CA PHE B 31 -22.80 30.71 9.08
C PHE B 31 -23.76 31.49 9.95
N TYR B 32 -24.33 30.87 10.99
CA TYR B 32 -25.30 31.53 11.84
C TYR B 32 -25.06 31.15 13.29
N HIS B 33 -25.41 32.06 14.19
CA HIS B 33 -25.29 31.83 15.61
C HIS B 33 -26.42 30.91 16.10
N ILE B 34 -26.29 30.44 17.33
CA ILE B 34 -27.28 29.56 17.96
C ILE B 34 -27.65 30.19 19.29
N ASN B 35 -28.80 30.85 19.34
CA ASN B 35 -29.26 31.49 20.57
C ASN B 35 -30.15 30.55 21.35
N TRP B 36 -30.12 30.70 22.67
CA TRP B 36 -30.92 29.88 23.59
C TRP B 36 -31.71 30.82 24.49
N ILE B 37 -33.04 30.75 24.40
CA ILE B 37 -33.93 31.61 25.17
C ILE B 37 -34.94 30.73 25.89
N ARG B 38 -35.11 30.96 27.20
CA ARG B 38 -36.09 30.25 28.00
C ARG B 38 -37.24 31.19 28.37
N GLN B 39 -38.28 30.60 28.96
CA GLN B 39 -39.44 31.38 29.38
C GLN B 39 -40.12 30.64 30.53
N THR B 40 -40.16 31.27 31.70
CA THR B 40 -40.81 30.71 32.88
C THR B 40 -42.07 31.50 33.21
N ALA B 41 -42.96 30.89 33.99
CA ALA B 41 -44.26 31.48 34.24
C ALA B 41 -44.21 32.38 35.46
N GLY B 42 -43.06 33.02 35.70
CA GLY B 42 -42.90 33.86 36.86
C GLY B 42 -41.92 35.00 36.60
N ARG B 43 -41.11 34.85 35.57
CA ARG B 43 -40.10 35.86 35.24
C ARG B 43 -40.15 36.30 33.78
N GLY B 44 -41.06 35.75 32.98
CA GLY B 44 -41.19 36.13 31.59
C GLY B 44 -40.11 35.52 30.72
N PRO B 45 -40.09 35.89 29.44
CA PRO B 45 -39.04 35.39 28.55
C PRO B 45 -37.69 35.96 28.91
N GLU B 46 -36.67 35.09 28.91
CA GLU B 46 -35.34 35.48 29.33
C GLU B 46 -34.32 34.86 28.39
N TRP B 47 -33.60 35.72 27.66
CA TRP B 47 -32.52 35.26 26.81
C TRP B 47 -31.32 34.87 27.65
N MET B 48 -30.65 33.78 27.26
CA MET B 48 -29.56 33.21 28.04
C MET B 48 -28.19 33.39 27.39
N GLY B 49 -28.07 33.14 26.09
CA GLY B 49 -26.79 33.30 25.43
C GLY B 49 -26.83 32.72 24.04
N TRP B 50 -25.77 33.03 23.29
CA TRP B 50 -25.57 32.52 21.95
C TRP B 50 -24.13 32.05 21.79
N ILE B 51 -23.86 31.39 20.67
CA ILE B 51 -22.53 30.84 20.39
C ILE B 51 -22.35 30.76 18.88
N SER B 52 -21.13 31.06 18.43
CA SER B 52 -20.80 31.01 17.02
C SER B 52 -20.09 29.70 16.69
N PRO B 53 -20.69 28.83 15.87
CA PRO B 53 -20.01 27.55 15.56
C PRO B 53 -18.73 27.72 14.77
N TYR B 54 -18.59 28.80 14.01
CA TYR B 54 -17.40 28.99 13.19
C TYR B 54 -16.16 29.25 14.05
N SER B 55 -16.26 30.20 14.97
CA SER B 55 -15.13 30.59 15.82
C SER B 55 -15.16 29.95 17.20
N GLY B 56 -16.34 29.80 17.78
CA GLY B 56 -16.48 29.29 19.13
C GLY B 56 -16.71 30.35 20.19
N ASP B 57 -17.00 31.58 19.80
CA ASP B 57 -17.20 32.65 20.77
C ASP B 57 -18.56 32.49 21.45
N LYS B 58 -18.57 32.66 22.76
CA LYS B 58 -19.79 32.59 23.55
C LYS B 58 -20.00 33.90 24.30
N ASN B 59 -21.25 34.14 24.68
CA ASN B 59 -21.60 35.34 25.45
C ASN B 59 -22.82 35.00 26.30
N LEU B 60 -22.60 34.82 27.59
CA LEU B 60 -23.65 34.44 28.52
C LEU B 60 -24.15 35.65 29.29
N ALA B 61 -25.45 35.62 29.63
CA ALA B 61 -26.03 36.68 30.43
C ALA B 61 -25.50 36.61 31.85
N PRO B 62 -25.45 37.74 32.56
CA PRO B 62 -25.00 37.72 33.96
C PRO B 62 -25.82 36.82 34.85
N ALA B 63 -27.11 36.62 34.53
CA ALA B 63 -27.93 35.73 35.34
C ALA B 63 -27.52 34.27 35.15
N PHE B 64 -26.92 33.93 34.00
CA PHE B 64 -26.44 32.59 33.72
C PHE B 64 -24.94 32.59 33.46
N GLN B 65 -24.21 33.50 34.10
CA GLN B 65 -22.78 33.64 33.87
C GLN B 65 -21.97 32.50 34.47
N ASP B 66 -22.50 31.83 35.49
CA ASP B 66 -21.70 30.86 36.24
C ASP B 66 -22.44 29.53 36.43
N ARG B 67 -23.36 29.19 35.52
CA ARG B 67 -24.02 27.89 35.65
C ARG B 67 -24.59 27.35 34.33
N VAL B 68 -24.21 27.89 33.18
CA VAL B 68 -24.69 27.41 31.88
C VAL B 68 -23.49 27.26 30.96
N ILE B 69 -23.38 26.10 30.31
CA ILE B 69 -22.30 25.80 29.38
C ILE B 69 -22.90 25.46 28.03
N MET B 70 -22.36 26.06 26.97
CA MET B 70 -22.84 25.84 25.61
C MET B 70 -21.73 25.21 24.77
N THR B 71 -22.09 24.21 23.98
CA THR B 71 -21.15 23.50 23.12
C THR B 71 -21.80 23.23 21.77
N THR B 72 -20.98 23.24 20.73
CA THR B 72 -21.42 22.96 19.36
C THR B 72 -20.46 21.95 18.73
N ASP B 73 -21.01 21.04 17.92
CA ASP B 73 -20.20 20.03 17.26
C ASP B 73 -19.63 20.60 15.96
N THR B 74 -18.97 19.75 15.18
CA THR B 74 -18.40 20.15 13.92
C THR B 74 -19.41 19.98 12.79
N GLU B 75 -19.26 20.81 11.75
CA GLU B 75 -20.21 20.82 10.65
C GLU B 75 -20.04 19.57 9.79
N VAL B 76 -21.16 18.98 9.39
CA VAL B 76 -21.16 17.83 8.49
C VAL B 76 -21.73 18.27 7.15
N PRO B 77 -20.90 18.49 6.14
CA PRO B 77 -21.41 19.02 4.86
C PRO B 77 -22.29 18.02 4.14
N VAL B 78 -23.29 18.56 3.44
CA VAL B 78 -24.18 17.78 2.58
C VAL B 78 -24.11 18.26 1.14
N THR B 79 -24.27 19.56 0.92
CA THR B 79 -24.10 20.20 -0.38
C THR B 79 -23.10 21.33 -0.25
N SER B 80 -22.92 22.06 -1.36
CA SER B 80 -21.98 23.19 -1.35
C SER B 80 -22.50 24.37 -0.55
N PHE B 81 -23.82 24.47 -0.36
CA PHE B 81 -24.42 25.60 0.35
C PHE B 81 -25.23 25.19 1.57
N THR B 82 -25.46 23.89 1.79
CA THR B 82 -26.19 23.42 2.95
C THR B 82 -25.35 22.38 3.69
N SER B 83 -25.70 22.14 4.95
CA SER B 83 -24.99 21.18 5.78
C SER B 83 -25.89 20.78 6.95
N THR B 84 -25.33 19.99 7.86
CA THR B 84 -26.02 19.54 9.05
C THR B 84 -25.11 19.72 10.27
N GLY B 85 -25.69 20.19 11.36
CA GLY B 85 -24.94 20.41 12.58
C GLY B 85 -25.73 20.09 13.84
N ALA B 86 -25.13 20.38 15.00
CA ALA B 86 -25.78 20.12 16.28
C ALA B 86 -25.18 21.05 17.34
N ALA B 87 -26.04 21.55 18.22
CA ALA B 87 -25.63 22.43 19.31
C ALA B 87 -26.23 21.95 20.62
N TYR B 88 -25.43 21.98 21.68
CA TYR B 88 -25.85 21.52 22.99
C TYR B 88 -25.84 22.68 23.98
N MET B 89 -26.44 22.42 25.14
CA MET B 89 -26.46 23.38 26.24
C MET B 89 -26.52 22.61 27.55
N GLU B 90 -25.67 22.97 28.50
CA GLU B 90 -25.58 22.30 29.80
C GLU B 90 -25.79 23.33 30.89
N ILE B 91 -26.97 23.32 31.50
CA ILE B 91 -27.30 24.21 32.61
C ILE B 91 -27.24 23.40 33.91
N ARG B 92 -26.53 23.92 34.89
CA ARG B 92 -26.35 23.28 36.18
C ARG B 92 -27.04 24.07 37.27
N ASN B 93 -27.14 23.44 38.45
CA ASN B 93 -27.78 24.03 39.63
C ASN B 93 -29.23 24.42 39.33
N LEU B 94 -30.02 23.38 39.07
CA LEU B 94 -31.43 23.58 38.75
C LEU B 94 -32.20 24.03 39.98
N LYS B 95 -33.12 24.96 39.78
CA LYS B 95 -33.99 25.48 40.82
C LYS B 95 -35.45 25.30 40.41
N PHE B 96 -36.35 25.68 41.31
CA PHE B 96 -37.78 25.55 41.03
C PHE B 96 -38.27 26.58 40.03
N ASP B 97 -37.59 27.72 39.90
CA ASP B 97 -37.95 28.73 38.93
C ASP B 97 -37.30 28.51 37.56
N ASP B 98 -36.76 27.31 37.32
CA ASP B 98 -36.19 26.96 36.03
C ASP B 98 -37.09 26.04 35.22
N THR B 99 -38.36 25.90 35.62
CA THR B 99 -39.31 25.04 34.93
C THR B 99 -39.96 25.83 33.79
N GLY B 100 -39.69 25.42 32.56
CA GLY B 100 -40.25 26.11 31.42
C GLY B 100 -39.81 25.44 30.13
N THR B 101 -40.12 26.11 29.02
CA THR B 101 -39.78 25.61 27.69
C THR B 101 -38.53 26.33 27.19
N TYR B 102 -37.59 25.57 26.65
CA TYR B 102 -36.34 26.10 26.14
C TYR B 102 -36.30 25.97 24.62
N PHE B 103 -35.82 27.02 23.95
CA PHE B 103 -35.76 27.06 22.50
C PHE B 103 -34.33 27.35 22.04
N CYS B 104 -33.95 26.74 20.92
CA CYS B 104 -32.74 27.10 20.21
C CYS B 104 -33.12 27.75 18.88
N ALA B 105 -32.42 28.83 18.53
CA ALA B 105 -32.79 29.64 17.39
C ALA B 105 -31.59 29.89 16.49
N LYS B 106 -31.83 29.87 15.19
CA LYS B 106 -30.81 30.18 14.20
C LYS B 106 -30.60 31.69 14.10
N GLY B 107 -29.36 32.10 13.87
CA GLY B 107 -29.05 33.51 13.72
C GLY B 107 -29.74 34.12 12.51
N LEU B 108 -29.68 35.44 12.44
CA LEU B 108 -30.33 36.19 11.37
C LEU B 108 -29.40 36.42 10.18
N LEU B 109 -28.31 37.15 10.40
CA LEU B 109 -27.38 37.51 9.35
C LEU B 109 -25.98 36.98 9.68
N ARG B 110 -25.04 37.23 8.77
CA ARG B 110 -23.63 36.93 8.99
C ARG B 110 -22.83 38.18 9.33
N ASP B 111 -23.04 39.27 8.60
CA ASP B 111 -22.40 40.55 8.84
C ASP B 111 -23.47 41.60 9.10
N GLY B 112 -23.05 42.72 9.69
CA GLY B 112 -23.93 43.82 10.00
C GLY B 112 -24.10 44.03 11.49
N SER B 113 -25.20 44.67 11.85
CA SER B 113 -25.52 45.00 13.24
C SER B 113 -26.41 43.96 13.92
N SER B 114 -27.08 43.10 13.16
CA SER B 114 -27.95 42.06 13.71
C SER B 114 -27.54 40.71 13.14
N THR B 115 -26.33 40.26 13.50
CA THR B 115 -25.81 38.97 13.06
C THR B 115 -26.26 37.84 13.98
N TRP B 116 -26.30 38.08 15.28
CA TRP B 116 -26.69 37.08 16.26
C TRP B 116 -28.18 37.05 16.55
N LEU B 117 -28.96 37.90 15.90
CA LEU B 117 -30.38 38.02 16.21
C LEU B 117 -31.10 36.70 15.89
N PRO B 118 -31.90 36.17 16.82
CA PRO B 118 -32.61 34.91 16.55
C PRO B 118 -33.73 35.12 15.55
N TYR B 119 -33.71 34.34 14.46
CA TYR B 119 -34.73 34.41 13.43
C TYR B 119 -35.48 33.09 13.27
N LEU B 120 -34.77 32.01 12.95
CA LEU B 120 -35.37 30.70 12.75
C LEU B 120 -35.25 29.90 14.04
N TRP B 121 -36.39 29.51 14.60
CA TRP B 121 -36.45 28.82 15.89
C TRP B 121 -36.76 27.35 15.69
N GLY B 122 -36.64 26.59 16.77
CA GLY B 122 -36.97 25.18 16.79
C GLY B 122 -38.38 24.93 17.28
N GLN B 123 -38.60 23.73 17.81
CA GLN B 123 -39.90 23.35 18.34
C GLN B 123 -39.98 23.45 19.86
N GLY B 124 -38.84 23.52 20.56
CA GLY B 124 -38.84 23.67 21.99
C GLY B 124 -38.85 22.36 22.75
N THR B 125 -38.11 22.30 23.86
CA THR B 125 -38.07 21.13 24.72
C THR B 125 -38.49 21.55 26.12
N LEU B 126 -39.61 21.03 26.59
CA LEU B 126 -40.13 21.38 27.91
C LEU B 126 -39.31 20.70 29.00
N LEU B 127 -38.96 21.46 30.03
CA LEU B 127 -38.17 20.96 31.15
C LEU B 127 -38.92 21.23 32.44
N THR B 128 -39.20 20.17 33.20
CA THR B 128 -39.88 20.26 34.48
C THR B 128 -38.90 19.92 35.59
N VAL B 129 -38.83 20.78 36.60
CA VAL B 129 -37.94 20.59 37.74
C VAL B 129 -38.81 20.30 38.96
N SER B 130 -38.83 19.04 39.38
CA SER B 130 -39.63 18.64 40.53
C SER B 130 -39.02 17.39 41.16
N SER B 131 -39.42 17.12 42.40
CA SER B 131 -38.96 15.95 43.12
C SER B 131 -39.86 14.73 42.91
N ALA B 132 -41.02 14.90 42.30
CA ALA B 132 -41.91 13.79 42.05
C ALA B 132 -41.38 12.91 40.92
N SER B 133 -41.58 11.61 41.04
CA SER B 133 -41.09 10.66 40.06
C SER B 133 -42.03 10.61 38.86
N THR B 134 -41.57 9.94 37.80
CA THR B 134 -42.35 9.82 36.58
C THR B 134 -43.49 8.81 36.78
N LYS B 135 -44.70 9.21 36.42
CA LYS B 135 -45.89 8.37 36.53
C LYS B 135 -46.49 8.17 35.15
N GLY B 136 -46.78 6.92 34.82
CA GLY B 136 -47.35 6.59 33.53
C GLY B 136 -48.80 7.00 33.41
N PRO B 137 -49.22 7.33 32.19
CA PRO B 137 -50.61 7.76 31.98
C PRO B 137 -51.57 6.57 32.01
N SER B 138 -52.86 6.90 32.10
CA SER B 138 -53.93 5.91 32.10
C SER B 138 -54.94 6.34 31.04
N VAL B 139 -54.89 5.70 29.88
CA VAL B 139 -55.74 6.05 28.75
C VAL B 139 -57.08 5.34 28.88
N PHE B 140 -58.17 6.10 28.79
CA PHE B 140 -59.51 5.56 28.86
C PHE B 140 -60.30 5.91 27.60
N PRO B 141 -61.08 4.97 27.07
CA PRO B 141 -61.88 5.28 25.87
C PRO B 141 -63.12 6.09 26.23
N LEU B 142 -63.42 7.06 25.38
CA LEU B 142 -64.57 7.94 25.55
C LEU B 142 -65.72 7.47 24.66
N ALA B 143 -66.91 7.41 25.23
CA ALA B 143 -68.08 6.99 24.45
C ALA B 143 -68.51 8.12 23.52
N PRO B 144 -68.84 7.80 22.27
CA PRO B 144 -69.26 8.85 21.33
C PRO B 144 -70.58 9.50 21.76
N SER B 145 -70.77 10.75 21.33
CA SER B 145 -71.95 11.52 21.66
C SER B 145 -72.56 12.06 20.38
N SER B 146 -73.67 12.80 20.54
CA SER B 146 -74.39 13.37 19.41
C SER B 146 -74.07 14.85 19.30
N LYS B 147 -73.35 15.23 18.24
CA LYS B 147 -73.05 16.63 17.98
C LYS B 147 -74.12 17.30 17.15
N SER B 148 -74.77 16.57 16.24
CA SER B 148 -75.82 17.13 15.41
C SER B 148 -76.70 15.99 14.92
N THR B 149 -77.98 16.00 15.31
CA THR B 149 -78.90 14.97 14.85
C THR B 149 -79.30 15.19 13.40
N SER B 150 -79.53 16.45 13.01
CA SER B 150 -79.90 16.76 11.63
C SER B 150 -78.71 16.75 10.69
N GLY B 151 -77.49 16.86 11.22
CA GLY B 151 -76.30 16.88 10.39
C GLY B 151 -75.63 15.54 10.18
N GLY B 152 -75.96 14.55 10.98
CA GLY B 152 -75.35 13.23 10.84
C GLY B 152 -73.89 13.18 11.25
N THR B 153 -73.55 13.81 12.37
CA THR B 153 -72.18 13.86 12.86
C THR B 153 -72.12 13.30 14.28
N ALA B 154 -70.90 13.01 14.73
CA ALA B 154 -70.67 12.50 16.07
C ALA B 154 -69.32 13.02 16.55
N ALA B 155 -68.84 12.48 17.68
CA ALA B 155 -67.56 12.90 18.25
C ALA B 155 -67.08 11.83 19.20
N LEU B 156 -65.89 11.29 18.93
CA LEU B 156 -65.28 10.27 19.78
C LEU B 156 -63.81 10.63 20.03
N GLY B 157 -63.25 10.06 21.08
CA GLY B 157 -61.87 10.35 21.41
C GLY B 157 -61.36 9.45 22.51
N CYS B 158 -60.20 9.82 23.04
CA CYS B 158 -59.53 9.10 24.11
C CYS B 158 -59.20 10.04 25.26
N LEU B 159 -59.08 9.48 26.46
CA LEU B 159 -58.90 10.26 27.68
C LEU B 159 -57.62 9.83 28.37
N VAL B 160 -56.67 10.76 28.51
CA VAL B 160 -55.41 10.52 29.20
C VAL B 160 -55.52 11.12 30.59
N LYS B 161 -55.25 10.33 31.61
CA LYS B 161 -55.53 10.72 32.99
C LYS B 161 -54.34 10.38 33.89
N ASP B 162 -53.95 11.34 34.73
CA ASP B 162 -52.99 11.13 35.83
C ASP B 162 -51.62 10.68 35.33
N TYR B 163 -50.96 11.58 34.60
CA TYR B 163 -49.60 11.36 34.12
C TYR B 163 -48.70 12.47 34.64
N PHE B 164 -47.39 12.21 34.61
CA PHE B 164 -46.40 13.17 35.06
C PHE B 164 -45.04 12.69 34.58
N PRO B 165 -44.20 13.59 34.03
CA PRO B 165 -44.52 15.00 33.81
C PRO B 165 -45.04 15.29 32.41
N GLU B 166 -45.41 16.55 32.16
CA GLU B 166 -45.87 16.97 30.86
C GLU B 166 -44.71 16.89 29.84
N PRO B 167 -45.03 16.81 28.54
CA PRO B 167 -46.36 16.65 27.94
C PRO B 167 -46.54 15.30 27.24
N VAL B 168 -47.75 15.06 26.73
CA VAL B 168 -48.08 13.83 26.02
C VAL B 168 -48.66 14.18 24.66
N THR B 169 -48.21 13.48 23.63
CA THR B 169 -48.73 13.64 22.28
C THR B 169 -49.71 12.51 21.97
N VAL B 170 -50.80 12.86 21.29
CA VAL B 170 -51.86 11.91 20.95
C VAL B 170 -52.11 11.98 19.46
N SER B 171 -51.94 10.85 18.77
CA SER B 171 -52.23 10.71 17.35
C SER B 171 -53.33 9.68 17.16
N TRP B 172 -53.72 9.46 15.90
CA TRP B 172 -54.79 8.53 15.57
C TRP B 172 -54.40 7.70 14.36
N ASN B 173 -54.54 6.37 14.49
CA ASN B 173 -54.27 5.44 13.41
C ASN B 173 -52.85 5.61 12.86
N SER B 174 -51.88 5.72 13.77
CA SER B 174 -50.48 5.95 13.41
C SER B 174 -50.31 7.19 12.54
N GLY B 175 -51.09 8.22 12.85
CA GLY B 175 -51.01 9.47 12.11
C GLY B 175 -51.83 9.52 10.84
N ALA B 176 -52.85 8.67 10.72
CA ALA B 176 -53.67 8.66 9.53
C ALA B 176 -54.91 9.54 9.66
N LEU B 177 -55.55 9.54 10.82
CA LEU B 177 -56.75 10.35 11.05
C LEU B 177 -56.35 11.60 11.82
N THR B 178 -56.07 12.67 11.09
CA THR B 178 -55.71 13.95 11.68
C THR B 178 -56.76 15.03 11.44
N SER B 179 -57.85 14.70 10.76
CA SER B 179 -58.90 15.67 10.46
C SER B 179 -59.95 15.64 11.57
N GLY B 180 -60.24 16.81 12.12
CA GLY B 180 -61.23 16.93 13.18
C GLY B 180 -60.72 16.66 14.58
N VAL B 181 -59.41 16.50 14.76
CA VAL B 181 -58.84 16.22 16.07
C VAL B 181 -58.82 17.50 16.90
N HIS B 182 -59.31 17.39 18.14
CA HIS B 182 -59.35 18.52 19.08
C HIS B 182 -58.77 18.04 20.41
N THR B 183 -57.46 18.21 20.59
CA THR B 183 -56.79 17.82 21.81
C THR B 183 -56.73 19.01 22.76
N PHE B 184 -57.31 18.84 23.96
CA PHE B 184 -57.37 19.91 24.94
C PHE B 184 -56.22 19.82 25.92
N PRO B 185 -55.79 20.95 26.49
CA PRO B 185 -54.68 20.92 27.46
C PRO B 185 -55.07 20.16 28.72
N ALA B 186 -54.06 19.89 29.54
CA ALA B 186 -54.23 19.13 30.77
C ALA B 186 -54.65 20.05 31.92
N VAL B 187 -54.87 19.44 33.08
CA VAL B 187 -55.30 20.16 34.28
C VAL B 187 -54.31 19.86 35.40
N LEU B 188 -53.95 20.90 36.16
CA LEU B 188 -53.04 20.77 37.29
C LEU B 188 -53.85 20.52 38.55
N GLN B 189 -53.80 19.28 39.04
CA GLN B 189 -54.55 18.90 40.23
C GLN B 189 -53.80 19.34 41.49
N SER B 190 -54.35 18.98 42.65
CA SER B 190 -53.74 19.32 43.92
C SER B 190 -52.66 18.33 44.35
N SER B 191 -52.51 17.22 43.64
CA SER B 191 -51.50 16.22 43.95
C SER B 191 -50.23 16.37 43.12
N GLY B 192 -50.33 16.92 41.92
CA GLY B 192 -49.17 17.12 41.06
C GLY B 192 -49.20 16.24 39.82
N LEU B 193 -50.40 15.91 39.34
CA LEU B 193 -50.57 15.07 38.18
C LEU B 193 -51.43 15.80 37.15
N TYR B 194 -51.09 15.62 35.88
CA TYR B 194 -51.80 16.25 34.77
C TYR B 194 -52.71 15.24 34.08
N SER B 195 -53.72 15.76 33.39
CA SER B 195 -54.69 14.92 32.70
C SER B 195 -55.35 15.74 31.60
N LEU B 196 -55.14 15.35 30.34
CA LEU B 196 -55.72 16.02 29.19
C LEU B 196 -56.82 15.16 28.58
N SER B 197 -57.29 15.57 27.40
CA SER B 197 -58.33 14.83 26.70
C SER B 197 -58.16 15.03 25.20
N SER B 198 -58.69 14.08 24.43
CA SER B 198 -58.66 14.14 22.98
C SER B 198 -60.01 13.69 22.44
N VAL B 199 -60.41 14.28 21.33
CA VAL B 199 -61.70 13.98 20.71
C VAL B 199 -61.63 14.35 19.23
N VAL B 200 -62.24 13.51 18.40
CA VAL B 200 -62.29 13.71 16.96
C VAL B 200 -63.75 13.68 16.52
N THR B 201 -64.16 14.67 15.73
CA THR B 201 -65.52 14.75 15.23
C THR B 201 -65.61 14.01 13.89
N VAL B 202 -66.39 12.93 13.86
CA VAL B 202 -66.54 12.11 12.67
C VAL B 202 -68.02 11.92 12.37
N PRO B 203 -68.41 11.69 11.12
CA PRO B 203 -69.82 11.43 10.81
C PRO B 203 -70.30 10.13 11.43
N SER B 204 -71.61 9.94 11.39
CA SER B 204 -72.25 8.77 11.98
C SER B 204 -72.40 7.61 11.01
N SER B 205 -72.24 7.84 9.71
CA SER B 205 -72.40 6.79 8.71
C SER B 205 -71.19 5.86 8.62
N SER B 206 -70.14 6.09 9.42
CA SER B 206 -68.92 5.28 9.38
C SER B 206 -68.88 4.40 10.62
N LEU B 207 -69.15 3.11 10.44
CA LEU B 207 -69.08 2.14 11.53
C LEU B 207 -68.06 1.04 11.22
N GLY B 208 -68.35 0.16 10.26
CA GLY B 208 -67.41 -0.87 9.89
C GLY B 208 -66.58 -0.49 8.68
N THR B 209 -66.42 0.81 8.46
CA THR B 209 -65.65 1.33 7.33
C THR B 209 -64.39 2.06 7.76
N GLN B 210 -64.13 2.17 9.06
CA GLN B 210 -62.94 2.87 9.54
C GLN B 210 -62.62 2.36 10.95
N THR B 211 -61.33 2.16 11.21
CA THR B 211 -60.85 1.69 12.50
C THR B 211 -60.28 2.88 13.28
N TYR B 212 -60.80 3.08 14.50
CA TYR B 212 -60.38 4.18 15.36
C TYR B 212 -59.37 3.65 16.37
N ILE B 213 -58.12 4.08 16.24
CA ILE B 213 -57.05 3.68 17.14
C ILE B 213 -56.26 4.93 17.52
N CYS B 214 -56.37 5.35 18.77
CA CYS B 214 -55.63 6.50 19.27
C CYS B 214 -54.30 6.04 19.85
N ASN B 215 -53.23 6.71 19.45
CA ASN B 215 -51.87 6.35 19.85
C ASN B 215 -51.36 7.38 20.86
N VAL B 216 -51.41 7.02 22.14
CA VAL B 216 -50.94 7.88 23.22
C VAL B 216 -49.51 7.47 23.55
N ASN B 217 -48.57 8.40 23.37
CA ASN B 217 -47.15 8.14 23.57
C ASN B 217 -46.65 9.02 24.72
N HIS B 218 -46.05 8.39 25.73
CA HIS B 218 -45.43 9.10 26.85
C HIS B 218 -43.99 8.58 26.97
N LYS B 219 -43.05 9.39 26.51
CA LYS B 219 -41.64 9.02 26.47
C LYS B 219 -40.97 8.97 27.85
N PRO B 220 -41.25 9.89 28.77
CA PRO B 220 -40.59 9.80 30.09
C PRO B 220 -40.83 8.48 30.81
N SER B 221 -41.97 7.85 30.62
CA SER B 221 -42.25 6.56 31.25
C SER B 221 -41.93 5.37 30.37
N ASN B 222 -41.56 5.60 29.10
CA ASN B 222 -41.21 4.54 28.16
C ASN B 222 -42.36 3.54 28.00
N THR B 223 -43.56 4.08 27.76
CA THR B 223 -44.76 3.28 27.58
C THR B 223 -45.61 3.89 26.47
N LYS B 224 -46.13 3.02 25.60
CA LYS B 224 -47.02 3.43 24.52
C LYS B 224 -48.33 2.64 24.63
N VAL B 225 -49.46 3.33 24.47
CA VAL B 225 -50.78 2.75 24.61
C VAL B 225 -51.53 2.92 23.29
N ASP B 226 -52.14 1.85 22.82
CA ASP B 226 -52.97 1.86 21.61
C ASP B 226 -54.36 1.38 21.98
N LYS B 227 -55.32 2.30 22.01
CA LYS B 227 -56.69 2.00 22.40
C LYS B 227 -57.60 1.97 21.19
N ARG B 228 -58.59 1.07 21.21
CA ARG B 228 -59.57 0.93 20.14
C ARG B 228 -60.88 1.57 20.59
N VAL B 229 -61.23 2.69 19.97
CA VAL B 229 -62.46 3.39 20.32
C VAL B 229 -63.65 2.67 19.71
N GLU B 230 -64.64 2.37 20.55
CA GLU B 230 -65.83 1.66 20.08
C GLU B 230 -66.70 2.60 19.24
N PRO B 231 -67.10 2.21 18.04
CA PRO B 231 -67.98 3.07 17.23
C PRO B 231 -69.44 3.06 17.66
N LYS B 232 -69.81 2.23 18.63
CA LYS B 232 -71.18 2.16 19.11
C LYS B 232 -71.36 3.13 20.27
N SER B 233 -72.21 4.13 20.08
CA SER B 233 -72.41 5.17 21.08
C SER B 233 -73.54 4.79 22.03
N CYS B 234 -73.72 5.62 23.06
CA CYS B 234 -74.77 5.43 24.05
C CYS B 234 -75.65 6.66 24.25
N ASP B 235 -75.40 7.74 23.52
CA ASP B 235 -76.20 8.94 23.65
C ASP B 235 -77.57 8.73 23.00
N LYS B 236 -78.61 9.19 23.69
CA LYS B 236 -79.98 9.06 23.18
C LYS B 236 -80.28 10.01 22.04
N GLY B 237 -79.39 10.97 21.76
CA GLY B 237 -79.59 11.89 20.66
C GLY B 237 -78.95 11.40 19.38
N LEU B 238 -78.01 10.47 19.49
CA LEU B 238 -77.32 9.91 18.33
C LEU B 238 -77.92 8.59 17.86
N GLU B 239 -78.60 7.85 18.74
CA GLU B 239 -79.21 6.59 18.36
C GLU B 239 -80.35 6.76 17.36
N VAL B 240 -80.87 7.97 17.19
CA VAL B 240 -81.90 8.22 16.19
C VAL B 240 -81.34 8.07 14.78
N LEU B 241 -80.02 8.23 14.61
CA LEU B 241 -79.40 8.12 13.30
C LEU B 241 -78.99 6.70 12.94
N PHE B 242 -78.83 5.82 13.93
CA PHE B 242 -78.43 4.44 13.66
C PHE B 242 -79.64 3.52 13.66
N SER C 2 -38.80 42.20 34.91
CA SER C 2 -38.15 42.69 33.70
C SER C 2 -37.90 44.19 33.76
N VAL C 3 -36.80 44.64 33.15
CA VAL C 3 -36.46 46.06 33.14
C VAL C 3 -37.02 46.78 31.93
N LEU C 4 -37.57 46.07 30.95
CA LEU C 4 -38.17 46.67 29.77
C LEU C 4 -39.69 46.59 29.92
N THR C 5 -40.33 47.75 30.03
CA THR C 5 -41.76 47.83 30.30
C THR C 5 -42.51 48.14 29.01
N GLN C 6 -43.55 47.35 28.74
CA GLN C 6 -44.43 47.58 27.61
C GLN C 6 -45.86 47.35 28.05
N SER C 7 -46.79 47.89 27.26
CA SER C 7 -48.21 47.83 27.62
C SER C 7 -48.66 46.37 27.71
N ALA C 8 -49.33 46.04 28.83
CA ALA C 8 -49.77 44.67 29.05
C ALA C 8 -50.85 44.25 28.08
N SER C 9 -51.68 45.19 27.62
CA SER C 9 -52.76 44.86 26.71
C SER C 9 -53.18 46.11 25.94
N VAL C 10 -53.71 45.90 24.74
CA VAL C 10 -54.24 46.97 23.92
C VAL C 10 -55.19 46.34 22.91
N SER C 11 -56.21 47.11 22.50
CA SER C 11 -57.26 46.60 21.63
C SER C 11 -57.16 47.24 20.25
N GLY C 12 -57.94 46.69 19.32
CA GLY C 12 -57.99 47.18 17.96
C GLY C 12 -59.01 46.44 17.12
N SER C 13 -59.86 47.18 16.42
CA SER C 13 -60.92 46.57 15.62
C SER C 13 -60.36 45.98 14.34
N LEU C 14 -61.13 45.09 13.73
CA LEU C 14 -60.73 44.44 12.49
C LEU C 14 -60.66 45.46 11.36
N GLY C 15 -59.74 45.21 10.42
CA GLY C 15 -59.54 46.11 9.30
C GLY C 15 -58.89 47.43 9.64
N GLN C 16 -58.43 47.60 10.88
CA GLN C 16 -57.80 48.85 11.30
C GLN C 16 -56.36 48.62 11.71
N SER C 17 -55.81 49.51 12.54
CA SER C 17 -54.45 49.42 13.02
C SER C 17 -54.44 49.38 14.54
N VAL C 18 -53.25 49.15 15.10
CA VAL C 18 -53.07 49.09 16.54
C VAL C 18 -51.61 49.39 16.85
N THR C 19 -51.38 50.20 17.89
CA THR C 19 -50.04 50.61 18.28
C THR C 19 -49.69 50.01 19.64
N ILE C 20 -48.47 49.51 19.76
CA ILE C 20 -47.98 48.89 20.98
C ILE C 20 -46.75 49.67 21.45
N SER C 21 -46.76 50.06 22.73
CA SER C 21 -45.63 50.76 23.31
C SER C 21 -44.61 49.77 23.87
N CYS C 22 -43.37 50.27 24.01
CA CYS C 22 -42.27 49.44 24.52
C CYS C 22 -41.15 50.41 24.92
N THR C 23 -41.16 50.80 26.20
CA THR C 23 -40.20 51.79 26.69
C THR C 23 -39.46 51.30 27.93
N GLY C 24 -38.71 52.20 28.56
CA GLY C 24 -37.94 51.87 29.74
C GLY C 24 -36.89 52.91 30.04
N PRO C 25 -35.99 52.59 30.97
CA PRO C 25 -34.90 53.52 31.29
C PRO C 25 -33.94 53.69 30.13
N ASN C 26 -33.06 54.69 30.25
CA ASN C 26 -32.11 54.99 29.19
C ASN C 26 -31.09 53.88 28.98
N SER C 27 -30.88 53.02 29.98
CA SER C 27 -29.90 51.95 29.84
C SER C 27 -30.37 50.85 28.89
N VAL C 28 -31.66 50.79 28.57
CA VAL C 28 -32.17 49.78 27.67
C VAL C 28 -32.93 50.36 26.49
N CYS C 29 -33.40 51.60 26.54
CA CYS C 29 -34.18 52.17 25.45
C CYS C 29 -34.14 53.69 25.56
N CYS C 30 -33.95 54.36 24.42
CA CYS C 30 -33.75 53.69 23.14
C CYS C 30 -32.59 54.33 22.39
N SER C 31 -31.91 55.27 23.04
CA SER C 31 -30.76 55.92 22.43
C SER C 31 -29.62 54.91 22.27
N HIS C 32 -29.10 54.81 21.05
CA HIS C 32 -28.03 53.87 20.71
C HIS C 32 -28.46 52.43 20.99
N LYS C 33 -29.74 52.14 20.76
CA LYS C 33 -30.31 50.82 20.97
C LYS C 33 -31.21 50.47 19.80
N SER C 34 -31.31 49.17 19.52
CA SER C 34 -32.16 48.66 18.46
C SER C 34 -33.35 47.91 19.05
N ILE C 35 -34.43 47.83 18.28
CA ILE C 35 -35.68 47.24 18.72
C ILE C 35 -36.10 46.15 17.73
N SER C 36 -36.65 45.06 18.26
CA SER C 36 -37.14 43.96 17.44
C SER C 36 -38.44 43.45 18.04
N TRP C 37 -39.32 42.95 17.17
CA TRP C 37 -40.63 42.45 17.59
C TRP C 37 -40.78 40.98 17.20
N TYR C 38 -41.68 40.29 17.90
CA TYR C 38 -41.92 38.88 17.67
C TYR C 38 -43.39 38.56 17.92
N GLN C 39 -43.93 37.66 17.10
CA GLN C 39 -45.24 37.08 17.33
C GLN C 39 -45.06 35.75 18.04
N TRP C 40 -45.37 35.71 19.34
CA TRP C 40 -45.09 34.55 20.19
C TRP C 40 -46.39 34.01 20.76
N PRO C 41 -47.08 33.12 20.05
CA PRO C 41 -48.25 32.45 20.63
C PRO C 41 -47.84 31.55 21.77
N PRO C 42 -48.60 31.55 22.87
CA PRO C 42 -48.24 30.72 24.03
C PRO C 42 -48.23 29.23 23.69
N GLY C 43 -47.09 28.58 23.90
CA GLY C 43 -46.94 27.18 23.64
C GLY C 43 -46.42 26.82 22.27
N ARG C 44 -46.34 27.79 21.35
CA ARG C 44 -45.89 27.56 20.00
C ARG C 44 -44.53 28.22 19.78
N ALA C 45 -44.04 28.16 18.54
CA ALA C 45 -42.78 28.77 18.17
C ALA C 45 -42.99 30.20 17.71
N PRO C 46 -42.14 31.13 18.13
CA PRO C 46 -42.30 32.53 17.73
C PRO C 46 -41.91 32.74 16.27
N THR C 47 -42.30 33.90 15.75
CA THR C 47 -42.01 34.29 14.37
C THR C 47 -41.51 35.72 14.37
N LEU C 48 -40.31 35.93 13.82
CA LEU C 48 -39.72 37.26 13.78
C LEU C 48 -40.51 38.15 12.82
N ILE C 49 -40.89 39.33 13.29
CA ILE C 49 -41.70 40.22 12.47
C ILE C 49 -40.86 41.38 12.00
N ILE C 50 -40.29 42.12 12.94
CA ILE C 50 -39.56 43.35 12.66
C ILE C 50 -38.18 43.26 13.30
N TYR C 51 -37.16 43.66 12.53
CA TYR C 51 -35.80 43.70 13.01
C TYR C 51 -35.13 44.99 12.56
N GLU C 52 -34.22 45.50 13.39
CA GLU C 52 -33.49 46.74 13.14
C GLU C 52 -34.46 47.90 12.86
N ASP C 53 -35.29 48.18 13.89
CA ASP C 53 -36.21 49.30 13.91
C ASP C 53 -37.32 49.19 12.87
N ASN C 54 -37.10 49.74 11.67
CA ASN C 54 -38.16 49.83 10.67
C ASN C 54 -38.23 48.62 9.75
N GLU C 55 -37.15 47.87 9.60
CA GLU C 55 -37.07 46.83 8.59
C GLU C 55 -37.83 45.58 9.02
N ARG C 56 -38.53 44.96 8.06
CA ARG C 56 -39.31 43.76 8.31
C ARG C 56 -38.47 42.51 8.05
N ALA C 57 -38.91 41.41 8.66
CA ALA C 57 -38.27 40.12 8.46
C ALA C 57 -38.69 39.51 7.12
N PRO C 58 -37.89 38.60 6.57
CA PRO C 58 -38.28 37.94 5.32
C PRO C 58 -39.59 37.17 5.47
N GLY C 59 -40.40 37.23 4.42
CA GLY C 59 -41.67 36.51 4.45
C GLY C 59 -42.77 37.19 5.23
N ILE C 60 -42.51 38.36 5.79
CA ILE C 60 -43.50 39.08 6.58
C ILE C 60 -44.30 40.01 5.68
N SER C 61 -45.62 39.96 5.79
CA SER C 61 -46.49 40.80 5.00
C SER C 61 -46.23 42.28 5.34
N PRO C 62 -46.39 43.19 4.37
CA PRO C 62 -46.17 44.61 4.64
C PRO C 62 -47.25 45.25 5.51
N ARG C 63 -48.08 44.42 6.15
CA ARG C 63 -49.09 44.96 7.06
C ARG C 63 -48.50 45.41 8.38
N PHE C 64 -47.24 45.10 8.66
CA PHE C 64 -46.58 45.49 9.89
C PHE C 64 -45.62 46.64 9.63
N SER C 65 -45.41 47.47 10.66
CA SER C 65 -44.51 48.60 10.58
C SER C 65 -44.13 49.04 11.98
N GLY C 66 -42.89 49.53 12.12
CA GLY C 66 -42.39 49.96 13.41
C GLY C 66 -41.84 51.37 13.34
N TYR C 67 -41.47 51.89 14.51
CA TYR C 67 -40.88 53.22 14.63
C TYR C 67 -40.27 53.39 16.02
N LYS C 68 -39.03 53.84 16.08
CA LYS C 68 -38.32 54.04 17.34
C LYS C 68 -38.00 55.51 17.52
N SER C 69 -38.40 56.07 18.65
CA SER C 69 -38.07 57.44 19.02
C SER C 69 -36.78 57.41 19.84
N TYR C 70 -36.55 58.45 20.65
CA TYR C 70 -35.41 58.46 21.55
C TYR C 70 -35.75 57.91 22.93
N TRP C 71 -37.01 57.56 23.19
CA TRP C 71 -37.44 57.06 24.49
C TRP C 71 -38.36 55.86 24.42
N SER C 72 -38.91 55.54 23.25
CA SER C 72 -39.82 54.40 23.14
C SER C 72 -39.91 53.98 21.67
N ALA C 73 -40.33 52.73 21.47
CA ALA C 73 -40.57 52.18 20.14
C ALA C 73 -42.01 51.72 20.03
N TYR C 74 -42.52 51.73 18.80
CA TYR C 74 -43.92 51.39 18.54
C TYR C 74 -44.01 50.39 17.40
N LEU C 75 -45.14 49.67 17.38
CA LEU C 75 -45.43 48.68 16.36
C LEU C 75 -46.86 48.86 15.88
N THR C 76 -47.02 49.04 14.57
CA THR C 76 -48.33 49.28 13.97
C THR C 76 -48.71 48.09 13.09
N ILE C 77 -49.85 47.47 13.39
CA ILE C 77 -50.34 46.34 12.62
C ILE C 77 -51.58 46.76 11.87
N SER C 78 -51.41 47.25 10.64
CA SER C 78 -52.53 47.70 9.83
C SER C 78 -53.30 46.51 9.27
N ASP C 79 -54.60 46.72 9.06
CA ASP C 79 -55.51 45.67 8.59
C ASP C 79 -55.42 44.45 9.50
N LEU C 80 -56.04 44.54 10.68
CA LEU C 80 -55.91 43.48 11.67
C LEU C 80 -56.56 42.19 11.19
N ARG C 81 -55.97 41.07 11.61
CA ARG C 81 -56.44 39.74 11.29
C ARG C 81 -56.85 39.00 12.56
N PRO C 82 -57.76 38.02 12.46
CA PRO C 82 -58.14 37.26 13.66
C PRO C 82 -56.99 36.48 14.27
N GLU C 83 -56.02 36.04 13.46
CA GLU C 83 -54.88 35.30 13.99
C GLU C 83 -53.83 36.19 14.64
N ASP C 84 -53.96 37.51 14.52
CA ASP C 84 -53.03 38.42 15.19
C ASP C 84 -53.32 38.58 16.67
N GLU C 85 -54.48 38.12 17.14
CA GLU C 85 -54.82 38.20 18.56
C GLU C 85 -53.94 37.24 19.36
N THR C 86 -52.76 37.72 19.76
CA THR C 86 -51.81 36.89 20.49
C THR C 86 -50.89 37.82 21.29
N THR C 87 -49.87 37.23 21.93
CA THR C 87 -48.93 37.99 22.74
C THR C 87 -47.74 38.42 21.89
N TYR C 88 -47.31 39.67 22.10
CA TYR C 88 -46.19 40.25 21.37
C TYR C 88 -45.16 40.78 22.34
N TYR C 89 -43.90 40.42 22.12
CA TYR C 89 -42.78 40.87 22.94
C TYR C 89 -41.85 41.75 22.11
N CYS C 90 -41.14 42.64 22.79
CA CYS C 90 -40.14 43.49 22.17
C CYS C 90 -38.78 43.24 22.82
N CYS C 91 -37.72 43.36 22.02
CA CYS C 91 -36.37 43.20 22.51
C CYS C 91 -35.55 44.47 22.26
N SER C 92 -34.57 44.70 23.13
CA SER C 92 -33.61 45.78 22.97
C SER C 92 -32.22 45.16 22.86
N TYR C 93 -31.47 45.58 21.85
CA TYR C 93 -30.16 44.99 21.59
C TYR C 93 -29.30 46.00 20.84
N THR C 94 -28.03 45.64 20.68
CA THR C 94 -27.09 46.43 19.90
C THR C 94 -26.33 45.47 18.99
N HIS C 95 -25.15 45.89 18.55
CA HIS C 95 -24.27 45.03 17.75
C HIS C 95 -23.39 44.13 18.62
N ASN C 96 -23.26 44.43 19.91
CA ASN C 96 -22.35 43.72 20.79
C ASN C 96 -23.05 43.03 21.95
N SER C 97 -24.02 43.69 22.58
CA SER C 97 -24.68 43.15 23.76
C SER C 97 -25.66 42.03 23.33
N GLY C 98 -26.45 41.56 24.28
CA GLY C 98 -27.46 40.54 24.05
C GLY C 98 -28.85 41.12 23.93
N CYS C 99 -29.84 40.33 24.29
CA CYS C 99 -31.23 40.76 24.26
C CYS C 99 -31.80 40.91 25.66
N VAL C 100 -32.77 41.82 25.80
CA VAL C 100 -33.52 42.02 27.03
C VAL C 100 -34.99 42.11 26.64
N PHE C 101 -35.77 41.11 27.05
CA PHE C 101 -37.17 41.03 26.66
C PHE C 101 -38.03 41.96 27.51
N GLY C 102 -39.31 42.05 27.13
CA GLY C 102 -40.28 42.85 27.84
C GLY C 102 -41.10 42.03 28.82
N THR C 103 -42.30 42.51 29.12
CA THR C 103 -43.18 41.87 30.08
C THR C 103 -44.37 41.16 29.46
N GLY C 104 -44.65 41.40 28.18
CA GLY C 104 -45.79 40.77 27.54
C GLY C 104 -46.88 41.75 27.16
N THR C 105 -47.37 41.65 25.92
CA THR C 105 -48.45 42.50 25.43
C THR C 105 -49.55 41.62 24.85
N LYS C 106 -50.68 41.56 25.54
CA LYS C 106 -51.81 40.74 25.11
C LYS C 106 -52.71 41.59 24.22
N VAL C 107 -52.59 41.41 22.92
CA VAL C 107 -53.39 42.16 21.96
C VAL C 107 -54.74 41.47 21.77
N SER C 108 -55.82 42.22 21.97
CA SER C 108 -57.17 41.71 21.82
C SER C 108 -57.81 42.41 20.62
N VAL C 109 -58.03 41.65 19.55
CA VAL C 109 -58.61 42.20 18.33
C VAL C 109 -60.12 42.21 18.47
N LEU C 110 -60.70 43.40 18.62
CA LEU C 110 -62.13 43.55 18.75
C LEU C 110 -62.82 43.48 17.38
N GLY C 111 -64.14 43.61 17.39
CA GLY C 111 -64.93 43.54 16.18
C GLY C 111 -65.05 42.17 15.56
N GLN C 112 -64.71 41.10 16.28
CA GLN C 112 -64.81 39.75 15.75
C GLN C 112 -66.18 39.15 16.04
N SER C 113 -66.47 38.04 15.35
CA SER C 113 -67.76 37.38 15.51
C SER C 113 -67.79 36.53 16.78
N LYS C 114 -69.00 36.33 17.30
CA LYS C 114 -69.18 35.53 18.50
C LYS C 114 -69.00 34.05 18.18
N ALA C 115 -69.05 33.22 19.23
CA ALA C 115 -68.91 31.77 19.08
C ALA C 115 -69.48 31.11 20.32
N ASN C 116 -70.61 30.42 20.16
CA ASN C 116 -71.20 29.71 21.29
C ASN C 116 -70.38 28.46 21.60
N PRO C 117 -70.17 28.14 22.87
CA PRO C 117 -69.30 27.01 23.21
C PRO C 117 -69.96 25.67 22.91
N SER C 118 -69.11 24.67 22.67
CA SER C 118 -69.54 23.30 22.42
C SER C 118 -69.09 22.45 23.61
N VAL C 119 -70.04 22.02 24.42
CA VAL C 119 -69.77 21.30 25.66
C VAL C 119 -70.27 19.87 25.51
N THR C 120 -69.45 18.90 25.94
CA THR C 120 -69.81 17.49 25.90
C THR C 120 -69.30 16.84 27.18
N LEU C 121 -70.22 16.37 28.02
CA LEU C 121 -69.87 15.74 29.28
C LEU C 121 -69.74 14.23 29.10
N PHE C 122 -68.74 13.65 29.74
CA PHE C 122 -68.47 12.23 29.64
C PHE C 122 -68.57 11.57 31.00
N PRO C 123 -69.33 10.48 31.13
CA PRO C 123 -69.41 9.77 32.41
C PRO C 123 -68.20 8.89 32.62
N PRO C 124 -67.99 8.38 33.83
CA PRO C 124 -66.86 7.46 34.06
C PRO C 124 -67.04 6.17 33.25
N SER C 125 -65.94 5.71 32.67
CA SER C 125 -65.97 4.53 31.82
C SER C 125 -66.11 3.26 32.64
N SER C 126 -66.30 2.15 31.94
CA SER C 126 -66.44 0.86 32.62
C SER C 126 -65.13 0.37 33.19
N GLU C 127 -64.00 0.68 32.53
CA GLU C 127 -62.70 0.29 33.05
C GLU C 127 -62.35 1.08 34.31
N GLU C 128 -62.88 2.29 34.45
CA GLU C 128 -62.62 3.10 35.63
C GLU C 128 -63.47 2.67 36.82
N LEU C 129 -64.66 2.12 36.55
CA LEU C 129 -65.53 1.65 37.62
C LEU C 129 -65.04 0.35 38.25
N GLN C 130 -64.05 -0.31 37.67
CA GLN C 130 -63.45 -1.51 38.24
C GLN C 130 -62.12 -1.21 38.91
N ALA C 131 -61.87 0.05 39.30
CA ALA C 131 -60.62 0.46 39.92
C ALA C 131 -60.70 0.55 41.45
N ASN C 132 -61.69 1.23 42.04
CA ASN C 132 -62.82 1.91 41.39
C ASN C 132 -62.80 3.41 41.65
N LYS C 133 -63.02 4.19 40.59
CA LYS C 133 -63.08 5.65 40.68
C LYS C 133 -64.16 6.14 39.73
N ALA C 134 -64.37 7.46 39.72
CA ALA C 134 -65.36 8.08 38.85
C ALA C 134 -64.93 9.50 38.56
N THR C 135 -64.76 9.82 37.28
CA THR C 135 -64.32 11.15 36.86
C THR C 135 -65.16 11.62 35.69
N LEU C 136 -65.72 12.82 35.81
CA LEU C 136 -66.53 13.42 34.76
C LEU C 136 -65.67 14.37 33.93
N VAL C 137 -65.71 14.20 32.61
CA VAL C 137 -64.92 15.00 31.68
C VAL C 137 -65.85 15.99 31.00
N CYS C 138 -65.62 17.28 31.23
CA CYS C 138 -66.43 18.35 30.66
C CYS C 138 -65.50 19.23 29.81
N LEU C 139 -65.60 19.10 28.49
CA LEU C 139 -64.73 19.80 27.56
C LEU C 139 -65.46 20.99 26.96
N ILE C 140 -64.74 22.10 26.79
CA ILE C 140 -65.27 23.33 26.22
C ILE C 140 -64.41 23.73 25.03
N SER C 141 -65.05 24.10 23.93
CA SER C 141 -64.33 24.47 22.73
C SER C 141 -65.17 25.43 21.90
N ASP C 142 -64.47 26.19 21.04
CA ASP C 142 -65.08 27.09 20.07
C ASP C 142 -65.95 28.15 20.77
N PHE C 143 -65.31 28.92 21.64
CA PHE C 143 -65.96 30.04 22.31
C PHE C 143 -65.03 31.25 22.28
N TYR C 144 -65.62 32.44 22.11
CA TYR C 144 -64.87 33.68 22.02
C TYR C 144 -65.65 34.77 22.74
N PRO C 145 -65.00 35.58 23.59
CA PRO C 145 -63.57 35.49 23.93
C PRO C 145 -63.27 34.38 24.93
N GLY C 146 -62.00 34.25 25.32
CA GLY C 146 -61.60 33.23 26.26
C GLY C 146 -61.79 33.63 27.70
N ALA C 147 -63.01 33.47 28.22
CA ALA C 147 -63.30 33.81 29.62
C ALA C 147 -64.62 33.11 29.99
N VAL C 148 -64.49 31.93 30.58
CA VAL C 148 -65.64 31.13 31.00
C VAL C 148 -65.40 30.62 32.41
N THR C 149 -66.50 30.44 33.15
CA THR C 149 -66.47 29.88 34.49
C THR C 149 -67.33 28.62 34.54
N VAL C 150 -66.85 27.61 35.25
CA VAL C 150 -67.50 26.30 35.31
C VAL C 150 -67.93 26.04 36.74
N ALA C 151 -69.17 25.57 36.91
CA ALA C 151 -69.71 25.20 38.21
C ALA C 151 -70.38 23.83 38.09
N TRP C 152 -70.19 23.00 39.12
CA TRP C 152 -70.73 21.65 39.14
C TRP C 152 -71.82 21.53 40.20
N LYS C 153 -72.70 20.56 39.99
CA LYS C 153 -73.80 20.30 40.92
C LYS C 153 -73.95 18.81 41.13
N ALA C 154 -74.30 18.42 42.36
CA ALA C 154 -74.54 17.02 42.71
C ALA C 154 -76.04 16.83 42.85
N ASP C 155 -76.68 16.47 41.72
CA ASP C 155 -78.13 16.31 41.65
C ASP C 155 -78.84 17.60 42.07
N SER C 156 -78.57 18.66 41.30
CA SER C 156 -79.16 19.99 41.53
C SER C 156 -78.80 20.53 42.91
N SER C 157 -77.56 20.27 43.34
CA SER C 157 -77.05 20.76 44.62
C SER C 157 -75.60 21.17 44.40
N PRO C 158 -75.23 22.41 44.73
CA PRO C 158 -73.87 22.89 44.47
C PRO C 158 -72.80 21.95 45.04
N VAL C 159 -71.73 21.77 44.28
CA VAL C 159 -70.59 20.96 44.68
C VAL C 159 -69.47 21.87 45.13
N LYS C 160 -68.91 21.58 46.31
CA LYS C 160 -67.81 22.37 46.87
C LYS C 160 -66.62 21.47 47.22
N ALA C 161 -66.44 20.39 46.47
CA ALA C 161 -65.34 19.46 46.73
C ALA C 161 -65.01 18.72 45.44
N GLY C 162 -63.77 18.82 44.99
CA GLY C 162 -63.33 18.11 43.80
C GLY C 162 -63.58 18.83 42.50
N VAL C 163 -63.63 20.16 42.52
CA VAL C 163 -63.89 20.96 41.32
C VAL C 163 -62.57 21.54 40.83
N GLU C 164 -62.31 21.42 39.52
CA GLU C 164 -61.10 21.95 38.92
C GLU C 164 -61.38 22.28 37.46
N THR C 165 -60.81 23.39 36.99
CA THR C 165 -61.03 23.86 35.63
C THR C 165 -59.75 24.50 35.12
N THR C 166 -59.47 24.30 33.83
CA THR C 166 -58.28 24.84 33.20
C THR C 166 -58.54 26.27 32.70
N THR C 167 -57.46 26.91 32.21
CA THR C 167 -57.50 28.25 31.66
C THR C 167 -57.85 28.21 30.18
N PRO C 168 -58.52 29.25 29.67
CA PRO C 168 -58.86 29.27 28.24
C PRO C 168 -57.61 29.33 27.37
N SER C 169 -57.53 28.41 26.43
CA SER C 169 -56.38 28.30 25.53
C SER C 169 -56.83 28.49 24.09
N LYS C 170 -56.04 29.23 23.31
CA LYS C 170 -56.37 29.50 21.92
C LYS C 170 -56.12 28.29 21.05
N GLN C 171 -57.03 28.05 20.11
CA GLN C 171 -56.91 26.94 19.18
C GLN C 171 -56.21 27.40 17.91
N SER C 172 -56.26 26.57 16.86
CA SER C 172 -55.67 26.91 15.57
C SER C 172 -56.65 27.64 14.67
N ASN C 173 -57.96 27.54 14.93
CA ASN C 173 -58.97 28.23 14.15
C ASN C 173 -59.34 29.59 14.73
N ASN C 174 -58.41 30.21 15.47
CA ASN C 174 -58.62 31.54 16.06
C ASN C 174 -59.80 31.54 17.03
N LYS C 175 -59.88 30.50 17.85
CA LYS C 175 -60.89 30.41 18.90
C LYS C 175 -60.25 29.84 20.15
N TYR C 176 -60.99 29.89 21.26
CA TYR C 176 -60.49 29.47 22.56
C TYR C 176 -61.12 28.15 22.98
N ALA C 177 -60.40 27.44 23.85
CA ALA C 177 -60.84 26.14 24.36
C ALA C 177 -60.47 26.02 25.83
N ALA C 178 -61.17 25.12 26.51
CA ALA C 178 -60.93 24.88 27.93
C ALA C 178 -61.42 23.48 28.28
N SER C 179 -61.31 23.12 29.55
CA SER C 179 -61.73 21.82 30.03
C SER C 179 -61.91 21.86 31.53
N SER C 180 -62.79 21.00 32.04
CA SER C 180 -63.08 20.92 33.47
C SER C 180 -63.31 19.48 33.85
N TYR C 181 -63.00 19.16 35.11
CA TYR C 181 -63.15 17.80 35.63
C TYR C 181 -63.70 17.88 37.04
N LEU C 182 -64.49 16.86 37.41
CA LEU C 182 -65.06 16.74 38.74
C LEU C 182 -64.64 15.41 39.35
N SER C 183 -63.98 15.47 40.50
CA SER C 183 -63.53 14.28 41.20
C SER C 183 -64.62 13.82 42.17
N LEU C 184 -65.16 12.63 41.94
CA LEU C 184 -66.23 12.08 42.75
C LEU C 184 -65.85 10.70 43.26
N THR C 185 -66.37 10.37 44.45
CA THR C 185 -66.17 9.05 45.01
C THR C 185 -67.12 8.05 44.36
N PRO C 186 -66.75 6.77 44.31
CA PRO C 186 -67.66 5.77 43.71
C PRO C 186 -68.99 5.65 44.41
N GLU C 187 -69.11 6.14 45.65
CA GLU C 187 -70.38 6.08 46.37
C GLU C 187 -71.34 7.19 45.94
N GLN C 188 -70.82 8.36 45.57
CA GLN C 188 -71.68 9.45 45.14
C GLN C 188 -72.10 9.33 43.68
N TRP C 189 -71.42 8.51 42.89
CA TRP C 189 -71.85 8.30 41.50
C TRP C 189 -73.09 7.42 41.43
N LYS C 190 -73.24 6.49 42.37
CA LYS C 190 -74.39 5.61 42.43
C LYS C 190 -75.46 6.11 43.39
N SER C 191 -75.24 7.24 44.05
CA SER C 191 -76.22 7.81 44.97
C SER C 191 -76.96 9.02 44.41
N HIS C 192 -76.38 9.72 43.44
CA HIS C 192 -77.01 10.87 42.82
C HIS C 192 -77.67 10.46 41.51
N ARG C 193 -78.85 11.00 41.24
CA ARG C 193 -79.59 10.62 40.05
C ARG C 193 -78.97 11.20 38.78
N SER C 194 -78.25 12.32 38.89
CA SER C 194 -77.64 12.94 37.72
C SER C 194 -76.61 13.96 38.19
N TYR C 195 -75.64 14.22 37.30
CA TYR C 195 -74.62 15.23 37.52
C TYR C 195 -74.59 16.17 36.31
N SER C 196 -74.25 17.43 36.58
CA SER C 196 -74.30 18.47 35.56
C SER C 196 -72.99 19.24 35.54
N CYS C 197 -72.73 19.89 34.41
CA CYS C 197 -71.56 20.74 34.21
C CYS C 197 -72.03 22.07 33.62
N GLN C 198 -72.10 23.10 34.45
CA GLN C 198 -72.51 24.43 34.01
C GLN C 198 -71.32 25.21 33.50
N VAL C 199 -71.53 25.96 32.41
CA VAL C 199 -70.49 26.78 31.80
C VAL C 199 -71.09 28.15 31.53
N THR C 200 -70.61 29.16 32.24
CA THR C 200 -71.07 30.54 32.08
C THR C 200 -70.17 31.29 31.11
N HIS C 201 -70.79 32.03 30.19
CA HIS C 201 -70.05 32.78 29.18
C HIS C 201 -70.86 33.99 28.77
N GLU C 202 -70.47 35.17 29.25
CA GLU C 202 -71.12 36.44 28.91
C GLU C 202 -72.62 36.40 29.25
N GLY C 203 -72.92 35.93 30.45
CA GLY C 203 -74.31 35.83 30.89
C GLY C 203 -75.04 34.59 30.45
N SER C 204 -74.91 34.20 29.18
CA SER C 204 -75.54 33.00 28.67
C SER C 204 -74.82 31.78 29.23
N THR C 205 -75.53 30.99 30.03
CA THR C 205 -74.95 29.83 30.70
C THR C 205 -75.43 28.56 30.01
N VAL C 206 -74.49 27.71 29.61
CA VAL C 206 -74.81 26.41 29.02
C VAL C 206 -74.51 25.33 30.04
N GLU C 207 -75.17 24.18 29.87
CA GLU C 207 -75.06 23.11 30.85
C GLU C 207 -75.40 21.79 30.19
N LYS C 208 -74.65 20.74 30.54
CA LYS C 208 -74.91 19.39 30.08
C LYS C 208 -75.00 18.46 31.28
N THR C 209 -75.88 17.46 31.17
CA THR C 209 -76.18 16.57 32.29
C THR C 209 -76.19 15.12 31.82
N VAL C 210 -75.47 14.27 32.53
CA VAL C 210 -75.51 12.84 32.31
C VAL C 210 -76.34 12.20 33.41
N ALA C 211 -76.71 10.94 33.22
CA ALA C 211 -77.57 10.22 34.16
C ALA C 211 -76.98 8.84 34.45
N PRO C 212 -76.50 8.58 35.67
CA PRO C 212 -76.05 7.22 35.99
C PRO C 212 -77.17 6.21 36.02
N THR C 213 -78.41 6.64 36.27
CA THR C 213 -79.55 5.73 36.33
C THR C 213 -79.95 5.20 34.96
N GLU C 214 -79.41 5.76 33.88
CA GLU C 214 -79.77 5.31 32.54
C GLU C 214 -78.51 4.96 31.74
N ALA D 1 -33.66 54.92 -4.17
CA ALA D 1 -34.38 54.84 -2.90
C ALA D 1 -34.85 53.42 -2.65
N GLU D 2 -36.17 53.25 -2.52
CA GLU D 2 -36.73 51.92 -2.36
C GLU D 2 -36.61 51.09 -3.63
N ASN D 3 -36.44 51.74 -4.79
CA ASN D 3 -36.23 51.05 -6.06
C ASN D 3 -34.73 50.91 -6.28
N LEU D 4 -34.25 49.66 -6.25
CA LEU D 4 -32.83 49.41 -6.42
C LEU D 4 -32.45 49.44 -7.90
N TRP D 5 -31.15 49.54 -8.16
CA TRP D 5 -30.62 49.63 -9.51
C TRP D 5 -29.51 48.61 -9.70
N VAL D 6 -29.34 48.16 -10.93
CA VAL D 6 -28.31 47.18 -11.25
C VAL D 6 -26.95 47.86 -11.27
N THR D 7 -25.97 47.24 -10.62
CA THR D 7 -24.61 47.76 -10.56
C THR D 7 -23.64 46.64 -10.87
N VAL D 8 -22.80 46.83 -11.89
CA VAL D 8 -21.88 45.80 -12.32
C VAL D 8 -20.67 45.77 -11.41
N TYR D 9 -20.16 44.58 -11.14
CA TYR D 9 -19.00 44.38 -10.30
C TYR D 9 -17.93 43.58 -11.07
N TYR D 10 -16.69 44.04 -10.99
CA TYR D 10 -15.57 43.41 -11.67
C TYR D 10 -14.63 42.80 -10.64
N GLY D 11 -14.28 41.53 -10.84
CA GLY D 11 -13.37 40.85 -9.94
C GLY D 11 -14.07 40.15 -8.79
N VAL D 12 -15.22 39.55 -9.08
CA VAL D 12 -16.01 38.87 -8.06
C VAL D 12 -15.53 37.43 -7.91
N PRO D 13 -15.47 36.90 -6.70
CA PRO D 13 -15.08 35.49 -6.53
C PRO D 13 -16.18 34.53 -6.96
N VAL D 14 -16.35 34.36 -8.27
CA VAL D 14 -17.37 33.49 -8.84
C VAL D 14 -16.70 32.55 -9.84
N TRP D 15 -16.96 31.25 -9.71
CA TRP D 15 -16.40 30.28 -10.63
C TRP D 15 -17.42 29.18 -10.91
N LYS D 16 -17.25 28.53 -12.06
CA LYS D 16 -18.05 27.37 -12.43
C LYS D 16 -17.12 26.29 -12.98
N ASP D 17 -17.55 25.04 -12.84
CA ASP D 17 -16.74 23.92 -13.29
C ASP D 17 -16.65 23.93 -14.81
N ALA D 18 -15.44 23.73 -15.33
CA ALA D 18 -15.20 23.70 -16.77
C ALA D 18 -13.89 22.98 -17.03
N GLU D 19 -13.54 22.87 -18.30
CA GLU D 19 -12.32 22.20 -18.74
C GLU D 19 -11.56 23.10 -19.71
N THR D 20 -10.24 23.01 -19.67
CA THR D 20 -9.40 23.82 -20.52
C THR D 20 -8.08 23.09 -20.75
N THR D 21 -7.11 23.79 -21.34
CA THR D 21 -5.80 23.24 -21.65
C THR D 21 -4.84 23.59 -20.52
N LEU D 22 -4.42 22.59 -19.76
CA LEU D 22 -3.49 22.78 -18.66
C LEU D 22 -2.06 22.69 -19.17
N PHE D 23 -1.17 23.45 -18.55
CA PHE D 23 0.25 23.41 -18.90
C PHE D 23 1.06 22.91 -17.70
N CYS D 24 2.38 22.90 -17.88
CA CYS D 24 3.28 22.20 -16.99
C CYS D 24 4.09 23.16 -16.14
N ALA D 25 4.79 22.59 -15.17
CA ALA D 25 5.83 23.28 -14.41
C ALA D 25 6.77 22.22 -13.85
N SER D 26 8.06 22.53 -13.82
CA SER D 26 9.02 21.50 -13.45
C SER D 26 10.27 22.02 -12.74
N ASP D 27 10.08 22.89 -11.74
CA ASP D 27 11.18 23.35 -10.90
C ASP D 27 12.29 24.00 -11.72
N ALA D 28 13.49 24.05 -11.15
CA ALA D 28 14.68 24.56 -11.82
C ALA D 28 15.88 23.68 -11.49
N LYS D 29 15.67 22.37 -11.50
CA LYS D 29 16.75 21.43 -11.18
C LYS D 29 17.79 21.48 -12.30
N ALA D 30 19.05 21.67 -11.90
CA ALA D 30 20.12 21.86 -12.87
C ALA D 30 20.41 20.56 -13.62
N TYR D 31 20.71 20.68 -14.90
CA TYR D 31 21.06 19.54 -15.74
C TYR D 31 21.98 19.96 -16.89
N LYS D 35 22.01 14.58 -19.57
CA LYS D 35 20.76 15.28 -19.24
C LYS D 35 19.58 14.74 -20.06
N HIS D 36 18.40 15.29 -19.79
CA HIS D 36 17.23 15.20 -20.65
C HIS D 36 16.55 13.82 -20.60
N ASN D 37 15.20 13.82 -20.61
CA ASN D 37 14.41 12.62 -20.35
C ASN D 37 13.20 12.59 -21.28
N VAL D 38 12.40 11.52 -21.14
CA VAL D 38 11.22 11.27 -21.97
C VAL D 38 10.17 12.34 -21.71
N TRP D 39 9.60 12.36 -20.51
CA TRP D 39 8.66 13.40 -20.13
C TRP D 39 9.35 14.75 -20.24
N ALA D 40 9.13 15.44 -21.36
CA ALA D 40 9.85 16.66 -21.70
C ALA D 40 9.78 17.70 -20.60
N THR D 41 10.70 17.64 -19.65
CA THR D 41 10.87 18.73 -18.69
C THR D 41 11.61 19.91 -19.30
N HIS D 42 11.88 19.87 -20.61
CA HIS D 42 12.71 20.84 -21.30
C HIS D 42 11.95 22.14 -21.56
N ALA D 43 11.10 22.15 -22.60
CA ALA D 43 10.34 23.32 -22.96
C ALA D 43 9.23 23.60 -21.96
N CYS D 44 9.42 23.16 -20.72
CA CYS D 44 8.45 23.37 -19.66
C CYS D 44 8.79 24.62 -18.87
N VAL D 45 7.75 25.28 -18.38
CA VAL D 45 7.93 26.54 -17.64
C VAL D 45 8.49 26.23 -16.25
N PRO D 46 9.46 26.99 -15.76
CA PRO D 46 9.96 26.77 -14.40
C PRO D 46 8.88 27.03 -13.36
N THR D 47 9.07 26.42 -12.19
CA THR D 47 8.13 26.56 -11.09
C THR D 47 8.47 27.81 -10.26
N ASP D 48 7.43 28.48 -9.78
CA ASP D 48 7.61 29.64 -8.92
C ASP D 48 8.41 29.23 -7.68
N PRO D 49 9.52 29.90 -7.38
CA PRO D 49 10.31 29.53 -6.19
C PRO D 49 9.53 29.61 -4.89
N ASN D 50 8.57 30.53 -4.79
CA ASN D 50 7.71 30.67 -3.61
C ASN D 50 6.26 30.44 -4.03
N PRO D 51 5.80 29.20 -4.06
CA PRO D 51 4.41 28.94 -4.44
C PRO D 51 3.43 29.55 -3.46
N GLN D 52 2.21 29.81 -3.95
CA GLN D 52 1.17 30.43 -3.16
C GLN D 52 -0.04 29.50 -3.06
N GLU D 53 -0.65 29.47 -1.88
CA GLU D 53 -1.85 28.68 -1.64
C GLU D 53 -2.77 29.48 -0.73
N ILE D 54 -3.97 29.80 -1.22
CA ILE D 54 -4.94 30.60 -0.49
C ILE D 54 -6.05 29.67 -0.02
N HIS D 55 -6.20 29.56 1.31
CA HIS D 55 -7.22 28.71 1.89
C HIS D 55 -8.56 29.42 1.80
N LEU D 56 -9.49 28.88 1.02
CA LEU D 56 -10.80 29.47 0.83
C LEU D 56 -11.65 29.15 2.07
N GLU D 57 -11.62 30.07 3.03
CA GLU D 57 -12.37 29.90 4.27
C GLU D 57 -13.87 29.88 3.97
N ASN D 58 -14.60 29.08 4.75
CA ASN D 58 -16.05 28.91 4.69
C ASN D 58 -16.53 28.28 3.40
N VAL D 59 -15.63 27.89 2.50
CA VAL D 59 -16.03 27.41 1.17
C VAL D 59 -16.14 25.89 1.20
N THR D 60 -17.29 25.40 0.73
CA THR D 60 -17.53 23.96 0.57
C THR D 60 -17.78 23.68 -0.90
N GLU D 61 -16.99 22.78 -1.48
CA GLU D 61 -17.05 22.47 -2.89
C GLU D 61 -17.11 20.96 -3.10
N GLU D 62 -17.89 20.52 -4.07
CA GLU D 62 -18.07 19.11 -4.37
C GLU D 62 -17.04 18.68 -5.42
N PHE D 63 -16.12 17.81 -5.03
CA PHE D 63 -15.13 17.28 -5.93
C PHE D 63 -15.60 15.97 -6.57
N ASN D 64 -14.85 15.51 -7.58
CA ASN D 64 -15.15 14.25 -8.23
C ASN D 64 -13.87 13.80 -8.94
N MET D 65 -13.18 12.83 -8.36
CA MET D 65 -11.92 12.35 -8.93
C MET D 65 -12.13 11.44 -10.13
N TRP D 66 -13.29 10.77 -10.21
CA TRP D 66 -13.54 9.82 -11.29
C TRP D 66 -14.02 10.48 -12.57
N LYS D 67 -14.61 11.68 -12.48
CA LYS D 67 -15.02 12.43 -13.65
C LYS D 67 -14.13 13.64 -13.90
N ASN D 68 -12.90 13.62 -13.39
CA ASN D 68 -11.98 14.72 -13.59
C ASN D 68 -11.43 14.70 -15.01
N ASN D 69 -11.12 15.89 -15.53
CA ASN D 69 -10.54 16.02 -16.85
C ASN D 69 -9.01 16.08 -16.83
N MET D 70 -8.42 16.49 -15.71
CA MET D 70 -6.97 16.51 -15.60
C MET D 70 -6.39 15.10 -15.76
N VAL D 71 -7.10 14.09 -15.25
CA VAL D 71 -6.66 12.71 -15.42
C VAL D 71 -6.69 12.30 -16.88
N GLU D 72 -7.82 12.54 -17.55
CA GLU D 72 -7.93 12.21 -18.97
C GLU D 72 -6.97 13.03 -19.80
N GLN D 73 -6.64 14.25 -19.36
CA GLN D 73 -5.70 15.08 -20.11
C GLN D 73 -4.27 14.64 -19.88
N MET D 74 -3.90 14.39 -18.61
CA MET D 74 -2.54 13.94 -18.33
C MET D 74 -2.27 12.56 -18.91
N HIS D 75 -3.32 11.71 -18.99
CA HIS D 75 -3.14 10.38 -19.56
C HIS D 75 -2.65 10.46 -21.00
N THR D 76 -3.21 11.36 -21.80
CA THR D 76 -2.79 11.50 -23.18
C THR D 76 -1.49 12.28 -23.31
N ASP D 77 -1.26 13.26 -22.44
CA ASP D 77 -0.01 14.02 -22.50
C ASP D 77 1.19 13.11 -22.30
N ILE D 78 1.08 12.13 -21.39
CA ILE D 78 2.17 11.19 -21.18
C ILE D 78 2.35 10.30 -22.40
N ILE D 79 1.24 9.82 -22.98
CA ILE D 79 1.33 9.01 -24.19
C ILE D 79 1.89 9.83 -25.34
N SER D 80 1.41 11.06 -25.51
CA SER D 80 1.97 11.94 -26.53
C SER D 80 3.41 12.30 -26.22
N LEU D 81 3.80 12.29 -24.94
CA LEU D 81 5.19 12.53 -24.57
C LEU D 81 6.09 11.38 -24.98
N TRP D 82 5.66 10.15 -24.68
CA TRP D 82 6.43 8.98 -25.08
C TRP D 82 6.42 8.80 -26.59
N ASP D 83 5.39 9.28 -27.27
CA ASP D 83 5.30 9.14 -28.72
C ASP D 83 6.33 10.02 -29.42
N GLN D 84 6.35 11.31 -29.09
CA GLN D 84 7.29 12.22 -29.74
C GLN D 84 8.73 11.93 -29.34
N SER D 85 8.94 11.37 -28.14
CA SER D 85 10.30 11.07 -27.70
C SER D 85 10.91 9.93 -28.51
N LEU D 86 10.09 9.03 -29.03
CA LEU D 86 10.57 7.90 -29.82
C LEU D 86 10.62 8.19 -31.31
N LYS D 87 10.13 9.35 -31.75
CA LYS D 87 10.07 9.64 -33.18
C LYS D 87 11.44 9.68 -33.85
N PRO D 88 12.44 10.39 -33.33
CA PRO D 88 13.73 10.44 -34.04
C PRO D 88 14.68 9.30 -33.73
N CYS D 89 14.23 8.23 -33.08
CA CYS D 89 15.12 7.15 -32.66
C CYS D 89 15.10 6.02 -33.67
N VAL D 90 15.93 5.00 -33.41
CA VAL D 90 16.23 3.97 -34.39
C VAL D 90 15.03 3.06 -34.58
N LYS D 91 14.80 2.64 -35.83
CA LYS D 91 13.75 1.69 -36.17
C LYS D 91 14.38 0.35 -36.51
N LEU D 92 13.90 -0.71 -35.88
CA LEU D 92 14.54 -2.03 -35.94
C LEU D 92 13.77 -3.01 -36.84
N THR D 93 13.23 -2.52 -37.95
CA THR D 93 12.62 -3.44 -38.91
C THR D 93 13.60 -4.45 -39.51
N PRO D 94 14.89 -4.16 -39.71
CA PRO D 94 15.83 -5.21 -40.14
C PRO D 94 16.11 -6.26 -39.08
N LEU D 95 15.53 -6.16 -37.89
CA LEU D 95 15.79 -7.13 -36.83
C LEU D 95 14.82 -8.32 -36.86
N CYS D 96 13.75 -8.24 -37.63
CA CYS D 96 12.82 -9.37 -37.77
C CYS D 96 13.37 -10.40 -38.76
N VAL D 97 14.50 -10.98 -38.37
CA VAL D 97 15.17 -12.02 -39.14
C VAL D 97 15.16 -13.29 -38.30
N THR D 98 15.20 -14.44 -38.99
CA THR D 98 15.22 -15.73 -38.31
C THR D 98 16.40 -15.80 -37.34
N LEU D 99 16.09 -16.04 -36.06
CA LEU D 99 17.09 -16.06 -35.01
C LEU D 99 17.40 -17.51 -34.64
N GLN D 100 18.61 -17.96 -34.95
CA GLN D 100 19.08 -19.28 -34.54
C GLN D 100 19.60 -19.16 -33.12
N CYS D 101 18.78 -19.54 -32.15
CA CYS D 101 19.08 -19.32 -30.74
C CYS D 101 19.56 -20.60 -30.08
N THR D 102 20.04 -20.45 -28.84
CA THR D 102 20.47 -21.57 -28.01
C THR D 102 20.43 -21.10 -26.56
N ASN D 103 20.55 -22.06 -25.64
CA ASN D 103 20.51 -21.74 -24.22
C ASN D 103 21.72 -20.88 -23.83
N VAL D 104 21.55 -20.09 -22.77
CA VAL D 104 22.65 -19.31 -22.25
C VAL D 104 23.66 -20.23 -21.58
N THR D 105 24.92 -19.79 -21.55
CA THR D 105 26.01 -20.61 -21.02
C THR D 105 25.89 -20.67 -19.50
N ASN D 106 25.33 -21.77 -18.99
CA ASN D 106 25.23 -22.00 -17.56
C ASN D 106 25.08 -23.51 -17.34
N ASN D 107 24.84 -23.90 -16.08
CA ASN D 107 24.72 -25.31 -15.73
C ASN D 107 23.32 -25.63 -15.21
N ARG D 113 13.18 -23.38 -18.90
CA ARG D 113 13.65 -22.80 -17.64
C ARG D 113 14.95 -22.01 -17.82
N GLY D 114 15.35 -21.78 -19.08
CA GLY D 114 16.60 -21.07 -19.32
C GLY D 114 16.45 -19.57 -19.15
N GLU D 115 15.31 -19.02 -19.57
CA GLU D 115 14.99 -17.62 -19.36
C GLU D 115 15.90 -16.72 -20.19
N LEU D 116 16.81 -17.32 -20.97
CA LEU D 116 17.70 -16.55 -21.82
C LEU D 116 18.02 -17.36 -23.07
N LYS D 117 18.32 -16.66 -24.16
CA LYS D 117 18.62 -17.29 -25.44
C LYS D 117 19.79 -16.56 -26.10
N ASN D 118 20.80 -17.32 -26.50
CA ASN D 118 21.96 -16.78 -27.23
C ASN D 118 21.68 -16.94 -28.72
N CYS D 119 21.13 -15.90 -29.32
CA CYS D 119 20.66 -15.94 -30.71
C CYS D 119 21.68 -15.34 -31.65
N SER D 120 21.96 -16.03 -32.74
CA SER D 120 22.79 -15.54 -33.82
C SER D 120 21.93 -15.30 -35.05
N PHE D 121 22.33 -14.31 -35.85
CA PHE D 121 21.52 -13.91 -37.00
C PHE D 121 22.37 -13.15 -38.00
N ASN D 122 21.89 -13.09 -39.23
CA ASN D 122 22.48 -12.24 -40.24
C ASN D 122 21.95 -10.81 -40.08
N MET D 123 22.77 -9.84 -40.46
CA MET D 123 22.42 -8.45 -40.26
C MET D 123 23.06 -7.59 -41.34
N THR D 124 22.37 -6.52 -41.70
CA THR D 124 22.86 -5.59 -42.72
C THR D 124 23.94 -4.70 -42.12
N THR D 125 25.07 -4.60 -42.82
CA THR D 125 26.16 -3.74 -42.37
C THR D 125 25.92 -2.31 -42.86
N GLU D 126 26.96 -1.48 -42.78
CA GLU D 126 26.86 -0.12 -43.30
C GLU D 126 26.68 -0.12 -44.81
N LEU D 127 27.26 -1.11 -45.49
CA LEU D 127 27.10 -1.28 -46.92
C LEU D 127 25.89 -2.15 -47.22
N ARG D 128 25.37 -2.02 -48.45
CA ARG D 128 24.16 -2.70 -48.86
C ARG D 128 24.45 -4.03 -49.55
N ASP D 129 25.59 -4.66 -49.28
CA ASP D 129 25.94 -5.92 -49.91
C ASP D 129 26.18 -7.02 -48.89
N LYS D 130 27.38 -7.06 -48.31
CA LYS D 130 27.74 -8.10 -47.38
C LYS D 130 26.90 -8.02 -46.11
N LYS D 131 26.61 -9.19 -45.54
CA LYS D 131 25.80 -9.29 -44.33
C LYS D 131 26.70 -9.24 -43.11
N GLN D 132 26.19 -9.68 -41.96
CA GLN D 132 26.94 -9.64 -40.71
C GLN D 132 26.41 -10.72 -39.79
N LYS D 133 27.28 -11.67 -39.42
CA LYS D 133 26.89 -12.78 -38.57
C LYS D 133 27.27 -12.44 -37.12
N VAL D 134 26.43 -11.62 -36.49
CA VAL D 134 26.66 -11.19 -35.12
C VAL D 134 25.61 -11.82 -34.23
N TYR D 135 26.01 -12.15 -33.01
CA TYR D 135 25.14 -12.78 -32.03
C TYR D 135 24.63 -11.76 -31.02
N SER D 136 23.52 -12.10 -30.37
CA SER D 136 22.94 -11.28 -29.32
C SER D 136 22.51 -12.22 -28.18
N LEU D 137 21.79 -11.66 -27.21
CA LEU D 137 21.34 -12.45 -26.06
C LEU D 137 20.02 -11.86 -25.58
N PHE D 138 18.92 -12.32 -26.19
CA PHE D 138 17.60 -11.82 -25.86
C PHE D 138 16.95 -12.66 -24.77
N TYR D 139 16.01 -12.03 -24.05
CA TYR D 139 15.30 -12.72 -22.99
C TYR D 139 14.30 -13.71 -23.57
N ARG D 140 13.78 -14.57 -22.69
CA ARG D 140 12.86 -15.62 -23.12
C ARG D 140 11.52 -15.04 -23.55
N LEU D 141 11.10 -13.93 -22.97
CA LEU D 141 9.79 -13.34 -23.24
C LEU D 141 9.78 -12.42 -24.45
N ASP D 142 10.94 -12.07 -25.00
CA ASP D 142 11.02 -11.18 -26.15
C ASP D 142 11.27 -11.91 -27.45
N VAL D 143 11.16 -13.25 -27.45
CA VAL D 143 11.49 -14.04 -28.64
C VAL D 143 10.63 -15.29 -28.63
N VAL D 144 10.15 -15.68 -29.80
CA VAL D 144 9.25 -16.82 -29.96
C VAL D 144 9.70 -17.65 -31.15
N GLN D 145 9.60 -18.97 -31.02
CA GLN D 145 10.09 -19.87 -32.06
C GLN D 145 9.09 -19.98 -33.20
N ILE D 146 9.54 -20.60 -34.29
CA ILE D 146 8.71 -20.85 -35.46
C ILE D 146 9.26 -22.05 -36.21
N ASN D 147 8.39 -23.00 -36.53
CA ASN D 147 8.82 -24.21 -37.23
C ASN D 147 8.12 -24.38 -38.57
N GLU D 160 15.15 -22.44 -34.23
CA GLU D 160 15.07 -21.10 -34.80
C GLU D 160 13.92 -20.30 -34.18
N TYR D 161 14.14 -19.01 -34.01
CA TYR D 161 13.19 -18.14 -33.32
C TYR D 161 12.92 -16.85 -34.11
N ARG D 162 12.25 -15.90 -33.46
CA ARG D 162 11.98 -14.60 -34.04
C ARG D 162 11.55 -13.66 -32.92
N LEU D 163 11.78 -12.37 -33.11
CA LEU D 163 11.31 -11.38 -32.14
C LEU D 163 9.80 -11.46 -32.01
N ILE D 164 9.31 -11.34 -30.78
CA ILE D 164 7.92 -11.66 -30.45
C ILE D 164 6.95 -10.80 -31.23
N ASN D 165 7.31 -9.55 -31.51
CA ASN D 165 6.37 -8.60 -32.10
C ASN D 165 6.13 -8.83 -33.58
N CYS D 166 7.10 -9.39 -34.30
CA CYS D 166 7.20 -9.31 -35.75
C CYS D 166 5.91 -9.60 -36.49
N ASN D 167 5.05 -10.47 -35.95
CA ASN D 167 3.79 -10.74 -36.62
C ASN D 167 2.71 -9.72 -36.26
N THR D 168 2.94 -8.88 -35.25
CA THR D 168 1.94 -7.93 -34.80
C THR D 168 2.23 -6.50 -35.25
N SER D 169 3.41 -5.98 -34.90
CA SER D 169 3.68 -4.56 -35.09
C SER D 169 5.15 -4.32 -35.36
N ALA D 170 5.45 -3.14 -35.90
CA ALA D 170 6.82 -2.69 -36.10
C ALA D 170 7.43 -2.26 -34.77
N ILE D 171 8.74 -2.03 -34.78
CA ILE D 171 9.47 -1.72 -33.56
C ILE D 171 10.33 -0.48 -33.76
N THR D 172 10.54 0.24 -32.67
CA THR D 172 11.40 1.43 -32.64
C THR D 172 12.21 1.38 -31.36
N GLN D 173 13.54 1.42 -31.49
CA GLN D 173 14.41 1.35 -30.33
C GLN D 173 14.54 2.74 -29.69
N ALA D 174 14.42 2.79 -28.37
CA ALA D 174 14.56 4.04 -27.66
C ALA D 174 16.02 4.49 -27.67
N CYS D 175 16.24 5.77 -27.97
CA CYS D 175 17.58 6.33 -27.92
C CYS D 175 18.17 6.14 -26.53
N PRO D 176 19.40 5.67 -26.40
CA PRO D 176 20.01 5.44 -25.08
C PRO D 176 20.42 6.72 -24.36
N LYS D 177 20.20 7.89 -24.92
CA LYS D 177 20.50 9.14 -24.23
C LYS D 177 19.30 9.74 -23.51
N VAL D 178 18.11 9.18 -23.69
CA VAL D 178 16.94 9.60 -22.93
C VAL D 178 16.83 8.71 -21.69
N SER D 179 16.33 9.28 -20.60
CA SER D 179 16.23 8.56 -19.33
C SER D 179 14.77 8.26 -19.02
N PHE D 180 14.52 7.07 -18.47
CA PHE D 180 13.19 6.65 -18.07
C PHE D 180 12.87 7.02 -16.63
N GLU D 181 13.65 7.92 -16.03
CA GLU D 181 13.47 8.26 -14.62
C GLU D 181 12.43 9.37 -14.47
N PRO D 182 11.31 9.11 -13.80
CA PRO D 182 10.27 10.14 -13.69
C PRO D 182 10.67 11.24 -12.71
N ILE D 183 10.58 12.48 -13.18
CA ILE D 183 10.82 13.65 -12.33
C ILE D 183 9.49 14.41 -12.23
N PRO D 184 9.26 15.16 -11.15
CA PRO D 184 7.90 15.68 -10.90
C PRO D 184 7.44 16.65 -11.98
N ILE D 185 6.17 16.50 -12.38
CA ILE D 185 5.49 17.42 -13.27
C ILE D 185 4.44 18.17 -12.45
N HIS D 186 4.47 19.50 -12.53
CA HIS D 186 3.45 20.34 -11.91
C HIS D 186 2.48 20.80 -12.99
N TYR D 187 1.21 20.38 -12.87
CA TYR D 187 0.18 20.82 -13.79
C TYR D 187 -0.41 22.13 -13.30
N CYS D 188 -0.51 23.10 -14.21
CA CYS D 188 -1.02 24.42 -13.90
C CYS D 188 -2.16 24.76 -14.83
N ALA D 189 -2.89 25.82 -14.48
CA ALA D 189 -3.97 26.34 -15.31
C ALA D 189 -3.61 27.75 -15.79
N PRO D 190 -4.01 28.12 -17.01
CA PRO D 190 -3.69 29.46 -17.52
C PRO D 190 -4.43 30.57 -16.78
N ALA D 191 -4.29 31.79 -17.28
CA ALA D 191 -4.96 32.92 -16.65
C ALA D 191 -6.48 32.79 -16.77
N GLY D 192 -7.17 33.29 -15.74
CA GLY D 192 -8.61 33.18 -15.67
C GLY D 192 -9.13 31.86 -15.13
N PHE D 193 -8.26 30.88 -14.91
CA PHE D 193 -8.63 29.60 -14.34
C PHE D 193 -7.94 29.41 -13.00
N ALA D 194 -8.37 28.38 -12.27
CA ALA D 194 -7.80 28.08 -10.97
C ALA D 194 -8.05 26.61 -10.65
N ILE D 195 -7.16 26.03 -9.85
CA ILE D 195 -7.25 24.64 -9.43
C ILE D 195 -7.49 24.62 -7.92
N LEU D 196 -8.46 23.83 -7.49
CA LEU D 196 -8.84 23.75 -6.09
C LEU D 196 -8.28 22.49 -5.45
N LYS D 197 -7.75 22.64 -4.24
CA LYS D 197 -7.10 21.55 -3.52
C LYS D 197 -7.88 21.25 -2.25
N CYS D 198 -8.46 20.05 -2.18
CA CYS D 198 -9.18 19.61 -0.99
C CYS D 198 -8.17 19.11 0.04
N LYS D 199 -8.11 19.77 1.19
CA LYS D 199 -7.05 19.55 2.16
C LYS D 199 -7.55 18.92 3.47
N ASP D 200 -8.64 18.17 3.41
CA ASP D 200 -9.10 17.43 4.58
C ASP D 200 -8.40 16.08 4.64
N LYS D 201 -8.18 15.59 5.86
CA LYS D 201 -7.33 14.42 6.07
C LYS D 201 -8.07 13.11 5.84
N LYS D 202 -9.38 13.13 5.62
CA LYS D 202 -10.16 11.92 5.36
C LYS D 202 -11.18 12.26 4.27
N PHE D 203 -10.87 11.89 3.03
CA PHE D 203 -11.68 12.26 1.89
C PHE D 203 -11.53 11.19 0.81
N ASN D 204 -12.66 10.64 0.35
CA ASN D 204 -12.66 9.55 -0.63
C ASN D 204 -12.77 10.06 -2.07
N GLY D 205 -12.35 11.30 -2.34
CA GLY D 205 -12.31 11.82 -3.68
C GLY D 205 -13.63 12.32 -4.24
N THR D 206 -14.75 11.95 -3.64
CA THR D 206 -16.06 12.33 -4.14
C THR D 206 -16.89 12.96 -3.03
N GLY D 207 -17.68 13.95 -3.39
CA GLY D 207 -18.55 14.63 -2.44
C GLY D 207 -18.06 16.02 -2.11
N PRO D 208 -18.79 16.72 -1.25
CA PRO D 208 -18.37 18.07 -0.85
C PRO D 208 -17.11 18.04 -0.01
N CYS D 209 -16.30 19.08 -0.16
CA CYS D 209 -15.04 19.21 0.57
C CYS D 209 -15.18 20.27 1.64
N PRO D 210 -14.90 19.95 2.91
CA PRO D 210 -15.00 20.96 3.97
C PRO D 210 -13.96 22.07 3.85
N SER D 211 -12.69 21.69 3.93
CA SER D 211 -11.59 22.65 3.89
C SER D 211 -10.99 22.64 2.49
N VAL D 212 -11.21 23.73 1.75
CA VAL D 212 -10.76 23.85 0.36
C VAL D 212 -9.78 25.01 0.26
N SER D 213 -8.85 24.89 -0.68
CA SER D 213 -7.89 25.94 -0.98
C SER D 213 -7.63 25.98 -2.48
N THR D 214 -7.13 27.11 -2.95
CA THR D 214 -6.87 27.32 -4.38
C THR D 214 -5.37 27.40 -4.63
N VAL D 215 -4.95 26.85 -5.77
CA VAL D 215 -3.55 26.89 -6.20
C VAL D 215 -3.52 27.09 -7.71
N GLN D 216 -2.45 27.73 -8.18
CA GLN D 216 -2.24 27.86 -9.62
C GLN D 216 -1.67 26.59 -10.22
N CYS D 217 -0.85 25.86 -9.46
CA CYS D 217 -0.24 24.62 -9.92
C CYS D 217 -0.38 23.55 -8.86
N THR D 218 -0.53 22.31 -9.32
CA THR D 218 -0.54 21.18 -8.39
C THR D 218 0.88 20.89 -7.90
N HIS D 219 0.97 20.07 -6.86
CA HIS D 219 2.27 19.65 -6.38
C HIS D 219 2.94 18.75 -7.42
N GLY D 220 4.26 18.62 -7.30
CA GLY D 220 5.02 17.84 -8.25
C GLY D 220 4.77 16.36 -8.18
N ILE D 221 4.01 15.83 -9.13
CA ILE D 221 3.72 14.40 -9.21
C ILE D 221 4.65 13.79 -10.25
N LYS D 222 5.16 12.59 -9.95
CA LYS D 222 6.06 11.92 -10.87
C LYS D 222 5.29 10.94 -11.73
N PRO D 223 5.42 11.02 -13.06
CA PRO D 223 4.65 10.11 -13.92
C PRO D 223 5.13 8.67 -13.86
N VAL D 224 5.04 8.05 -12.69
CA VAL D 224 5.35 6.64 -12.54
C VAL D 224 4.20 5.82 -13.12
N VAL D 225 4.55 4.85 -13.98
CA VAL D 225 3.56 3.99 -14.61
C VAL D 225 3.84 2.57 -14.13
N SER D 226 3.12 2.13 -13.11
CA SER D 226 3.28 0.81 -12.55
C SER D 226 1.96 0.05 -12.65
N THR D 227 1.90 -1.11 -11.99
CA THR D 227 0.75 -1.98 -12.04
C THR D 227 0.67 -2.75 -10.73
N GLN D 228 -0.57 -3.00 -10.28
CA GLN D 228 -0.85 -3.66 -9.01
C GLN D 228 -0.34 -2.82 -7.84
N LEU D 229 0.98 -2.67 -7.73
CA LEU D 229 1.57 -1.82 -6.71
C LEU D 229 1.82 -0.42 -7.27
N LEU D 230 1.46 0.60 -6.50
CA LEU D 230 1.66 1.99 -6.87
C LEU D 230 2.89 2.51 -6.14
N LEU D 231 3.86 3.01 -6.90
CA LEU D 231 5.18 3.33 -6.38
C LEU D 231 5.43 4.84 -6.36
N ASN D 232 6.23 5.27 -5.39
CA ASN D 232 6.73 6.65 -5.29
C ASN D 232 5.61 7.68 -5.33
N GLY D 233 4.43 7.32 -4.82
CA GLY D 233 3.30 8.22 -4.77
C GLY D 233 3.26 9.02 -3.50
N SER D 234 2.16 9.76 -3.33
CA SER D 234 1.94 10.53 -2.12
C SER D 234 1.27 9.65 -1.05
N LEU D 235 1.46 10.04 0.20
CA LEU D 235 0.94 9.30 1.34
C LEU D 235 -0.38 9.90 1.82
N ALA D 236 -1.27 9.03 2.27
CA ALA D 236 -2.53 9.49 2.85
C ALA D 236 -2.27 10.05 4.25
N GLU D 237 -3.28 10.74 4.78
CA GLU D 237 -3.19 11.36 6.10
C GLU D 237 -3.95 10.54 7.12
N GLU D 238 -3.42 10.49 8.34
CA GLU D 238 -3.99 9.71 9.43
C GLU D 238 -4.17 8.25 9.05
N GLU D 239 -5.41 7.83 8.78
CA GLU D 239 -5.66 6.46 8.38
C GLU D 239 -5.48 6.29 6.88
N VAL D 240 -5.22 5.05 6.46
CA VAL D 240 -5.07 4.76 5.05
C VAL D 240 -6.40 4.97 4.34
N MET D 241 -6.34 5.55 3.15
CA MET D 241 -7.54 5.96 2.43
C MET D 241 -7.91 4.92 1.38
N ILE D 242 -9.22 4.69 1.23
CA ILE D 242 -9.77 3.77 0.25
C ILE D 242 -10.68 4.56 -0.67
N ARG D 243 -10.51 4.39 -1.98
CA ARG D 243 -11.30 5.13 -2.97
C ARG D 243 -11.74 4.19 -4.08
N SER D 244 -13.02 4.24 -4.42
CA SER D 244 -13.59 3.43 -5.49
C SER D 244 -14.74 4.18 -6.13
N GLU D 245 -14.93 3.94 -7.43
CA GLU D 245 -16.00 4.61 -8.15
C GLU D 245 -17.36 4.04 -7.77
N ASN D 246 -17.44 2.73 -7.58
CA ASN D 246 -18.69 2.08 -7.18
C ASN D 246 -18.31 0.81 -6.42
N ILE D 247 -18.38 0.87 -5.09
CA ILE D 247 -17.97 -0.26 -4.27
C ILE D 247 -18.89 -1.46 -4.51
N THR D 248 -20.18 -1.20 -4.73
CA THR D 248 -21.12 -2.28 -4.98
C THR D 248 -20.95 -2.91 -6.36
N ASN D 249 -20.11 -2.35 -7.21
CA ASN D 249 -19.84 -2.88 -8.54
C ASN D 249 -18.43 -3.45 -8.55
N ASN D 250 -18.33 -4.77 -8.73
CA ASN D 250 -17.03 -5.43 -8.77
C ASN D 250 -16.29 -5.22 -10.08
N ALA D 251 -16.88 -4.51 -11.05
CA ALA D 251 -16.24 -4.22 -12.32
C ALA D 251 -15.47 -2.92 -12.31
N LYS D 252 -15.28 -2.31 -11.14
CA LYS D 252 -14.54 -1.06 -11.00
C LYS D 252 -13.39 -1.25 -10.02
N ASN D 253 -12.22 -0.74 -10.37
CA ASN D 253 -11.04 -0.91 -9.54
C ASN D 253 -11.14 -0.07 -8.28
N ILE D 254 -10.51 -0.56 -7.21
CA ILE D 254 -10.51 0.10 -5.91
C ILE D 254 -9.10 0.60 -5.65
N LEU D 255 -8.93 1.93 -5.68
CA LEU D 255 -7.63 2.53 -5.43
C LEU D 255 -7.40 2.66 -3.93
N VAL D 256 -6.19 2.28 -3.50
CA VAL D 256 -5.80 2.34 -2.10
C VAL D 256 -4.61 3.29 -1.96
N GLN D 257 -4.55 3.99 -0.83
CA GLN D 257 -3.44 4.89 -0.52
C GLN D 257 -2.95 4.60 0.89
N PHE D 258 -1.63 4.53 1.04
CA PHE D 258 -1.02 4.19 2.31
C PHE D 258 -0.66 5.44 3.10
N ASN D 259 -0.73 5.33 4.42
CA ASN D 259 -0.26 6.37 5.32
C ASN D 259 1.23 6.20 5.63
N THR D 260 1.67 4.98 5.87
CA THR D 260 3.08 4.67 6.06
C THR D 260 3.57 3.86 4.88
N PRO D 261 4.59 4.32 4.15
CA PRO D 261 5.04 3.58 2.96
C PRO D 261 5.83 2.35 3.35
N VAL D 262 5.64 1.28 2.58
CA VAL D 262 6.38 0.04 2.75
C VAL D 262 7.64 0.12 1.88
N GLN D 263 8.74 -0.40 2.40
CA GLN D 263 10.01 -0.38 1.69
C GLN D 263 10.11 -1.57 0.75
N ILE D 264 10.49 -1.31 -0.50
CA ILE D 264 10.65 -2.35 -1.50
C ILE D 264 11.99 -2.15 -2.20
N ASN D 265 12.73 -3.24 -2.37
CA ASN D 265 14.07 -3.21 -2.96
C ASN D 265 14.10 -4.19 -4.13
N CYS D 266 14.40 -3.68 -5.32
CA CYS D 266 14.50 -4.51 -6.52
C CYS D 266 15.91 -4.45 -7.07
N THR D 267 16.33 -5.52 -7.73
CA THR D 267 17.66 -5.58 -8.32
C THR D 267 17.66 -6.57 -9.48
N ARG D 268 18.54 -6.32 -10.44
CA ARG D 268 18.79 -7.23 -11.57
C ARG D 268 20.26 -7.63 -11.50
N PRO D 269 20.59 -8.67 -10.74
CA PRO D 269 22.02 -9.04 -10.59
C PRO D 269 22.59 -9.70 -11.84
N ASN D 270 22.71 -8.94 -12.93
CA ASN D 270 23.29 -9.44 -14.18
C ASN D 270 24.12 -8.31 -14.79
N ASN D 271 25.44 -8.40 -14.67
CA ASN D 271 26.32 -7.41 -15.25
C ASN D 271 26.38 -7.59 -16.77
N ASN D 272 25.43 -6.98 -17.47
CA ASN D 272 25.29 -7.18 -18.90
C ASN D 272 26.34 -6.40 -19.68
N THR D 273 26.43 -6.71 -20.97
CA THR D 273 27.36 -6.07 -21.89
C THR D 273 26.56 -5.43 -23.02
N ARG D 274 27.04 -4.28 -23.49
CA ARG D 274 26.39 -3.54 -24.57
C ARG D 274 27.24 -3.66 -25.84
N LYS D 275 26.79 -4.54 -26.75
CA LYS D 275 27.41 -4.65 -28.07
C LYS D 275 26.76 -3.65 -29.00
N SER D 276 27.56 -2.75 -29.57
CA SER D 276 27.06 -1.69 -30.44
C SER D 276 27.22 -2.14 -31.88
N ILE D 277 26.22 -2.86 -32.38
CA ILE D 277 26.21 -3.28 -33.78
C ILE D 277 25.78 -2.09 -34.64
N ARG D 278 26.33 -2.02 -35.86
CA ARG D 278 26.04 -0.94 -36.78
C ARG D 278 25.16 -1.47 -37.91
N ILE D 279 23.97 -0.89 -38.05
CA ILE D 279 22.97 -1.33 -39.03
C ILE D 279 22.77 -0.19 -40.02
N GLY D 280 23.22 -0.39 -41.26
CA GLY D 280 23.06 0.60 -42.29
C GLY D 280 23.86 1.86 -42.01
N PRO D 281 23.57 2.93 -42.75
CA PRO D 281 24.30 4.19 -42.57
C PRO D 281 23.72 5.01 -41.43
N GLY D 282 24.46 5.08 -40.33
CA GLY D 282 24.06 5.93 -39.22
C GLY D 282 23.40 5.19 -38.08
N GLN D 283 22.35 4.42 -38.39
CA GLN D 283 21.63 3.70 -37.35
C GLN D 283 22.54 2.65 -36.71
N ALA D 284 22.33 2.44 -35.40
CA ALA D 284 23.15 1.51 -34.64
C ALA D 284 22.29 0.84 -33.59
N PHE D 285 22.14 -0.48 -33.70
CA PHE D 285 21.37 -1.26 -32.75
C PHE D 285 22.27 -1.74 -31.60
N TYR D 286 21.78 -1.61 -30.38
CA TYR D 286 22.51 -2.01 -29.18
C TYR D 286 22.05 -3.39 -28.76
N ALA D 287 22.95 -4.36 -28.84
CA ALA D 287 22.67 -5.74 -28.49
C ALA D 287 23.19 -6.06 -27.09
N THR D 288 22.83 -7.25 -26.62
CA THR D 288 23.28 -7.74 -25.32
C THR D 288 24.45 -8.70 -25.54
N GLY D 289 25.61 -8.33 -25.02
CA GLY D 289 26.80 -9.14 -25.14
C GLY D 289 26.84 -10.26 -24.11
N ASP D 290 28.06 -10.74 -23.85
CA ASP D 290 28.24 -11.81 -22.88
C ASP D 290 28.09 -11.27 -21.47
N ILE D 291 27.40 -12.04 -20.62
CA ILE D 291 27.16 -11.64 -19.24
C ILE D 291 28.43 -11.89 -18.42
N ILE D 292 28.78 -10.94 -17.57
CA ILE D 292 29.91 -11.07 -16.65
C ILE D 292 29.36 -11.45 -15.28
N GLY D 293 29.75 -12.62 -14.78
CA GLY D 293 29.28 -13.05 -13.47
C GLY D 293 28.35 -14.24 -13.52
N ASP D 294 27.53 -14.40 -12.48
CA ASP D 294 26.61 -15.52 -12.40
C ASP D 294 25.30 -15.21 -13.13
N ILE D 295 24.55 -16.27 -13.41
CA ILE D 295 23.23 -16.14 -14.06
C ILE D 295 22.20 -16.09 -12.92
N ARG D 296 21.98 -14.89 -12.40
CA ARG D 296 21.02 -14.66 -11.33
C ARG D 296 19.83 -13.87 -11.87
N GLN D 297 18.64 -14.30 -11.50
CA GLN D 297 17.42 -13.65 -11.98
C GLN D 297 17.06 -12.47 -11.09
N ALA D 298 16.28 -11.55 -11.66
CA ALA D 298 15.88 -10.34 -10.96
C ALA D 298 14.80 -10.65 -9.93
N HIS D 299 14.70 -9.79 -8.92
CA HIS D 299 13.75 -9.99 -7.84
C HIS D 299 13.54 -8.68 -7.09
N CYS D 300 12.51 -8.66 -6.25
CA CYS D 300 12.19 -7.52 -5.40
C CYS D 300 11.96 -7.99 -3.98
N ASN D 301 12.48 -7.25 -3.01
CA ASN D 301 12.37 -7.59 -1.60
C ASN D 301 11.40 -6.64 -0.90
N VAL D 302 10.59 -7.20 -0.02
CA VAL D 302 9.66 -6.44 0.81
C VAL D 302 9.78 -6.95 2.24
N SER D 303 10.00 -6.04 3.19
CA SER D 303 10.15 -6.42 4.58
C SER D 303 8.86 -7.06 5.10
N LYS D 304 9.01 -8.27 5.64
CA LYS D 304 7.84 -9.00 6.13
C LYS D 304 7.18 -8.30 7.31
N ALA D 305 7.97 -7.60 8.13
CA ALA D 305 7.39 -6.93 9.29
C ALA D 305 6.51 -5.76 8.89
N THR D 306 6.95 -4.96 7.92
CA THR D 306 6.17 -3.80 7.52
C THR D 306 4.93 -4.19 6.73
N TRP D 307 5.08 -5.15 5.81
CA TRP D 307 3.93 -5.58 4.99
C TRP D 307 2.86 -6.25 5.84
N ASN D 308 3.26 -6.93 6.93
CA ASN D 308 2.29 -7.55 7.81
C ASN D 308 1.47 -6.52 8.56
N GLU D 309 2.06 -5.34 8.82
CA GLU D 309 1.33 -4.28 9.51
C GLU D 309 0.50 -3.44 8.57
N THR D 310 0.92 -3.32 7.30
CA THR D 310 0.17 -2.51 6.34
C THR D 310 -1.05 -3.25 5.81
N LEU D 311 -0.90 -4.54 5.51
CA LEU D 311 -2.06 -5.32 5.06
C LEU D 311 -3.11 -5.41 6.16
N GLY D 312 -2.68 -5.57 7.41
CA GLY D 312 -3.62 -5.55 8.52
C GLY D 312 -4.23 -4.18 8.77
N LYS D 313 -3.57 -3.12 8.31
CA LYS D 313 -4.13 -1.78 8.46
C LYS D 313 -5.15 -1.46 7.37
N VAL D 314 -4.99 -2.04 6.18
CA VAL D 314 -5.95 -1.80 5.11
C VAL D 314 -7.23 -2.60 5.35
N VAL D 315 -7.10 -3.85 5.80
CA VAL D 315 -8.28 -4.69 6.02
C VAL D 315 -9.15 -4.12 7.14
N LYS D 316 -8.55 -3.38 8.08
CA LYS D 316 -9.35 -2.71 9.10
C LYS D 316 -10.23 -1.62 8.49
N GLN D 317 -9.78 -1.01 7.40
CA GLN D 317 -10.58 -0.03 6.69
C GLN D 317 -11.57 -0.66 5.72
N LEU D 318 -11.31 -1.90 5.30
CA LEU D 318 -12.23 -2.61 4.42
C LEU D 318 -13.47 -3.09 5.16
N ARG D 319 -13.35 -3.44 6.44
CA ARG D 319 -14.50 -3.88 7.21
C ARG D 319 -15.50 -2.76 7.45
N LYS D 320 -15.10 -1.50 7.26
CA LYS D 320 -16.02 -0.38 7.36
C LYS D 320 -16.96 -0.28 6.17
N HIS D 321 -16.85 -1.18 5.19
CA HIS D 321 -17.70 -1.15 4.01
C HIS D 321 -18.36 -2.48 3.70
N PHE D 322 -18.03 -3.56 4.42
CA PHE D 322 -18.61 -4.88 4.16
C PHE D 322 -18.98 -5.57 5.46
N GLY D 323 -19.55 -4.81 6.39
CA GLY D 323 -19.93 -5.38 7.67
C GLY D 323 -18.77 -5.44 8.66
N ASN D 324 -19.06 -5.26 9.95
CA ASN D 324 -18.00 -5.23 10.93
C ASN D 324 -17.37 -6.61 11.12
N ASN D 325 -18.17 -7.67 11.09
CA ASN D 325 -17.70 -9.03 11.29
C ASN D 325 -17.78 -9.76 9.95
N THR D 326 -16.68 -9.73 9.20
CA THR D 326 -16.60 -10.43 7.92
C THR D 326 -15.16 -10.88 7.70
N ILE D 327 -14.99 -11.78 6.75
CA ILE D 327 -13.69 -12.37 6.43
C ILE D 327 -13.22 -11.81 5.08
N ILE D 328 -11.96 -11.39 5.03
CA ILE D 328 -11.36 -10.83 3.82
C ILE D 328 -10.18 -11.71 3.43
N ARG D 329 -10.16 -12.14 2.17
CA ARG D 329 -9.11 -13.00 1.65
C ARG D 329 -8.39 -12.29 0.50
N PHE D 330 -7.10 -12.57 0.37
CA PHE D 330 -6.27 -12.01 -0.69
C PHE D 330 -5.73 -13.14 -1.56
N ALA D 331 -5.73 -12.92 -2.87
CA ALA D 331 -5.23 -13.89 -3.83
C ALA D 331 -4.56 -13.17 -4.98
N ASN D 332 -3.71 -13.89 -5.70
CA ASN D 332 -3.03 -13.33 -6.86
C ASN D 332 -4.01 -13.13 -8.01
N SER D 333 -3.50 -12.57 -9.11
CA SER D 333 -4.33 -12.38 -10.28
C SER D 333 -4.78 -13.73 -10.84
N SER D 334 -5.96 -13.72 -11.48
CA SER D 334 -6.48 -14.92 -12.11
C SER D 334 -6.31 -14.80 -13.62
N GLY D 335 -7.40 -14.51 -14.33
CA GLY D 335 -7.30 -14.24 -15.76
C GLY D 335 -6.77 -12.85 -16.02
N GLY D 336 -5.82 -12.76 -16.94
CA GLY D 336 -5.23 -11.48 -17.28
C GLY D 336 -4.07 -11.65 -18.24
N ASP D 337 -3.52 -10.51 -18.64
CA ASP D 337 -2.41 -10.44 -19.56
C ASP D 337 -1.09 -10.49 -18.77
N LEU D 338 0.04 -10.26 -19.45
CA LEU D 338 1.32 -10.31 -18.77
C LEU D 338 1.56 -9.05 -17.93
N GLU D 339 1.45 -7.88 -18.56
CA GLU D 339 1.76 -6.61 -17.92
C GLU D 339 0.75 -6.21 -16.83
N VAL D 340 -0.20 -7.08 -16.48
CA VAL D 340 -1.16 -6.81 -15.41
C VAL D 340 -1.09 -7.86 -14.31
N THR D 341 -0.87 -9.12 -14.67
CA THR D 341 -0.73 -10.17 -13.66
C THR D 341 0.51 -9.94 -12.81
N THR D 342 1.58 -9.43 -13.42
CA THR D 342 2.82 -9.18 -12.71
C THR D 342 2.97 -7.69 -12.43
N HIS D 343 3.53 -7.37 -11.26
CA HIS D 343 3.86 -6.00 -10.90
C HIS D 343 4.84 -5.42 -11.91
N SER D 344 4.31 -4.81 -12.96
CA SER D 344 5.12 -4.31 -14.07
C SER D 344 5.44 -2.83 -13.85
N PHE D 345 6.69 -2.46 -14.10
CA PHE D 345 7.18 -1.11 -13.86
C PHE D 345 8.60 -1.01 -14.41
N ASN D 346 9.17 0.18 -14.31
CA ASN D 346 10.56 0.43 -14.71
C ASN D 346 11.41 0.66 -13.47
N CYS D 347 12.59 0.03 -13.45
CA CYS D 347 13.52 0.13 -12.33
C CYS D 347 14.93 0.19 -12.91
N GLY D 348 15.43 1.41 -13.11
CA GLY D 348 16.78 1.63 -13.59
C GLY D 348 16.95 1.57 -15.09
N GLY D 349 15.88 1.35 -15.85
CA GLY D 349 15.99 1.29 -17.29
C GLY D 349 15.37 0.04 -17.90
N GLU D 350 15.39 -1.06 -17.14
CA GLU D 350 14.76 -2.30 -17.57
C GLU D 350 13.33 -2.36 -17.02
N PHE D 351 12.51 -3.17 -17.67
CA PHE D 351 11.09 -3.28 -17.33
C PHE D 351 10.87 -4.62 -16.62
N PHE D 352 10.63 -4.55 -15.32
CA PHE D 352 10.45 -5.73 -14.49
C PHE D 352 9.00 -6.18 -14.52
N TYR D 353 8.81 -7.50 -14.38
CA TYR D 353 7.48 -8.12 -14.34
C TYR D 353 7.53 -9.13 -13.19
N CYS D 354 7.12 -8.68 -12.00
CA CYS D 354 7.34 -9.42 -10.77
C CYS D 354 6.09 -10.19 -10.34
N ASN D 355 6.31 -11.42 -9.89
CA ASN D 355 5.24 -12.31 -9.43
C ASN D 355 4.77 -11.85 -8.06
N THR D 356 3.54 -11.33 -7.98
CA THR D 356 2.98 -10.85 -6.73
C THR D 356 2.17 -11.91 -5.99
N SER D 357 2.38 -13.19 -6.29
CA SER D 357 1.69 -14.25 -5.56
C SER D 357 2.18 -14.39 -4.13
N GLY D 358 3.34 -13.82 -3.80
CA GLY D 358 3.87 -13.85 -2.46
C GLY D 358 3.42 -12.71 -1.57
N LEU D 359 2.80 -11.67 -2.14
CA LEU D 359 2.29 -10.55 -1.38
C LEU D 359 0.80 -10.66 -1.08
N PHE D 360 0.03 -11.33 -1.95
CA PHE D 360 -1.40 -11.48 -1.74
C PHE D 360 -1.72 -12.94 -1.39
N ASN D 361 -0.99 -13.49 -0.43
CA ASN D 361 -1.22 -14.84 0.06
C ASN D 361 -1.70 -14.77 1.50
N SER D 362 -2.87 -14.17 1.73
CA SER D 362 -3.34 -13.89 3.08
C SER D 362 -4.84 -14.19 3.16
N THR D 363 -5.31 -14.30 4.41
CA THR D 363 -6.73 -14.51 4.70
C THR D 363 -7.00 -13.96 6.09
N TRP D 364 -7.63 -12.80 6.17
CA TRP D 364 -7.88 -12.13 7.43
C TRP D 364 -9.32 -12.35 7.90
N ILE D 365 -9.48 -12.65 9.18
CA ILE D 365 -10.79 -12.85 9.78
C ILE D 365 -11.22 -11.53 10.42
N SER D 366 -12.29 -11.58 11.22
CA SER D 366 -12.78 -10.36 11.86
C SER D 366 -11.79 -9.81 12.88
N ASN D 367 -11.00 -10.68 13.50
CA ASN D 367 -10.01 -10.24 14.49
C ASN D 367 -8.92 -11.31 14.66
N ASN D 379 12.49 -13.60 9.90
CA ASN D 379 12.21 -12.17 10.05
C ASN D 379 13.12 -11.33 9.15
N ASP D 380 13.10 -11.65 7.86
CA ASP D 380 13.91 -10.92 6.89
C ASP D 380 13.03 -10.15 5.92
N SER D 381 12.94 -10.61 4.68
CA SER D 381 12.19 -9.93 3.64
C SER D 381 11.39 -10.94 2.84
N ILE D 382 10.59 -10.43 1.90
CA ILE D 382 9.76 -11.26 1.02
C ILE D 382 10.23 -11.01 -0.41
N THR D 383 10.71 -12.06 -1.06
CA THR D 383 11.29 -11.96 -2.40
C THR D 383 10.28 -12.41 -3.45
N LEU D 384 10.33 -11.76 -4.61
CA LEU D 384 9.41 -12.02 -5.70
C LEU D 384 10.17 -12.36 -6.97
N PRO D 385 9.84 -13.46 -7.65
CA PRO D 385 10.53 -13.76 -8.92
C PRO D 385 10.14 -12.82 -10.04
N CYS D 386 11.03 -11.88 -10.38
CA CYS D 386 10.78 -10.91 -11.42
C CYS D 386 11.38 -11.36 -12.74
N ARG D 387 10.70 -11.02 -13.83
CA ARG D 387 11.16 -11.29 -15.18
C ARG D 387 11.27 -9.98 -15.94
N ILE D 388 12.07 -9.99 -17.01
CA ILE D 388 12.42 -8.77 -17.73
C ILE D 388 12.08 -8.94 -19.20
N LYS D 389 11.55 -7.87 -19.80
CA LYS D 389 11.30 -7.79 -21.23
C LYS D 389 12.01 -6.57 -21.80
N GLN D 390 12.54 -6.71 -23.01
CA GLN D 390 13.07 -5.58 -23.77
C GLN D 390 12.10 -5.06 -24.81
N ILE D 391 11.28 -5.95 -25.38
CA ILE D 391 10.25 -5.57 -26.35
C ILE D 391 8.95 -5.44 -25.57
N ILE D 392 8.56 -4.22 -25.24
CA ILE D 392 7.31 -3.95 -24.55
C ILE D 392 6.34 -3.33 -25.55
N ASN D 393 5.05 -3.64 -25.38
CA ASN D 393 4.01 -3.20 -26.28
C ASN D 393 3.31 -1.96 -25.75
N MET D 394 2.79 -1.16 -26.67
CA MET D 394 2.09 0.07 -26.31
C MET D 394 0.75 -0.26 -25.66
N TRP D 395 0.52 0.31 -24.48
CA TRP D 395 -0.72 0.06 -23.77
C TRP D 395 -1.89 0.65 -24.55
N GLN D 396 -2.88 -0.19 -24.85
CA GLN D 396 -4.18 0.22 -25.37
C GLN D 396 -4.11 0.76 -26.80
N ARG D 397 -3.14 0.30 -27.59
CA ARG D 397 -3.08 0.64 -29.01
C ARG D 397 -2.64 -0.58 -29.80
N ILE D 398 -2.84 -0.51 -31.11
CA ILE D 398 -2.83 -1.72 -31.95
C ILE D 398 -1.43 -2.08 -32.42
N GLY D 399 -0.68 -1.11 -32.98
CA GLY D 399 0.52 -1.48 -33.69
C GLY D 399 1.78 -0.69 -33.40
N GLN D 400 2.18 -0.61 -32.14
CA GLN D 400 3.45 0.01 -31.79
C GLN D 400 4.07 -0.73 -30.60
N ALA D 401 5.37 -1.00 -30.70
CA ALA D 401 6.13 -1.60 -29.62
C ALA D 401 7.55 -1.06 -29.69
N MET D 402 8.15 -0.84 -28.52
CA MET D 402 9.48 -0.25 -28.46
C MET D 402 10.47 -1.24 -27.85
N TYR D 403 11.74 -1.04 -28.17
CA TYR D 403 12.83 -1.89 -27.71
C TYR D 403 13.58 -1.14 -26.61
N ALA D 404 13.51 -1.65 -25.39
CA ALA D 404 14.27 -1.08 -24.28
C ALA D 404 15.74 -1.42 -24.46
N PRO D 405 16.62 -0.43 -24.61
CA PRO D 405 18.03 -0.75 -24.82
C PRO D 405 18.63 -1.38 -23.57
N PRO D 406 19.62 -2.26 -23.73
CA PRO D 406 20.18 -2.96 -22.57
C PRO D 406 20.95 -2.01 -21.66
N ILE D 407 20.82 -2.24 -20.35
CA ILE D 407 21.52 -1.48 -19.33
C ILE D 407 22.75 -2.27 -18.90
N GLN D 408 23.87 -1.58 -18.74
CA GLN D 408 25.10 -2.19 -18.25
C GLN D 408 25.25 -1.93 -16.76
N GLY D 409 25.55 -2.98 -16.01
CA GLY D 409 25.74 -2.88 -14.58
C GLY D 409 24.61 -3.55 -13.81
N VAL D 410 24.92 -3.91 -12.57
CA VAL D 410 23.94 -4.54 -11.69
C VAL D 410 22.92 -3.50 -11.27
N ILE D 411 21.71 -3.58 -11.83
CA ILE D 411 20.67 -2.62 -11.51
C ILE D 411 20.17 -2.85 -10.09
N ARG D 412 19.91 -1.75 -9.37
CA ARG D 412 19.39 -1.83 -8.01
C ARG D 412 18.69 -0.51 -7.71
N CYS D 413 17.37 -0.56 -7.55
CA CYS D 413 16.56 0.62 -7.25
C CYS D 413 15.84 0.44 -5.93
N VAL D 414 15.57 1.56 -5.26
CA VAL D 414 14.80 1.59 -4.02
C VAL D 414 13.57 2.45 -4.25
N SER D 415 12.41 1.95 -3.87
CA SER D 415 11.15 2.62 -4.15
C SER D 415 10.23 2.57 -2.94
N ASN D 416 9.24 3.46 -2.94
CA ASN D 416 8.18 3.49 -1.94
C ASN D 416 6.90 2.97 -2.59
N ILE D 417 6.42 1.82 -2.15
CA ILE D 417 5.08 1.37 -2.54
C ILE D 417 4.09 2.08 -1.63
N THR D 418 3.30 2.99 -2.21
CA THR D 418 2.39 3.82 -1.45
C THR D 418 0.92 3.59 -1.76
N GLY D 419 0.61 2.77 -2.77
CA GLY D 419 -0.77 2.55 -3.16
C GLY D 419 -1.02 1.11 -3.54
N LEU D 420 -2.27 0.84 -3.92
CA LEU D 420 -2.68 -0.50 -4.31
C LEU D 420 -3.89 -0.40 -5.24
N ILE D 421 -3.79 -0.99 -6.42
CA ILE D 421 -4.90 -1.14 -7.33
C ILE D 421 -5.48 -2.53 -7.12
N LEU D 422 -6.70 -2.59 -6.58
CA LEU D 422 -7.33 -3.86 -6.23
C LEU D 422 -8.65 -4.03 -6.97
N THR D 423 -9.03 -5.28 -7.19
CA THR D 423 -10.31 -5.63 -7.78
C THR D 423 -10.99 -6.66 -6.89
N ARG D 424 -12.28 -6.87 -7.13
CA ARG D 424 -13.09 -7.78 -6.33
C ARG D 424 -13.77 -8.78 -7.24
N ASP D 425 -13.70 -10.06 -6.88
CA ASP D 425 -14.34 -11.11 -7.66
C ASP D 425 -15.83 -11.15 -7.32
N GLY D 426 -16.67 -10.92 -8.32
CA GLY D 426 -18.10 -10.88 -8.11
C GLY D 426 -18.72 -12.24 -7.84
N GLY D 427 -18.53 -12.75 -6.63
CA GLY D 427 -19.11 -14.04 -6.28
C GLY D 427 -20.62 -13.95 -6.13
N SER D 428 -21.31 -14.96 -6.63
CA SER D 428 -22.77 -14.98 -6.57
C SER D 428 -23.27 -15.17 -5.13
N THR D 429 -22.49 -15.87 -4.30
CA THR D 429 -22.83 -16.05 -2.88
C THR D 429 -22.23 -14.88 -2.10
N ASN D 430 -22.93 -13.75 -2.13
CA ASN D 430 -22.44 -12.53 -1.54
C ASN D 430 -22.64 -12.53 -0.02
N SER D 431 -21.99 -11.57 0.63
CA SER D 431 -22.11 -11.36 2.08
C SER D 431 -21.62 -12.56 2.88
N THR D 432 -20.69 -13.33 2.31
CA THR D 432 -20.07 -14.43 3.04
C THR D 432 -18.64 -14.05 3.41
N THR D 433 -17.72 -14.22 2.46
CA THR D 433 -16.34 -13.75 2.61
C THR D 433 -15.89 -13.18 1.27
N GLU D 434 -15.26 -12.01 1.31
CA GLU D 434 -14.90 -11.29 0.10
C GLU D 434 -13.41 -11.47 -0.20
N THR D 435 -13.10 -11.69 -1.48
CA THR D 435 -11.73 -11.87 -1.93
C THR D 435 -11.32 -10.68 -2.79
N PHE D 436 -10.06 -10.28 -2.66
CA PHE D 436 -9.51 -9.14 -3.40
C PHE D 436 -8.31 -9.59 -4.22
N ARG D 437 -8.31 -9.20 -5.50
CA ARG D 437 -7.24 -9.53 -6.42
C ARG D 437 -6.79 -8.27 -7.16
N PRO D 438 -5.49 -8.15 -7.45
CA PRO D 438 -4.98 -6.89 -8.03
C PRO D 438 -5.11 -6.81 -9.54
N GLY D 439 -4.67 -5.69 -10.11
CA GLY D 439 -4.74 -5.50 -11.55
C GLY D 439 -4.44 -4.06 -11.92
N GLY D 440 -5.02 -3.63 -13.05
CA GLY D 440 -4.93 -2.24 -13.46
C GLY D 440 -3.97 -1.97 -14.60
N GLY D 441 -4.37 -2.32 -15.81
CA GLY D 441 -3.56 -2.07 -16.98
C GLY D 441 -3.93 -0.80 -17.70
N ASP D 442 -4.29 0.24 -16.95
CA ASP D 442 -4.69 1.52 -17.51
C ASP D 442 -3.98 2.63 -16.74
N MET D 443 -3.36 3.55 -17.48
CA MET D 443 -2.51 4.56 -16.84
C MET D 443 -3.32 5.59 -16.06
N ARG D 444 -4.59 5.80 -16.43
CA ARG D 444 -5.39 6.83 -15.78
C ARG D 444 -5.55 6.58 -14.30
N ASP D 445 -5.53 5.31 -13.88
CA ASP D 445 -5.56 5.00 -12.45
C ASP D 445 -4.27 5.46 -11.78
N ASN D 446 -3.14 5.35 -12.47
CA ASN D 446 -1.88 5.89 -11.95
C ASN D 446 -1.90 7.41 -11.87
N TRP D 447 -2.76 8.06 -12.66
CA TRP D 447 -2.92 9.51 -12.58
C TRP D 447 -4.06 9.92 -11.67
N ARG D 448 -5.10 9.08 -11.55
CA ARG D 448 -6.15 9.33 -10.57
C ARG D 448 -5.60 9.25 -9.15
N SER D 449 -4.54 8.47 -8.94
CA SER D 449 -3.96 8.33 -7.61
C SER D 449 -3.39 9.63 -7.07
N GLU D 450 -3.03 10.58 -7.94
CA GLU D 450 -2.45 11.83 -7.51
C GLU D 450 -3.24 13.06 -7.95
N LEU D 451 -4.33 12.87 -8.70
CA LEU D 451 -5.21 13.97 -9.10
C LEU D 451 -6.57 13.88 -8.44
N TYR D 452 -6.67 13.19 -7.30
CA TYR D 452 -7.94 13.10 -6.58
C TYR D 452 -8.30 14.38 -5.85
N LYS D 453 -7.31 15.23 -5.57
CA LYS D 453 -7.52 16.45 -4.81
C LYS D 453 -7.51 17.70 -5.67
N TYR D 454 -7.80 17.58 -6.96
CA TYR D 454 -7.74 18.71 -7.88
C TYR D 454 -8.89 18.65 -8.86
N LYS D 455 -9.39 19.82 -9.23
CA LYS D 455 -10.39 19.96 -10.27
C LYS D 455 -10.28 21.34 -10.89
N VAL D 456 -10.74 21.47 -12.12
CA VAL D 456 -10.59 22.68 -12.92
C VAL D 456 -11.87 23.50 -12.85
N VAL D 457 -11.72 24.81 -12.61
CA VAL D 457 -12.83 25.75 -12.64
C VAL D 457 -12.40 26.98 -13.42
N LYS D 458 -13.39 27.71 -13.93
CA LYS D 458 -13.16 28.94 -14.67
C LYS D 458 -13.70 30.12 -13.88
N ILE D 459 -12.94 31.21 -13.85
CA ILE D 459 -13.32 32.40 -13.10
C ILE D 459 -14.08 33.35 -14.02
N GLU D 460 -15.30 33.71 -13.60
CA GLU D 460 -16.13 34.66 -14.33
C GLU D 460 -16.30 35.92 -13.50
N PRO D 461 -15.52 36.98 -13.76
CA PRO D 461 -15.51 38.14 -12.86
C PRO D 461 -16.65 39.13 -13.07
N LEU D 462 -17.56 38.87 -14.01
CA LEU D 462 -18.67 39.79 -14.27
C LEU D 462 -19.86 39.38 -13.43
N GLY D 463 -20.18 40.18 -12.41
CA GLY D 463 -21.32 39.91 -11.56
C GLY D 463 -22.13 41.16 -11.30
N VAL D 464 -23.43 41.10 -11.57
CA VAL D 464 -24.35 42.21 -11.33
C VAL D 464 -24.99 42.03 -9.97
N ALA D 465 -25.36 43.15 -9.36
CA ALA D 465 -25.94 43.14 -8.01
C ALA D 465 -26.75 44.41 -7.82
N PRO D 466 -27.84 44.36 -7.05
CA PRO D 466 -28.66 45.55 -6.83
C PRO D 466 -28.23 46.35 -5.61
N THR D 467 -28.35 47.67 -5.73
CA THR D 467 -28.13 48.60 -4.63
C THR D 467 -28.71 49.95 -5.03
N ARG D 468 -29.09 50.74 -4.02
CA ARG D 468 -29.75 52.02 -4.25
C ARG D 468 -28.79 53.04 -4.85
N CYS D 469 -28.17 52.70 -5.98
CA CYS D 469 -27.15 53.55 -6.60
C CYS D 469 -27.50 53.77 -8.05
N LYS D 470 -27.61 55.04 -8.46
CA LYS D 470 -27.94 55.41 -9.82
C LYS D 470 -26.92 56.41 -10.33
N ARG D 471 -26.68 56.39 -11.65
CA ARG D 471 -25.69 57.27 -12.26
C ARG D 471 -26.25 58.67 -12.51
N ARG D 472 -25.64 59.40 -13.42
CA ARG D 472 -25.99 60.78 -13.68
C ARG D 472 -26.97 60.89 -14.85
N VAL D 473 -27.46 62.10 -15.08
CA VAL D 473 -28.40 62.37 -16.16
C VAL D 473 -27.65 62.65 -17.46
N GLN E 1 42.45 -41.44 14.21
CA GLN E 1 43.06 -41.48 12.88
C GLN E 1 42.20 -42.28 11.92
N VAL E 2 42.35 -42.02 10.63
CA VAL E 2 41.62 -42.71 9.58
C VAL E 2 42.63 -43.33 8.63
N HIS E 3 42.63 -44.66 8.55
CA HIS E 3 43.53 -45.41 7.67
C HIS E 3 42.70 -46.14 6.62
N LEU E 4 42.84 -45.74 5.37
CA LEU E 4 42.14 -46.36 4.25
C LEU E 4 43.12 -47.20 3.45
N GLN E 5 42.68 -48.39 3.04
CA GLN E 5 43.54 -49.32 2.31
C GLN E 5 42.75 -49.94 1.16
N GLU E 6 43.31 -49.85 -0.05
CA GLU E 6 42.73 -50.48 -1.22
C GLU E 6 43.41 -51.81 -1.48
N SER E 7 42.64 -52.76 -2.01
CA SER E 7 43.17 -54.08 -2.31
C SER E 7 42.33 -54.71 -3.41
N GLY E 8 42.97 -55.09 -4.51
CA GLY E 8 42.27 -55.70 -5.62
C GLY E 8 43.13 -56.72 -6.34
N PRO E 9 42.71 -57.11 -7.55
CA PRO E 9 43.50 -58.10 -8.30
C PRO E 9 44.79 -57.53 -8.86
N GLY E 10 44.76 -56.32 -9.39
CA GLY E 10 45.93 -55.73 -10.01
C GLY E 10 46.19 -56.14 -11.44
N LEU E 11 45.40 -57.06 -11.99
CA LEU E 11 45.55 -57.50 -13.37
C LEU E 11 44.22 -58.05 -13.86
N VAL E 12 43.64 -57.41 -14.88
CA VAL E 12 42.35 -57.78 -15.41
C VAL E 12 42.46 -57.86 -16.94
N LYS E 13 41.95 -58.95 -17.52
CA LYS E 13 41.97 -59.12 -18.95
C LYS E 13 41.08 -58.07 -19.62
N PRO E 14 41.35 -57.76 -20.89
CA PRO E 14 40.49 -56.79 -21.60
C PRO E 14 39.07 -57.30 -21.73
N SER E 15 38.13 -56.36 -21.74
CA SER E 15 36.69 -56.65 -21.86
C SER E 15 36.23 -57.61 -20.75
N GLU E 16 36.55 -57.26 -19.52
CA GLU E 16 36.14 -58.08 -18.37
C GLU E 16 35.47 -57.21 -17.31
N THR E 17 35.72 -57.48 -16.03
CA THR E 17 35.09 -56.75 -14.94
C THR E 17 36.09 -56.60 -13.81
N LEU E 18 36.39 -55.36 -13.44
CA LEU E 18 37.27 -55.07 -12.32
C LEU E 18 36.47 -55.01 -11.03
N SER E 19 37.05 -55.56 -9.96
CA SER E 19 36.43 -55.56 -8.64
C SER E 19 37.47 -55.14 -7.61
N LEU E 20 37.28 -53.96 -7.02
CA LEU E 20 38.18 -53.43 -6.00
C LEU E 20 37.46 -53.35 -4.66
N THR E 21 38.25 -53.14 -3.61
CA THR E 21 37.71 -53.06 -2.26
C THR E 21 38.58 -52.14 -1.43
N CYS E 22 37.94 -51.21 -0.71
CA CYS E 22 38.63 -50.24 0.15
C CYS E 22 38.34 -50.61 1.60
N ASN E 23 39.30 -51.26 2.25
CA ASN E 23 39.15 -51.63 3.65
C ASN E 23 39.27 -50.39 4.53
N VAL E 24 38.18 -50.05 5.21
CA VAL E 24 38.09 -48.82 5.99
C VAL E 24 38.47 -49.11 7.44
N SER E 25 39.30 -48.24 8.01
CA SER E 25 39.71 -48.37 9.41
C SER E 25 39.85 -46.97 9.98
N GLY E 26 39.04 -46.65 10.99
CA GLY E 26 39.09 -45.35 11.62
C GLY E 26 37.73 -44.72 11.81
N THR E 27 36.78 -45.06 10.93
CA THR E 27 35.44 -44.53 11.01
C THR E 27 34.49 -45.49 10.31
N LEU E 28 33.19 -45.20 10.41
CA LEU E 28 32.18 -46.03 9.77
C LEU E 28 31.98 -45.61 8.33
N VAL E 29 31.64 -46.58 7.48
CA VAL E 29 31.38 -46.31 6.07
C VAL E 29 30.03 -45.65 5.84
N ARG E 30 29.19 -45.57 6.86
CA ARG E 30 27.86 -44.99 6.74
C ARG E 30 27.82 -43.52 7.09
N ASP E 31 28.64 -43.09 8.06
CA ASP E 31 28.64 -41.71 8.53
C ASP E 31 29.55 -40.81 7.71
N ASN E 32 30.02 -41.26 6.55
CA ASN E 32 30.92 -40.46 5.74
C ASN E 32 30.67 -40.76 4.26
N TYR E 33 31.08 -39.83 3.41
CA TYR E 33 31.05 -40.01 1.97
C TYR E 33 32.35 -40.67 1.49
N TRP E 34 32.28 -41.28 0.32
CA TRP E 34 33.41 -42.00 -0.23
C TRP E 34 33.51 -41.74 -1.73
N SER E 35 34.74 -41.59 -2.21
CA SER E 35 34.99 -41.32 -3.63
C SER E 35 36.19 -42.12 -4.09
N TRP E 36 36.18 -42.51 -5.37
CA TRP E 36 37.26 -43.24 -5.99
C TRP E 36 37.86 -42.41 -7.11
N ILE E 37 39.20 -42.39 -7.16
CA ILE E 37 39.94 -41.58 -8.12
C ILE E 37 40.99 -42.47 -8.77
N ARG E 38 41.07 -42.42 -10.10
CA ARG E 38 42.09 -43.12 -10.86
C ARG E 38 42.99 -42.11 -11.56
N GLN E 39 44.23 -42.54 -11.85
CA GLN E 39 45.20 -41.65 -12.47
C GLN E 39 46.17 -42.42 -13.34
N PRO E 40 46.09 -42.30 -14.66
CA PRO E 40 47.09 -42.94 -15.52
C PRO E 40 48.46 -42.33 -15.33
N LEU E 41 49.47 -43.05 -15.83
CA LEU E 41 50.85 -42.61 -15.68
C LEU E 41 51.12 -41.39 -16.55
N GLY E 42 51.62 -40.32 -15.92
CA GLY E 42 51.93 -39.11 -16.65
C GLY E 42 50.75 -38.28 -17.09
N LYS E 43 49.59 -38.44 -16.43
CA LYS E 43 48.38 -37.71 -16.76
C LYS E 43 47.83 -37.07 -15.50
N GLN E 44 46.68 -36.36 -15.66
CA GLN E 44 46.05 -35.76 -14.49
C GLN E 44 44.99 -36.71 -13.91
N PRO E 45 44.78 -36.65 -12.60
CA PRO E 45 43.78 -37.54 -11.97
C PRO E 45 42.38 -37.29 -12.53
N GLU E 46 41.60 -38.36 -12.57
CA GLU E 46 40.24 -38.33 -13.10
C GLU E 46 39.28 -38.85 -12.05
N TRP E 47 38.21 -38.09 -11.80
CA TRP E 47 37.21 -38.50 -10.83
C TRP E 47 36.29 -39.56 -11.43
N ILE E 48 35.99 -40.59 -10.65
CA ILE E 48 35.17 -41.69 -11.10
C ILE E 48 33.74 -41.59 -10.58
N GLY E 49 33.57 -41.23 -9.31
CA GLY E 49 32.25 -41.10 -8.73
C GLY E 49 32.24 -41.27 -7.23
N TYR E 50 31.25 -40.67 -6.57
CA TYR E 50 31.13 -40.74 -5.12
C TYR E 50 30.00 -41.69 -4.73
N VAL E 51 30.08 -42.21 -3.51
CA VAL E 51 29.11 -43.16 -2.99
C VAL E 51 28.84 -42.82 -1.53
N HIS E 52 27.57 -42.93 -1.13
CA HIS E 52 27.16 -42.66 0.24
C HIS E 52 25.89 -43.45 0.52
N ASP E 53 25.54 -43.53 1.81
CA ASP E 53 24.34 -44.23 2.21
C ASP E 53 23.09 -43.48 1.72
N SER E 54 21.93 -44.10 1.94
CA SER E 54 20.63 -43.55 1.52
C SER E 54 20.56 -43.37 0.00
N GLY E 55 21.27 -44.20 -0.74
CA GLY E 55 21.21 -44.17 -2.19
C GLY E 55 21.84 -42.97 -2.85
N ASP E 56 22.64 -42.19 -2.12
CA ASP E 56 23.31 -41.01 -2.69
C ASP E 56 24.58 -41.48 -3.40
N THR E 57 24.45 -41.72 -4.70
CA THR E 57 25.57 -42.21 -5.51
C THR E 57 25.42 -41.71 -6.93
N ASN E 58 26.48 -41.07 -7.44
CA ASN E 58 26.51 -40.57 -8.81
C ASN E 58 27.77 -41.10 -9.50
N TYR E 59 27.69 -41.18 -10.82
CA TYR E 59 28.76 -41.76 -11.63
C TYR E 59 29.36 -40.71 -12.57
N ASN E 60 30.54 -41.02 -13.06
CA ASN E 60 31.19 -40.16 -14.06
C ASN E 60 30.41 -40.22 -15.37
N PRO E 61 30.00 -39.09 -15.92
CA PRO E 61 29.27 -39.12 -17.21
C PRO E 61 30.01 -39.83 -18.33
N SER E 62 31.35 -39.88 -18.28
CA SER E 62 32.10 -40.61 -19.29
C SER E 62 32.21 -42.10 -18.98
N LEU E 63 32.02 -42.49 -17.72
CA LEU E 63 32.08 -43.90 -17.32
C LEU E 63 30.78 -44.32 -16.66
N LYS E 64 29.66 -43.73 -17.07
CA LYS E 64 28.39 -43.92 -16.37
C LYS E 64 27.87 -45.34 -16.53
N SER E 65 27.82 -45.84 -17.76
CA SER E 65 27.18 -47.12 -18.07
C SER E 65 28.06 -48.33 -17.76
N ARG E 66 29.11 -48.18 -16.95
CA ARG E 66 30.01 -49.31 -16.69
C ARG E 66 30.33 -49.46 -15.20
N VAL E 67 30.35 -48.36 -14.47
CA VAL E 67 30.77 -48.37 -13.06
C VAL E 67 29.57 -48.64 -12.18
N HIS E 68 29.80 -49.38 -11.08
CA HIS E 68 28.77 -49.67 -10.09
C HIS E 68 29.43 -49.72 -8.73
N LEU E 69 29.07 -48.78 -7.85
CA LEU E 69 29.64 -48.69 -6.52
C LEU E 69 28.69 -49.27 -5.48
N SER E 70 29.24 -49.55 -4.30
CA SER E 70 28.46 -50.11 -3.20
C SER E 70 29.24 -49.93 -1.90
N LEU E 71 28.49 -49.92 -0.80
CA LEU E 71 29.05 -49.82 0.54
C LEU E 71 28.61 -51.02 1.36
N ASP E 72 29.57 -51.71 1.97
CA ASP E 72 29.31 -52.88 2.80
C ASP E 72 29.32 -52.44 4.25
N LYS E 73 28.13 -52.13 4.78
CA LYS E 73 28.03 -51.66 6.16
C LYS E 73 28.29 -52.78 7.16
N SER E 74 27.95 -54.02 6.80
CA SER E 74 28.19 -55.14 7.71
C SER E 74 29.68 -55.48 7.81
N LYS E 75 30.48 -55.12 6.81
CA LYS E 75 31.91 -55.39 6.83
C LYS E 75 32.75 -54.13 6.92
N ASN E 76 32.13 -52.95 6.84
CA ASN E 76 32.82 -51.66 6.98
C ASN E 76 33.95 -51.52 5.95
N LEU E 77 33.54 -51.49 4.68
CA LEU E 77 34.49 -51.34 3.59
C LEU E 77 33.76 -50.77 2.38
N VAL E 78 34.53 -50.18 1.47
CA VAL E 78 34.00 -49.60 0.24
C VAL E 78 34.36 -50.52 -0.92
N SER E 79 33.43 -50.65 -1.87
CA SER E 79 33.61 -51.52 -3.02
C SER E 79 33.53 -50.73 -4.31
N LEU E 80 33.94 -51.36 -5.40
CA LEU E 80 33.94 -50.74 -6.71
C LEU E 80 33.87 -51.82 -7.77
N ARG E 81 33.15 -51.53 -8.87
CA ARG E 81 33.06 -52.43 -10.00
C ARG E 81 33.20 -51.63 -11.29
N LEU E 82 33.70 -52.31 -12.33
CA LEU E 82 33.90 -51.67 -13.63
C LEU E 82 33.85 -52.77 -14.69
N THR E 83 32.72 -52.85 -15.40
CA THR E 83 32.53 -53.87 -16.42
C THR E 83 32.99 -53.36 -17.78
N GLY E 84 33.51 -54.28 -18.59
CA GLY E 84 33.99 -53.93 -19.91
C GLY E 84 35.19 -53.00 -19.89
N VAL E 85 36.33 -53.49 -19.43
CA VAL E 85 37.53 -52.69 -19.28
C VAL E 85 38.33 -52.73 -20.58
N THR E 86 39.12 -51.67 -20.80
CA THR E 86 39.99 -51.61 -21.97
C THR E 86 41.40 -51.19 -21.53
N ALA E 87 42.26 -50.88 -22.51
CA ALA E 87 43.62 -50.46 -22.18
C ALA E 87 43.67 -49.07 -21.56
N ALA E 88 42.63 -48.26 -21.77
CA ALA E 88 42.60 -46.91 -21.21
C ALA E 88 42.22 -46.89 -19.73
N ASP E 89 41.84 -48.02 -19.15
CA ASP E 89 41.46 -48.10 -17.75
C ASP E 89 42.62 -48.49 -16.84
N SER E 90 43.84 -48.51 -17.36
CA SER E 90 45.02 -48.82 -16.55
C SER E 90 45.44 -47.56 -15.80
N ALA E 91 45.24 -47.55 -14.48
CA ALA E 91 45.53 -46.39 -13.67
C ALA E 91 45.75 -46.83 -12.23
N ILE E 92 45.98 -45.86 -11.35
CA ILE E 92 46.16 -46.09 -9.93
C ILE E 92 44.89 -45.63 -9.23
N TYR E 93 44.11 -46.58 -8.71
CA TYR E 93 42.82 -46.28 -8.11
C TYR E 93 42.99 -46.04 -6.62
N TYR E 94 42.48 -44.90 -6.15
CA TYR E 94 42.59 -44.48 -4.77
C TYR E 94 41.23 -44.53 -4.09
N CYS E 95 41.27 -44.41 -2.76
CA CYS E 95 40.07 -44.41 -1.93
C CYS E 95 40.20 -43.29 -0.91
N ALA E 96 39.22 -42.38 -0.88
CA ALA E 96 39.31 -41.22 -0.02
C ALA E 96 37.94 -40.84 0.51
N THR E 97 37.91 -40.37 1.75
CA THR E 97 36.70 -39.80 2.31
C THR E 97 36.38 -38.49 1.62
N THR E 98 35.10 -38.12 1.65
CA THR E 98 34.63 -36.92 0.97
C THR E 98 33.79 -36.09 1.94
N LYS E 99 34.09 -34.79 2.02
CA LYS E 99 33.32 -33.84 2.80
C LYS E 99 32.69 -32.83 1.86
N HIS E 100 31.37 -32.66 1.99
CA HIS E 100 30.62 -31.83 1.06
C HIS E 100 30.67 -30.36 1.46
N GLY E 101 30.30 -29.50 0.52
CA GLY E 101 30.25 -28.07 0.76
C GLY E 101 29.10 -27.46 -0.02
N ARG E 102 28.79 -26.22 0.32
CA ARG E 102 27.69 -25.47 -0.31
C ARG E 102 28.17 -24.07 -0.60
N ARG E 103 28.46 -23.79 -1.87
CA ARG E 103 28.93 -22.48 -2.30
C ARG E 103 27.73 -21.64 -2.75
N ILE E 104 27.49 -20.54 -2.06
CA ILE E 104 26.34 -19.67 -2.30
C ILE E 104 26.82 -18.38 -2.94
N TYR E 105 26.20 -18.02 -4.06
CA TYR E 105 26.52 -16.78 -4.77
C TYR E 105 25.31 -15.89 -5.00
N GLY E 106 24.11 -16.44 -5.07
CA GLY E 106 22.93 -15.67 -5.38
C GLY E 106 22.08 -15.30 -4.18
N VAL E 107 20.84 -15.79 -4.15
CA VAL E 107 19.89 -15.44 -3.11
C VAL E 107 19.36 -16.68 -2.38
N VAL E 108 20.07 -17.80 -2.50
CA VAL E 108 19.77 -19.04 -1.77
C VAL E 108 18.41 -19.61 -2.18
N ALA E 109 17.36 -18.81 -2.02
CA ALA E 109 16.00 -19.31 -2.24
C ALA E 109 15.80 -19.76 -3.68
N PHE E 110 16.44 -19.08 -4.64
CA PHE E 110 16.23 -19.39 -6.05
C PHE E 110 17.21 -20.45 -6.52
N LYS E 111 17.70 -21.27 -5.60
CA LYS E 111 18.64 -22.35 -5.91
C LYS E 111 19.89 -21.81 -6.62
N GLU E 112 20.25 -20.57 -6.33
CA GLU E 112 21.42 -19.95 -6.95
C GLU E 112 22.69 -20.31 -6.17
N TRP E 113 22.92 -21.61 -6.08
CA TRP E 113 24.07 -22.16 -5.39
C TRP E 113 24.42 -23.51 -6.02
N PHE E 114 25.56 -24.06 -5.61
CA PHE E 114 25.98 -25.36 -6.10
C PHE E 114 26.77 -26.07 -5.01
N THR E 115 26.67 -27.40 -5.00
CA THR E 115 27.32 -28.23 -4.00
C THR E 115 28.65 -28.75 -4.56
N TYR E 116 29.74 -28.40 -3.89
CA TYR E 116 31.08 -28.83 -4.27
C TYR E 116 31.60 -29.83 -3.26
N PHE E 117 32.50 -30.70 -3.72
CA PHE E 117 33.08 -31.74 -2.89
C PHE E 117 34.60 -31.61 -2.85
N TYR E 118 35.21 -32.24 -1.86
CA TYR E 118 36.65 -32.27 -1.72
C TYR E 118 37.04 -33.44 -0.83
N MET E 119 38.06 -34.18 -1.25
CA MET E 119 38.57 -35.32 -0.48
C MET E 119 39.75 -34.86 0.37
N ASP E 120 39.70 -35.20 1.67
CA ASP E 120 40.71 -34.77 2.62
C ASP E 120 41.60 -35.91 3.12
N VAL E 121 41.05 -37.09 3.32
CA VAL E 121 41.80 -38.23 3.83
C VAL E 121 41.83 -39.28 2.72
N TRP E 122 42.97 -39.36 2.03
CA TRP E 122 43.15 -40.30 0.93
C TRP E 122 43.57 -41.67 1.44
N GLY E 123 43.83 -42.59 0.51
CA GLY E 123 44.31 -43.91 0.83
C GLY E 123 45.70 -44.14 0.22
N LYS E 124 46.29 -45.28 0.59
CA LYS E 124 47.61 -45.60 0.07
C LYS E 124 47.58 -45.90 -1.42
N GLY E 125 46.43 -46.33 -1.94
CA GLY E 125 46.28 -46.54 -3.36
C GLY E 125 46.69 -47.92 -3.84
N THR E 126 45.93 -48.47 -4.77
CA THR E 126 46.24 -49.75 -5.39
C THR E 126 46.56 -49.54 -6.86
N SER E 127 47.35 -50.47 -7.41
CA SER E 127 47.78 -50.41 -8.81
C SER E 127 47.06 -51.50 -9.60
N VAL E 128 46.42 -51.12 -10.70
CA VAL E 128 45.67 -52.03 -11.54
C VAL E 128 46.17 -51.87 -12.97
N THR E 129 46.66 -52.97 -13.55
CA THR E 129 47.14 -53.00 -14.92
C THR E 129 46.23 -53.88 -15.76
N VAL E 130 45.91 -53.42 -16.96
CA VAL E 130 45.01 -54.14 -17.87
C VAL E 130 45.86 -54.73 -19.00
N SER E 131 45.86 -56.05 -19.10
CA SER E 131 46.59 -56.75 -20.15
C SER E 131 46.05 -58.16 -20.27
N SER E 132 46.24 -58.75 -21.44
CA SER E 132 45.78 -60.11 -21.73
C SER E 132 46.88 -61.14 -21.51
N ALA E 133 47.93 -60.79 -20.77
CA ALA E 133 49.03 -61.71 -20.47
C ALA E 133 48.83 -62.36 -19.11
N SER E 134 49.54 -63.46 -18.90
CA SER E 134 49.46 -64.21 -17.66
C SER E 134 50.45 -63.68 -16.64
N THR E 135 50.18 -64.00 -15.37
CA THR E 135 51.05 -63.59 -14.29
C THR E 135 52.22 -64.57 -14.15
N LYS E 136 53.42 -64.05 -14.01
CA LYS E 136 54.62 -64.86 -13.86
C LYS E 136 55.22 -64.64 -12.48
N GLY E 137 55.53 -65.73 -11.79
CA GLY E 137 56.15 -65.66 -10.49
C GLY E 137 57.61 -65.23 -10.59
N PRO E 138 58.00 -64.26 -9.77
CA PRO E 138 59.37 -63.74 -9.84
C PRO E 138 60.38 -64.75 -9.31
N SER E 139 61.64 -64.52 -9.69
CA SER E 139 62.76 -65.34 -9.25
C SER E 139 63.72 -64.47 -8.47
N VAL E 140 63.93 -64.78 -7.20
CA VAL E 140 64.76 -63.98 -6.31
C VAL E 140 66.16 -64.56 -6.27
N PHE E 141 67.16 -63.68 -6.36
CA PHE E 141 68.56 -64.08 -6.30
C PHE E 141 69.30 -63.13 -5.37
N PRO E 142 70.05 -63.64 -4.39
CA PRO E 142 70.71 -62.76 -3.43
C PRO E 142 72.00 -62.16 -3.97
N LEU E 143 72.24 -60.90 -3.59
CA LEU E 143 73.45 -60.18 -4.01
C LEU E 143 74.43 -60.16 -2.83
N ALA E 144 75.64 -60.64 -3.08
CA ALA E 144 76.65 -60.75 -2.03
C ALA E 144 77.25 -59.38 -1.71
N PRO E 145 77.65 -59.16 -0.46
CA PRO E 145 78.27 -57.89 -0.09
C PRO E 145 79.68 -57.76 -0.67
N SER E 146 80.08 -56.52 -0.92
CA SER E 146 81.41 -56.24 -1.46
C SER E 146 81.73 -54.77 -1.20
N SER E 147 82.49 -54.50 -0.14
CA SER E 147 82.92 -53.16 0.22
C SER E 147 81.77 -52.17 0.31
N GLY E 152 86.61 -49.63 3.38
CA GLY E 152 86.44 -48.25 3.78
C GLY E 152 85.54 -48.08 4.99
N GLY E 153 85.42 -49.14 5.79
CA GLY E 153 84.59 -49.12 6.98
C GLY E 153 83.12 -49.33 6.75
N THR E 154 82.66 -49.30 5.49
CA THR E 154 81.26 -49.51 5.16
C THR E 154 81.15 -50.60 4.11
N ALA E 155 79.95 -51.19 4.02
CA ALA E 155 79.69 -52.26 3.07
C ALA E 155 78.26 -52.16 2.57
N ALA E 156 78.03 -52.67 1.37
CA ALA E 156 76.71 -52.68 0.76
C ALA E 156 76.17 -54.10 0.70
N LEU E 157 74.84 -54.21 0.70
CA LEU E 157 74.17 -55.50 0.66
C LEU E 157 72.79 -55.30 0.05
N GLY E 158 72.39 -56.23 -0.81
CA GLY E 158 71.11 -56.09 -1.46
C GLY E 158 70.58 -57.42 -1.97
N CYS E 159 69.38 -57.36 -2.54
CA CYS E 159 68.71 -58.51 -3.12
C CYS E 159 68.31 -58.17 -4.56
N LEU E 160 67.61 -59.09 -5.21
CA LEU E 160 67.23 -58.91 -6.61
C LEU E 160 65.94 -59.65 -6.90
N VAL E 161 65.08 -59.03 -7.68
CA VAL E 161 63.83 -59.64 -8.14
C VAL E 161 63.79 -59.50 -9.65
N LYS E 162 63.81 -60.63 -10.36
CA LYS E 162 63.95 -60.66 -11.81
C LYS E 162 62.79 -61.43 -12.44
N ASP E 163 62.29 -60.90 -13.55
CA ASP E 163 61.28 -61.56 -14.39
C ASP E 163 59.97 -61.81 -13.64
N TYR E 164 59.02 -60.91 -13.81
CA TYR E 164 57.69 -61.02 -13.21
C TYR E 164 56.77 -60.01 -13.89
N PHE E 165 55.48 -60.28 -13.86
CA PHE E 165 54.53 -59.34 -14.44
C PHE E 165 53.99 -58.45 -13.33
N PRO E 166 52.93 -57.62 -13.55
CA PRO E 166 52.98 -56.25 -13.03
C PRO E 166 53.42 -56.04 -11.59
N GLU E 167 54.50 -55.29 -11.43
CA GLU E 167 54.81 -54.68 -10.14
C GLU E 167 53.85 -53.53 -9.93
N PRO E 168 53.01 -53.53 -8.88
CA PRO E 168 52.80 -54.22 -7.60
C PRO E 168 53.86 -55.22 -7.13
N VAL E 169 54.89 -54.70 -6.45
CA VAL E 169 55.89 -55.52 -5.78
C VAL E 169 56.31 -54.79 -4.50
N THR E 170 56.25 -55.49 -3.37
CA THR E 170 56.64 -54.93 -2.08
C THR E 170 57.85 -55.69 -1.56
N VAL E 171 58.86 -54.93 -1.11
CA VAL E 171 60.10 -55.49 -0.60
C VAL E 171 60.37 -54.90 0.78
N SER E 172 60.60 -55.76 1.76
CA SER E 172 60.91 -55.35 3.12
C SER E 172 62.15 -56.09 3.60
N TRP E 173 62.78 -55.53 4.63
CA TRP E 173 64.01 -56.07 5.19
C TRP E 173 63.79 -56.41 6.66
N ASN E 174 64.13 -57.64 7.04
CA ASN E 174 63.98 -58.13 8.42
C ASN E 174 62.54 -57.98 8.90
N SER E 175 61.59 -58.22 7.99
CA SER E 175 60.16 -58.12 8.28
C SER E 175 59.80 -56.73 8.82
N GLY E 176 60.44 -55.70 8.28
CA GLY E 176 60.18 -54.34 8.69
C GLY E 176 61.04 -53.83 9.83
N ALA E 177 62.07 -54.56 10.24
CA ALA E 177 62.96 -54.15 11.32
C ALA E 177 64.21 -53.45 10.82
N LEU E 178 64.19 -52.95 9.58
CA LEU E 178 65.35 -52.25 9.02
C LEU E 178 64.81 -51.15 8.10
N THR E 179 64.74 -49.93 8.64
CA THR E 179 64.23 -48.79 7.90
C THR E 179 65.28 -47.70 7.68
N SER E 180 66.53 -47.97 8.03
CA SER E 180 67.62 -47.01 7.89
C SER E 180 68.63 -47.54 6.88
N GLY E 181 68.76 -46.82 5.77
CA GLY E 181 69.70 -47.19 4.72
C GLY E 181 69.11 -47.95 3.55
N VAL E 182 67.80 -48.18 3.55
CA VAL E 182 67.17 -48.94 2.47
C VAL E 182 66.86 -47.99 1.32
N HIS E 183 67.23 -48.40 0.10
CA HIS E 183 66.99 -47.61 -1.12
C HIS E 183 66.51 -48.57 -2.21
N THR E 184 65.21 -48.85 -2.21
CA THR E 184 64.62 -49.71 -3.23
C THR E 184 64.48 -48.94 -4.54
N PHE E 185 64.87 -49.59 -5.65
CA PHE E 185 64.90 -48.93 -6.95
C PHE E 185 63.70 -49.34 -7.79
N PRO E 186 63.27 -48.48 -8.72
CA PRO E 186 62.16 -48.84 -9.61
C PRO E 186 62.54 -49.95 -10.57
N ALA E 187 61.52 -50.61 -11.11
CA ALA E 187 61.74 -51.74 -11.99
C ALA E 187 61.98 -51.27 -13.42
N VAL E 188 62.56 -52.17 -14.22
CA VAL E 188 62.83 -51.91 -15.63
C VAL E 188 62.00 -52.88 -16.46
N LEU E 189 61.31 -52.35 -17.46
CA LEU E 189 60.48 -53.16 -18.35
C LEU E 189 61.37 -53.66 -19.50
N GLN E 190 61.71 -54.94 -19.47
CA GLN E 190 62.56 -55.52 -20.49
C GLN E 190 61.77 -55.74 -21.77
N SER E 191 62.49 -56.13 -22.84
CA SER E 191 61.84 -56.39 -24.12
C SER E 191 60.93 -57.61 -24.08
N SER E 192 61.13 -58.50 -23.10
CA SER E 192 60.28 -59.68 -22.98
C SER E 192 58.92 -59.36 -22.38
N GLY E 193 58.80 -58.25 -21.66
CA GLY E 193 57.55 -57.87 -21.03
C GLY E 193 57.51 -58.24 -19.56
N LEU E 194 58.65 -58.12 -18.88
CA LEU E 194 58.76 -58.47 -17.48
C LEU E 194 59.55 -57.39 -16.75
N TYR E 195 59.05 -56.97 -15.59
CA TYR E 195 59.74 -55.98 -14.79
C TYR E 195 60.83 -56.63 -13.95
N SER E 196 61.74 -55.81 -13.44
CA SER E 196 62.84 -56.29 -12.59
C SER E 196 63.41 -55.12 -11.82
N LEU E 197 63.38 -55.21 -10.49
CA LEU E 197 63.88 -54.15 -9.61
C LEU E 197 64.95 -54.72 -8.67
N SER E 198 65.54 -53.82 -7.88
CA SER E 198 66.55 -54.20 -6.90
C SER E 198 66.31 -53.39 -5.63
N SER E 199 67.04 -53.74 -4.58
CA SER E 199 66.92 -53.05 -3.30
C SER E 199 68.19 -53.29 -2.51
N VAL E 200 68.86 -52.21 -2.10
CA VAL E 200 70.13 -52.29 -1.39
C VAL E 200 69.99 -51.60 -0.05
N VAL E 201 70.87 -51.97 0.88
CA VAL E 201 70.90 -51.40 2.22
C VAL E 201 72.35 -51.09 2.56
N THR E 202 72.59 -49.90 3.11
CA THR E 202 73.93 -49.49 3.53
C THR E 202 74.10 -49.85 5.01
N VAL E 203 74.87 -50.89 5.28
CA VAL E 203 75.12 -51.36 6.65
C VAL E 203 76.61 -51.20 6.94
N PRO E 204 76.98 -51.08 8.21
CA PRO E 204 78.41 -50.98 8.54
C PRO E 204 79.15 -52.26 8.19
N SER E 205 80.48 -52.12 8.09
CA SER E 205 81.32 -53.25 7.70
C SER E 205 81.35 -54.34 8.76
N SER E 206 80.94 -54.04 9.99
CA SER E 206 80.86 -55.05 11.05
C SER E 206 79.58 -55.87 10.98
N SER E 207 79.17 -56.27 9.78
CA SER E 207 77.94 -57.03 9.59
C SER E 207 78.10 -58.51 9.91
N LEU E 208 79.32 -58.98 10.13
CA LEU E 208 79.54 -60.39 10.45
C LEU E 208 78.97 -60.73 11.81
N GLY E 209 78.96 -62.02 12.11
CA GLY E 209 78.34 -62.55 13.31
C GLY E 209 76.99 -63.21 13.11
N THR E 210 76.66 -63.63 11.88
CA THR E 210 75.38 -64.27 11.58
C THR E 210 74.20 -63.39 12.02
N GLN E 211 74.25 -62.13 11.60
CA GLN E 211 73.12 -61.22 11.83
C GLN E 211 71.86 -61.67 11.10
N THR E 212 72.01 -62.54 10.09
CA THR E 212 70.89 -63.14 9.38
C THR E 212 70.01 -62.08 8.72
N TYR E 213 70.65 -61.22 7.92
CA TYR E 213 69.92 -60.24 7.13
C TYR E 213 69.19 -60.93 5.99
N ILE E 214 67.87 -60.83 5.97
CA ILE E 214 67.03 -61.48 4.98
C ILE E 214 66.01 -60.49 4.44
N CYS E 215 65.84 -60.48 3.13
CA CYS E 215 64.89 -59.60 2.46
C CYS E 215 63.61 -60.36 2.17
N ASN E 216 62.47 -59.74 2.52
CA ASN E 216 61.16 -60.34 2.30
C ASN E 216 60.55 -59.75 1.03
N VAL E 217 60.17 -60.63 0.11
CA VAL E 217 59.62 -60.24 -1.19
C VAL E 217 58.20 -60.78 -1.29
N ASN E 218 57.27 -59.94 -1.75
CA ASN E 218 55.88 -60.32 -1.93
C ASN E 218 55.40 -59.86 -3.29
N HIS E 219 54.61 -60.70 -3.95
CA HIS E 219 54.03 -60.39 -5.26
C HIS E 219 52.55 -60.79 -5.20
N LYS E 220 51.67 -59.80 -5.09
CA LYS E 220 50.25 -60.07 -4.97
C LYS E 220 49.64 -60.74 -6.21
N PRO E 221 49.94 -60.34 -7.45
CA PRO E 221 49.29 -60.99 -8.60
C PRO E 221 49.57 -62.48 -8.71
N SER E 222 50.66 -62.98 -8.11
CA SER E 222 50.98 -64.39 -8.16
C SER E 222 50.95 -65.06 -6.80
N ASN E 223 50.64 -64.31 -5.73
CA ASN E 223 50.60 -64.85 -4.37
C ASN E 223 51.92 -65.50 -3.99
N THR E 224 53.02 -64.92 -4.46
CA THR E 224 54.35 -65.49 -4.28
C THR E 224 55.04 -64.77 -3.12
N LYS E 225 55.45 -65.54 -2.11
CA LYS E 225 56.20 -65.02 -0.97
C LYS E 225 57.48 -65.85 -0.84
N VAL E 226 58.62 -65.23 -1.13
CA VAL E 226 59.90 -65.90 -1.15
C VAL E 226 60.83 -65.21 -0.17
N ASP E 227 61.52 -66.00 0.66
CA ASP E 227 62.52 -65.50 1.59
C ASP E 227 63.88 -66.08 1.20
N LYS E 228 64.84 -65.21 0.94
CA LYS E 228 66.18 -65.61 0.52
C LYS E 228 67.20 -65.00 1.47
N ARG E 229 67.94 -65.85 2.16
CA ARG E 229 68.95 -65.39 3.11
C ARG E 229 70.23 -65.00 2.36
N VAL E 230 70.72 -63.80 2.63
CA VAL E 230 71.93 -63.28 1.98
C VAL E 230 73.12 -63.54 2.88
N GLU E 231 74.16 -64.14 2.32
CA GLU E 231 75.38 -64.46 3.06
C GLU E 231 76.59 -64.19 2.17
N PRO E 232 77.63 -63.54 2.70
CA PRO E 232 78.85 -63.23 1.95
C PRO E 232 79.55 -64.46 1.38
N THR F 3 53.25 -28.17 -17.51
CA THR F 3 53.91 -26.88 -17.35
C THR F 3 54.77 -26.88 -16.10
N PHE F 4 55.96 -26.28 -16.20
CA PHE F 4 56.91 -26.22 -15.10
C PHE F 4 57.19 -24.77 -14.74
N VAL F 5 57.12 -24.46 -13.45
CA VAL F 5 57.48 -23.14 -12.94
C VAL F 5 58.44 -23.34 -11.77
N SER F 6 59.51 -22.54 -11.75
CA SER F 6 60.54 -22.63 -10.72
C SER F 6 60.60 -21.32 -9.94
N VAL F 7 60.89 -21.45 -8.64
CA VAL F 7 61.01 -20.31 -7.75
C VAL F 7 62.22 -20.54 -6.84
N ALA F 8 63.05 -19.51 -6.68
CA ALA F 8 64.18 -19.62 -5.78
C ALA F 8 63.71 -19.89 -4.36
N PRO F 9 64.44 -20.68 -3.58
CA PRO F 9 64.00 -21.01 -2.23
C PRO F 9 63.86 -19.77 -1.35
N GLY F 10 62.86 -19.80 -0.47
CA GLY F 10 62.58 -18.68 0.41
C GLY F 10 61.72 -17.59 -0.20
N GLN F 11 61.51 -17.61 -1.51
CA GLN F 11 60.71 -16.58 -2.18
C GLN F 11 59.24 -16.99 -2.18
N THR F 12 58.44 -16.42 -3.08
CA THR F 12 57.03 -16.73 -3.20
C THR F 12 56.77 -17.42 -4.54
N ALA F 13 55.88 -18.41 -4.53
CA ALA F 13 55.59 -19.21 -5.72
C ALA F 13 54.19 -18.90 -6.23
N ARG F 14 54.04 -19.00 -7.55
CA ARG F 14 52.75 -18.82 -8.22
C ARG F 14 52.51 -20.01 -9.15
N ILE F 15 51.27 -20.49 -9.18
CA ILE F 15 50.90 -21.65 -10.00
C ILE F 15 49.54 -21.39 -10.62
N THR F 16 49.43 -21.59 -11.93
CA THR F 16 48.20 -21.42 -12.68
C THR F 16 47.66 -22.78 -13.10
N CYS F 17 46.35 -22.96 -12.95
CA CYS F 17 45.70 -24.22 -13.30
C CYS F 17 44.25 -23.94 -13.67
N GLY F 18 43.75 -24.68 -14.66
CA GLY F 18 42.39 -24.54 -15.12
C GLY F 18 42.22 -23.39 -16.11
N GLU F 19 41.02 -23.30 -16.66
CA GLU F 19 40.69 -22.27 -17.63
C GLU F 19 40.39 -20.96 -16.89
N GLU F 20 39.87 -19.97 -17.62
CA GLU F 20 39.51 -18.70 -17.01
C GLU F 20 38.11 -18.80 -16.39
N SER F 21 37.90 -18.02 -15.33
CA SER F 21 36.66 -18.09 -14.58
C SER F 21 35.51 -17.50 -15.39
N LEU F 22 34.38 -18.22 -15.39
CA LEU F 22 33.16 -17.74 -16.02
C LEU F 22 32.10 -17.33 -15.01
N GLY F 23 32.23 -17.71 -13.76
CA GLY F 23 31.31 -17.31 -12.72
C GLY F 23 31.95 -17.46 -11.36
N SER F 24 31.10 -17.47 -10.33
CA SER F 24 31.58 -17.68 -8.97
C SER F 24 32.10 -19.11 -8.83
N ARG F 25 33.32 -19.25 -8.34
CA ARG F 25 34.01 -20.53 -8.30
C ARG F 25 34.33 -20.94 -6.87
N SER F 26 34.70 -22.22 -6.73
CA SER F 26 35.17 -22.80 -5.47
C SER F 26 36.29 -23.79 -5.85
N VAL F 27 37.48 -23.26 -6.04
CA VAL F 27 38.60 -24.04 -6.56
C VAL F 27 39.19 -24.88 -5.43
N ILE F 28 39.46 -26.14 -5.72
CA ILE F 28 40.08 -27.07 -4.78
C ILE F 28 41.48 -27.40 -5.29
N TRP F 29 42.48 -27.16 -4.46
CA TRP F 29 43.87 -27.43 -4.83
C TRP F 29 44.36 -28.71 -4.17
N TYR F 30 45.26 -29.41 -4.87
CA TYR F 30 45.84 -30.65 -4.38
C TYR F 30 47.33 -30.65 -4.65
N GLN F 31 48.05 -31.43 -3.83
CA GLN F 31 49.49 -31.60 -3.97
C GLN F 31 49.81 -33.08 -4.05
N GLN F 32 50.55 -33.47 -5.09
CA GLN F 32 50.90 -34.87 -5.31
C GLN F 32 52.40 -35.03 -5.18
N ARG F 33 52.85 -35.63 -4.09
CA ARG F 33 54.25 -35.93 -3.91
C ARG F 33 54.68 -37.01 -4.91
N PRO F 34 55.89 -36.91 -5.47
CA PRO F 34 56.34 -37.92 -6.44
C PRO F 34 56.38 -39.31 -5.82
N GLY F 35 55.64 -40.23 -6.43
CA GLY F 35 55.56 -41.58 -5.93
C GLY F 35 54.59 -41.79 -4.78
N GLN F 36 53.80 -40.78 -4.44
CA GLN F 36 52.87 -40.89 -3.31
C GLN F 36 51.45 -40.56 -3.76
N ALA F 37 50.54 -40.39 -2.78
CA ALA F 37 49.15 -40.08 -3.06
C ALA F 37 48.89 -38.59 -2.92
N PRO F 38 48.00 -38.04 -3.75
CA PRO F 38 47.67 -36.61 -3.64
C PRO F 38 46.98 -36.30 -2.32
N SER F 39 47.27 -35.11 -1.80
CA SER F 39 46.71 -34.64 -0.54
C SER F 39 45.96 -33.34 -0.77
N LEU F 40 45.05 -33.04 0.16
CA LEU F 40 44.26 -31.81 0.09
C LEU F 40 45.04 -30.65 0.70
N ILE F 41 45.16 -29.56 -0.05
CA ILE F 41 45.88 -28.37 0.39
C ILE F 41 44.92 -27.25 0.74
N ILE F 42 44.14 -26.76 -0.23
CA ILE F 42 43.23 -25.65 -0.02
C ILE F 42 41.90 -25.99 -0.68
N TYR F 43 40.83 -25.99 0.11
CA TYR F 43 39.47 -26.14 -0.40
C TYR F 43 38.76 -24.80 -0.32
N ASN F 44 37.75 -24.64 -1.17
CA ASN F 44 36.95 -23.41 -1.26
C ASN F 44 37.84 -22.20 -1.51
N ASN F 45 38.54 -22.23 -2.65
CA ASN F 45 39.36 -21.13 -3.14
C ASN F 45 40.51 -20.78 -2.21
N ASN F 46 40.22 -20.33 -1.00
CA ASN F 46 41.25 -19.91 -0.07
C ASN F 46 40.84 -20.24 1.36
N ASP F 47 40.63 -21.53 1.64
CA ASP F 47 40.34 -22.01 2.99
C ASP F 47 41.17 -23.25 3.24
N ARG F 48 42.06 -23.19 4.23
CA ARG F 48 42.98 -24.29 4.48
C ARG F 48 42.47 -25.14 5.64
N PRO F 49 42.49 -26.47 5.52
CA PRO F 49 42.09 -27.32 6.64
C PRO F 49 43.17 -27.42 7.70
N SER F 50 43.02 -28.35 8.64
CA SER F 50 44.01 -28.54 9.69
C SER F 50 45.21 -29.31 9.14
N GLY F 51 46.41 -28.79 9.41
CA GLY F 51 47.64 -29.40 8.94
C GLY F 51 48.32 -28.69 7.79
N ILE F 52 47.75 -27.60 7.29
CA ILE F 52 48.32 -26.84 6.19
C ILE F 52 48.65 -25.45 6.71
N PRO F 53 49.88 -24.97 6.55
CA PRO F 53 50.24 -23.65 7.08
C PRO F 53 49.60 -22.53 6.26
N ASP F 54 49.67 -21.33 6.82
CA ASP F 54 49.12 -20.15 6.17
C ASP F 54 49.97 -19.67 5.00
N ARG F 55 51.07 -20.35 4.68
CA ARG F 55 51.91 -19.95 3.56
C ARG F 55 51.22 -20.19 2.22
N PHE F 56 50.19 -21.02 2.19
CA PHE F 56 49.45 -21.33 0.97
C PHE F 56 48.17 -20.52 0.93
N SER F 57 47.93 -19.84 -0.20
CA SER F 57 46.72 -19.05 -0.39
C SER F 57 46.32 -19.11 -1.85
N GLY F 58 45.03 -19.33 -2.09
CA GLY F 58 44.52 -19.37 -3.44
C GLY F 58 43.75 -18.12 -3.81
N SER F 59 43.59 -17.88 -5.11
CA SER F 59 42.83 -16.73 -5.55
C SER F 59 41.35 -16.90 -5.18
N PRO F 60 40.69 -15.83 -4.75
CA PRO F 60 39.27 -15.96 -4.37
C PRO F 60 38.40 -16.27 -5.57
N GLY F 61 37.39 -17.11 -5.34
CA GLY F 61 36.47 -17.49 -6.39
C GLY F 61 35.38 -16.46 -6.64
N SER F 62 35.63 -15.23 -6.18
CA SER F 62 34.70 -14.12 -6.38
C SER F 62 35.08 -13.24 -7.57
N THR F 63 36.22 -13.51 -8.20
CA THR F 63 36.66 -12.73 -9.35
C THR F 63 36.19 -13.40 -10.63
N PHE F 64 35.63 -12.60 -11.53
CA PHE F 64 35.05 -13.10 -12.79
C PHE F 64 35.97 -12.69 -13.94
N GLY F 65 36.76 -13.64 -14.42
CA GLY F 65 37.61 -13.40 -15.57
C GLY F 65 39.06 -13.77 -15.37
N THR F 66 39.42 -14.26 -14.19
CA THR F 66 40.79 -14.63 -13.86
C THR F 66 40.89 -16.13 -13.63
N THR F 67 42.09 -16.66 -13.86
CA THR F 67 42.33 -18.09 -13.65
C THR F 67 42.61 -18.38 -12.19
N ALA F 68 42.46 -19.64 -11.82
CA ALA F 68 42.72 -20.08 -10.46
C ALA F 68 44.21 -19.99 -10.17
N THR F 69 44.59 -19.13 -9.23
CA THR F 69 45.99 -18.89 -8.90
C THR F 69 46.28 -19.46 -7.51
N LEU F 70 47.39 -20.19 -7.40
CA LEU F 70 47.83 -20.77 -6.14
C LEU F 70 49.14 -20.09 -5.74
N THR F 71 49.11 -19.36 -4.63
CA THR F 71 50.26 -18.62 -4.15
C THR F 71 50.89 -19.37 -2.97
N ILE F 72 52.21 -19.56 -3.03
CA ILE F 72 52.96 -20.28 -2.01
C ILE F 72 54.06 -19.36 -1.51
N THR F 73 53.86 -18.78 -0.33
CA THR F 73 54.88 -17.94 0.27
C THR F 73 55.91 -18.80 1.00
N SER F 74 57.15 -18.31 1.04
CA SER F 74 58.26 -19.02 1.64
C SER F 74 58.45 -20.39 1.01
N VAL F 75 59.14 -20.45 -0.11
CA VAL F 75 59.30 -21.69 -0.87
C VAL F 75 60.41 -22.53 -0.23
N GLU F 76 60.13 -23.81 -0.03
CA GLU F 76 61.08 -24.77 0.52
C GLU F 76 61.23 -25.95 -0.43
N ALA F 77 62.29 -26.73 -0.20
CA ALA F 77 62.57 -27.88 -1.04
C ALA F 77 61.53 -28.98 -0.90
N GLY F 78 60.80 -29.00 0.22
CA GLY F 78 59.74 -29.98 0.42
C GLY F 78 58.52 -29.77 -0.45
N ASP F 79 58.28 -28.53 -0.91
CA ASP F 79 57.12 -28.22 -1.73
C ASP F 79 57.31 -28.63 -3.19
N GLU F 80 58.47 -29.18 -3.56
CA GLU F 80 58.74 -29.62 -4.91
C GLU F 80 57.88 -30.84 -5.22
N ALA F 81 56.74 -30.63 -5.87
CA ALA F 81 55.82 -31.70 -6.21
C ALA F 81 54.90 -31.20 -7.31
N ASP F 82 53.86 -31.98 -7.61
CA ASP F 82 52.86 -31.61 -8.59
C ASP F 82 51.65 -30.96 -7.90
N TYR F 83 51.02 -30.02 -8.60
CA TYR F 83 49.90 -29.25 -8.05
C TYR F 83 48.77 -29.24 -9.07
N TYR F 84 47.66 -29.89 -8.72
CA TYR F 84 46.47 -29.94 -9.56
C TYR F 84 45.35 -29.12 -8.91
N CYS F 85 44.35 -28.77 -9.71
CA CYS F 85 43.22 -27.99 -9.25
C CYS F 85 41.92 -28.62 -9.73
N HIS F 86 40.86 -28.42 -8.93
CA HIS F 86 39.53 -28.91 -9.24
C HIS F 86 38.60 -27.71 -9.35
N ILE F 87 38.11 -27.44 -10.56
CA ILE F 87 37.33 -26.24 -10.84
C ILE F 87 35.85 -26.53 -10.62
N TRP F 88 35.22 -25.74 -9.75
CA TRP F 88 33.78 -25.80 -9.51
C TRP F 88 33.20 -24.46 -9.96
N ASP F 89 32.64 -24.42 -11.15
CA ASP F 89 32.13 -23.19 -11.74
C ASP F 89 30.61 -23.24 -11.84
N SER F 90 29.96 -22.11 -11.58
CA SER F 90 28.51 -22.03 -11.68
C SER F 90 28.02 -21.97 -13.12
N ARG F 91 28.88 -21.59 -14.06
CA ARG F 91 28.52 -21.53 -15.47
C ARG F 91 28.91 -22.79 -16.23
N ARG F 92 29.90 -23.55 -15.74
CA ARG F 92 30.39 -24.77 -16.35
C ARG F 92 29.88 -25.99 -15.61
N PRO F 93 29.70 -27.11 -16.30
CA PRO F 93 29.30 -28.35 -15.62
C PRO F 93 30.38 -28.85 -14.68
N THR F 94 30.04 -29.91 -13.94
CA THR F 94 30.97 -30.48 -12.99
C THR F 94 32.16 -31.09 -13.73
N ASN F 95 33.37 -30.70 -13.31
CA ASN F 95 34.60 -31.19 -13.92
C ASN F 95 35.02 -32.48 -13.22
N TRP F 96 34.82 -33.61 -13.90
CA TRP F 96 35.24 -34.91 -13.39
C TRP F 96 36.70 -35.21 -13.70
N VAL F 97 37.41 -34.30 -14.36
CA VAL F 97 38.82 -34.45 -14.64
C VAL F 97 39.54 -33.22 -14.08
N PHE F 98 40.54 -33.46 -13.24
CA PHE F 98 41.28 -32.35 -12.65
C PHE F 98 42.03 -31.58 -13.72
N GLY F 99 42.24 -30.29 -13.48
CA GLY F 99 43.02 -29.50 -14.39
C GLY F 99 44.45 -29.99 -14.49
N GLU F 100 45.05 -29.80 -15.66
CA GLU F 100 46.42 -30.24 -15.89
C GLU F 100 47.37 -29.57 -14.91
N GLY F 101 48.10 -30.38 -14.17
CA GLY F 101 48.90 -29.89 -13.06
C GLY F 101 50.08 -29.03 -13.49
N THR F 102 50.79 -28.53 -12.49
CA THR F 102 51.97 -27.70 -12.69
C THR F 102 52.99 -28.07 -11.62
N THR F 103 54.17 -28.50 -12.05
CA THR F 103 55.20 -28.98 -11.14
C THR F 103 56.04 -27.81 -10.63
N LEU F 104 56.21 -27.76 -9.30
CA LEU F 104 57.03 -26.73 -8.68
C LEU F 104 58.48 -27.20 -8.61
N ILE F 105 59.40 -26.37 -9.09
CA ILE F 105 60.82 -26.68 -9.11
C ILE F 105 61.53 -25.78 -8.10
N VAL F 106 62.23 -26.39 -7.16
CA VAL F 106 62.98 -25.66 -6.14
C VAL F 106 64.41 -25.56 -6.63
N LEU F 107 64.85 -24.33 -6.91
CA LEU F 107 66.20 -24.10 -7.44
C LEU F 107 67.24 -24.12 -6.33
N SER F 108 68.40 -23.52 -6.59
CA SER F 108 69.51 -23.44 -5.65
C SER F 108 70.04 -24.80 -5.24
N GLN F 109 69.76 -25.84 -6.02
CA GLN F 109 70.32 -27.17 -5.83
C GLN F 109 71.33 -27.41 -6.95
N PRO F 110 72.59 -27.03 -6.78
CA PRO F 110 73.53 -27.05 -7.90
C PRO F 110 73.89 -28.44 -8.40
N LYS F 111 74.37 -29.31 -7.51
CA LYS F 111 74.87 -30.60 -7.94
C LYS F 111 74.86 -31.57 -6.77
N ALA F 112 74.64 -32.84 -7.09
CA ALA F 112 74.73 -33.93 -6.12
C ALA F 112 75.54 -35.07 -6.73
N ALA F 113 76.26 -35.78 -5.87
CA ALA F 113 77.17 -36.83 -6.35
C ALA F 113 76.45 -38.18 -6.34
N PRO F 114 76.44 -38.90 -7.46
CA PRO F 114 75.76 -40.20 -7.50
C PRO F 114 76.53 -41.25 -6.71
N SER F 115 75.79 -42.04 -5.93
CA SER F 115 76.37 -43.13 -5.14
C SER F 115 76.12 -44.43 -5.90
N VAL F 116 76.99 -44.72 -6.85
CA VAL F 116 76.85 -45.89 -7.70
C VAL F 116 77.30 -47.13 -6.95
N THR F 117 76.75 -48.28 -7.35
CA THR F 117 77.11 -49.56 -6.74
C THR F 117 76.92 -50.65 -7.77
N LEU F 118 77.95 -51.46 -8.00
CA LEU F 118 77.94 -52.52 -8.99
C LEU F 118 77.90 -53.88 -8.29
N PHE F 119 77.06 -54.78 -8.80
CA PHE F 119 76.90 -56.10 -8.24
C PHE F 119 77.13 -57.16 -9.32
N PRO F 120 77.95 -58.16 -9.06
CA PRO F 120 78.09 -59.28 -10.00
C PRO F 120 76.90 -60.22 -9.90
N PRO F 121 76.72 -61.12 -10.87
CA PRO F 121 75.60 -62.06 -10.78
C PRO F 121 75.76 -63.02 -9.62
N SER F 122 74.62 -63.49 -9.11
CA SER F 122 74.61 -64.36 -7.95
C SER F 122 75.05 -65.77 -8.32
N SER F 123 75.47 -66.53 -7.31
CA SER F 123 75.86 -67.91 -7.52
C SER F 123 74.64 -68.79 -7.80
N GLU F 124 73.46 -68.40 -7.31
CA GLU F 124 72.25 -69.17 -7.55
C GLU F 124 71.73 -68.98 -8.96
N GLU F 125 71.93 -67.80 -9.55
CA GLU F 125 71.45 -67.53 -10.90
C GLU F 125 72.32 -68.22 -11.96
N LEU F 126 73.62 -68.35 -11.69
CA LEU F 126 74.50 -69.00 -12.66
C LEU F 126 74.12 -70.46 -12.88
N GLN F 127 73.62 -71.14 -11.83
CA GLN F 127 73.15 -72.51 -12.00
C GLN F 127 71.88 -72.59 -12.82
N ALA F 128 71.17 -71.47 -12.98
CA ALA F 128 70.00 -71.41 -13.84
C ALA F 128 70.33 -71.03 -15.28
N ASN F 129 71.61 -71.11 -15.67
CA ASN F 129 72.06 -70.83 -17.02
C ASN F 129 71.72 -69.38 -17.43
N LYS F 130 71.85 -68.46 -16.48
CA LYS F 130 71.59 -67.05 -16.73
C LYS F 130 72.56 -66.20 -15.92
N ALA F 131 72.82 -64.99 -16.42
CA ALA F 131 73.72 -64.06 -15.77
C ALA F 131 73.28 -62.64 -16.11
N THR F 132 73.37 -61.74 -15.12
CA THR F 132 72.93 -60.36 -15.32
C THR F 132 73.66 -59.48 -14.32
N LEU F 133 74.25 -58.39 -14.83
CA LEU F 133 74.90 -57.39 -13.99
C LEU F 133 73.90 -56.32 -13.58
N VAL F 134 74.09 -55.80 -12.37
CA VAL F 134 73.21 -54.77 -11.80
C VAL F 134 74.07 -53.59 -11.38
N CYS F 135 73.65 -52.40 -11.79
CA CYS F 135 74.36 -51.16 -11.46
C CYS F 135 73.35 -50.17 -10.88
N LEU F 136 73.41 -49.95 -9.58
CA LEU F 136 72.44 -49.12 -8.87
C LEU F 136 73.01 -47.71 -8.70
N ILE F 137 72.20 -46.71 -9.04
CA ILE F 137 72.59 -45.30 -8.96
C ILE F 137 71.51 -44.56 -8.19
N SER F 138 71.90 -43.87 -7.12
CA SER F 138 70.95 -43.13 -6.30
C SER F 138 71.63 -41.89 -5.73
N ASP F 139 70.81 -41.01 -5.15
CA ASP F 139 71.28 -39.80 -4.48
C ASP F 139 72.05 -38.89 -5.43
N PHE F 140 71.47 -38.65 -6.61
CA PHE F 140 72.09 -37.80 -7.61
C PHE F 140 71.08 -36.78 -8.12
N TYR F 141 71.54 -35.55 -8.33
CA TYR F 141 70.71 -34.45 -8.79
C TYR F 141 71.56 -33.58 -9.73
N PRO F 142 71.03 -33.21 -10.90
CA PRO F 142 69.70 -33.59 -11.39
C PRO F 142 69.69 -34.98 -12.04
N GLY F 143 68.51 -35.57 -12.16
CA GLY F 143 68.38 -36.89 -12.73
C GLY F 143 68.62 -36.94 -14.22
N ALA F 144 69.89 -36.90 -14.62
CA ALA F 144 70.26 -36.96 -16.04
C ALA F 144 71.58 -37.72 -16.13
N VAL F 145 71.48 -39.03 -16.40
CA VAL F 145 72.66 -39.89 -16.47
C VAL F 145 72.54 -40.80 -17.70
N THR F 146 73.68 -41.24 -18.19
CA THR F 146 73.75 -42.18 -19.31
C THR F 146 74.77 -43.26 -18.98
N VAL F 147 74.35 -44.52 -19.07
CA VAL F 147 75.17 -45.65 -18.69
C VAL F 147 75.86 -46.21 -19.92
N ALA F 148 77.11 -46.67 -19.75
CA ALA F 148 77.88 -47.27 -20.83
C ALA F 148 78.70 -48.41 -20.23
N TRP F 149 78.23 -49.65 -20.42
CA TRP F 149 78.95 -50.80 -19.90
C TRP F 149 80.24 -51.02 -20.67
N LYS F 150 81.16 -51.75 -20.04
CA LYS F 150 82.49 -51.98 -20.60
C LYS F 150 82.88 -53.44 -20.39
N ALA F 151 83.17 -54.13 -21.48
CA ALA F 151 83.78 -55.46 -21.42
C ALA F 151 85.29 -55.27 -21.54
N ASP F 152 86.00 -55.47 -20.43
CA ASP F 152 87.42 -55.12 -20.32
C ASP F 152 87.62 -53.65 -20.64
N SER F 153 88.01 -53.35 -21.88
CA SER F 153 88.12 -51.98 -22.35
C SER F 153 87.23 -51.69 -23.55
N SER F 154 86.39 -52.64 -23.96
CA SER F 154 85.49 -52.48 -25.09
C SER F 154 84.04 -52.39 -24.60
N PRO F 155 83.25 -51.47 -25.14
CA PRO F 155 81.87 -51.32 -24.66
C PRO F 155 80.98 -52.46 -25.15
N VAL F 156 79.91 -52.69 -24.41
CA VAL F 156 78.92 -53.71 -24.73
C VAL F 156 77.71 -53.03 -25.36
N LYS F 157 77.27 -53.56 -26.50
CA LYS F 157 76.17 -52.95 -27.24
C LYS F 157 74.82 -53.40 -26.70
N ALA F 158 74.30 -54.51 -27.20
CA ALA F 158 72.97 -54.96 -26.82
C ALA F 158 72.99 -55.56 -25.41
N GLY F 159 71.80 -55.93 -24.93
CA GLY F 159 71.65 -56.50 -23.61
C GLY F 159 71.62 -55.50 -22.48
N VAL F 160 71.67 -54.21 -22.78
CA VAL F 160 71.70 -53.17 -21.74
C VAL F 160 70.28 -52.73 -21.45
N GLU F 161 69.85 -52.90 -20.20
CA GLU F 161 68.53 -52.47 -19.73
C GLU F 161 68.73 -51.41 -18.66
N THR F 162 68.22 -50.21 -18.91
CA THR F 162 68.41 -49.07 -18.02
C THR F 162 67.08 -48.40 -17.73
N THR F 163 66.87 -48.06 -16.46
CA THR F 163 65.67 -47.36 -16.05
C THR F 163 65.81 -45.86 -16.29
N THR F 164 64.67 -45.17 -16.24
CA THR F 164 64.70 -43.72 -16.33
C THR F 164 64.75 -43.09 -14.94
N PRO F 165 65.43 -41.95 -14.79
CA PRO F 165 65.55 -41.34 -13.47
C PRO F 165 64.20 -40.98 -12.87
N SER F 166 64.14 -41.00 -11.54
CA SER F 166 62.91 -40.70 -10.82
C SER F 166 63.26 -40.32 -9.39
N LYS F 167 62.82 -39.15 -8.96
CA LYS F 167 63.12 -38.67 -7.62
C LYS F 167 62.22 -39.34 -6.59
N GLN F 168 62.68 -39.35 -5.33
CA GLN F 168 62.00 -40.03 -4.23
C GLN F 168 61.84 -39.07 -3.06
N SER F 169 60.93 -38.10 -3.21
CA SER F 169 60.59 -37.15 -2.16
C SER F 169 61.81 -36.40 -1.63
N ASN F 170 62.79 -36.16 -2.49
CA ASN F 170 64.04 -35.52 -2.11
C ASN F 170 64.77 -35.16 -3.40
N ASN F 171 65.98 -34.62 -3.24
CA ASN F 171 66.85 -34.44 -4.40
C ASN F 171 67.41 -35.77 -4.91
N LYS F 172 67.17 -36.86 -4.19
CA LYS F 172 67.66 -38.17 -4.58
C LYS F 172 66.82 -38.73 -5.71
N TYR F 173 67.47 -39.02 -6.84
CA TYR F 173 66.83 -39.72 -7.95
C TYR F 173 67.28 -41.18 -7.94
N ALA F 174 66.68 -41.97 -8.83
CA ALA F 174 66.94 -43.40 -8.89
C ALA F 174 67.12 -43.85 -10.33
N ALA F 175 68.18 -44.63 -10.57
CA ALA F 175 68.45 -45.16 -11.90
C ALA F 175 69.17 -46.49 -11.74
N SER F 176 68.67 -47.52 -12.43
CA SER F 176 69.24 -48.86 -12.36
C SER F 176 69.53 -49.36 -13.76
N SER F 177 70.76 -49.81 -13.98
CA SER F 177 71.20 -50.34 -15.27
C SER F 177 71.45 -51.83 -15.15
N TYR F 178 71.03 -52.57 -16.17
CA TYR F 178 71.17 -54.03 -16.20
C TYR F 178 71.86 -54.45 -17.49
N LEU F 179 72.69 -55.48 -17.40
CA LEU F 179 73.41 -56.02 -18.55
C LEU F 179 73.24 -57.54 -18.54
N SER F 180 72.53 -58.06 -19.54
CA SER F 180 72.26 -59.49 -19.64
C SER F 180 73.38 -60.17 -20.40
N LEU F 181 74.00 -61.17 -19.78
CA LEU F 181 75.08 -61.94 -20.38
C LEU F 181 74.81 -63.42 -20.20
N THR F 182 75.75 -64.24 -20.66
CA THR F 182 75.68 -65.68 -20.51
C THR F 182 76.70 -66.16 -19.49
N PRO F 183 76.47 -67.32 -18.84
CA PRO F 183 77.48 -67.83 -17.91
C PRO F 183 78.85 -68.04 -18.54
N GLU F 184 78.90 -68.27 -19.86
CA GLU F 184 80.18 -68.36 -20.55
C GLU F 184 80.76 -66.99 -20.84
N GLN F 185 79.91 -65.97 -20.96
CA GLN F 185 80.40 -64.61 -21.21
C GLN F 185 81.08 -64.02 -19.97
N TRP F 186 80.60 -64.38 -18.78
CA TRP F 186 81.15 -63.81 -17.55
C TRP F 186 82.57 -64.29 -17.29
N LYS F 187 82.78 -65.61 -17.35
CA LYS F 187 84.11 -66.16 -17.13
C LYS F 187 85.06 -65.87 -18.29
N SER F 188 84.57 -65.29 -19.38
CA SER F 188 85.43 -65.00 -20.53
C SER F 188 86.29 -63.77 -20.26
N HIS F 189 85.68 -62.59 -20.24
CA HIS F 189 86.42 -61.36 -20.02
C HIS F 189 86.96 -61.29 -18.60
N LYS F 190 87.95 -60.41 -18.40
CA LYS F 190 88.62 -60.27 -17.12
C LYS F 190 87.87 -59.36 -16.15
N SER F 191 87.28 -58.27 -16.63
CA SER F 191 86.58 -57.35 -15.76
C SER F 191 85.50 -56.61 -16.55
N TYR F 192 84.42 -56.25 -15.86
CA TYR F 192 83.32 -55.48 -16.42
C TYR F 192 83.15 -54.19 -15.64
N SER F 193 82.85 -53.11 -16.35
CA SER F 193 82.74 -51.79 -15.75
C SER F 193 81.35 -51.20 -16.02
N CYS F 194 80.91 -50.34 -15.10
CA CYS F 194 79.67 -49.59 -15.24
C CYS F 194 80.03 -48.10 -15.21
N GLN F 195 80.14 -47.49 -16.38
CA GLN F 195 80.48 -46.06 -16.49
C GLN F 195 79.19 -45.26 -16.59
N VAL F 196 78.91 -44.47 -15.56
CA VAL F 196 77.72 -43.63 -15.51
C VAL F 196 78.17 -42.18 -15.43
N THR F 197 77.76 -41.38 -16.42
CA THR F 197 78.15 -39.98 -16.49
C THR F 197 77.11 -39.11 -15.80
N HIS F 198 77.57 -38.20 -14.94
CA HIS F 198 76.68 -37.28 -14.25
C HIS F 198 76.52 -36.01 -15.07
N GLU F 199 76.68 -34.84 -14.41
CA GLU F 199 76.58 -33.58 -15.13
C GLU F 199 77.80 -33.36 -16.02
N GLY F 200 78.99 -33.49 -15.44
CA GLY F 200 80.22 -33.35 -16.21
C GLY F 200 81.25 -34.39 -15.84
N SER F 201 80.93 -35.21 -14.83
CA SER F 201 81.85 -36.22 -14.32
C SER F 201 81.47 -37.59 -14.87
N THR F 202 82.34 -38.57 -14.57
CA THR F 202 82.12 -39.94 -15.00
C THR F 202 82.67 -40.87 -13.93
N VAL F 203 81.79 -41.57 -13.23
CA VAL F 203 82.16 -42.51 -12.19
C VAL F 203 82.16 -43.91 -12.78
N GLU F 204 83.13 -44.73 -12.39
CA GLU F 204 83.30 -46.07 -12.94
C GLU F 204 83.66 -47.04 -11.83
N LYS F 205 82.92 -48.15 -11.75
CA LYS F 205 83.21 -49.24 -10.83
C LYS F 205 83.37 -50.53 -11.62
N THR F 206 84.34 -51.35 -11.22
CA THR F 206 84.65 -52.60 -11.90
C THR F 206 84.33 -53.78 -11.01
N VAL F 207 84.39 -54.97 -11.60
CA VAL F 207 84.14 -56.22 -10.88
C VAL F 207 84.88 -57.34 -11.61
N ALA F 208 85.46 -58.25 -10.85
CA ALA F 208 86.22 -59.36 -11.41
C ALA F 208 85.73 -60.68 -10.84
N PRO F 209 85.72 -61.74 -11.64
CA PRO F 209 85.28 -63.05 -11.14
C PRO F 209 86.28 -63.63 -10.16
N THR F 210 85.88 -64.75 -9.56
CA THR F 210 86.73 -65.45 -8.60
C THR F 210 86.94 -66.90 -9.02
#